data_4A8K
#
_entry.id   4A8K
#
_cell.length_a   106.530
_cell.length_b   93.028
_cell.length_c   140.860
_cell.angle_alpha   90.00
_cell.angle_beta   101.36
_cell.angle_gamma   90.00
#
_symmetry.space_group_name_H-M   'P 1 21 1'
#
loop_
_entity.id
_entity.type
_entity.pdbx_description
1 polymer 'RNA-DIRECTED RNA POLYMERASE'
2 polymer "5'-D(*AP*AP*TP*CP)-3'"
3 polymer "5'-D(*TP*CP)-3'"
4 non-polymer 'MAGNESIUM ION'
5 non-polymer "GUANOSINE-5'-TRIPHOSPHATE"
#
loop_
_entity_poly.entity_id
_entity_poly.type
_entity_poly.pdbx_seq_one_letter_code
_entity_poly.pdbx_strand_id
1 'polypeptide(L)'
;MPRRAPAFPLSDIKAQMLFANNIKAQQASKRSFKEGAIETYEGLLSVDPRFLSFKNELSRYLTDHFPANVDEYGRVYGNG
VRTNFFGMRHMNGFPMIPATWPLASNLKKRADADLADGPVSERDNLLFRAAVRLMFSDLEPVPLKIRKGSSTCIPYFSND
MGTKIEIAERALEKAEEAGNLMLQGKFDDAYQLHQMGGAYYVVYRAQSTDAITLDPKTGKFVSKDRMVADFEYAVTGGEQ
GSLFAASKDASRLKEQYGIDVPDGFFCERRRTAMGGPFALNAPIMAVAQPVRNKIYSKYAYTFHHTTRLNKEEKVKEWSL
CVATDVSDHDTFWPGWLRDLICDELLNMGYAPWWVKLFETSLKLPVYVGAPAPEQGHTLLGDPSNPDLEVGLSSGQGATD
LMGTLLMSITYLVMQLDHTAPHLNSRIKDMPSACRFLDSYWQGHEEIRQISKSDDAMLGWTKGRALVGGHRLFEMLKEGK
VNPSPYMKISYEHGGAFLGDILLYDSRREPGSAIFVGNINSMLNNQFSPEYGVQSGVRDRSKRKRPFPGLAWASMKDTYG
ACPIYSDVLEAIERCWWNAFGESYRAYREDMLKRDTLELSRYVASMARQAGLAELTPIDLEVLADPNKLQYKWTEADVSA
NIHEVLMHGVSVEKTERFLRSVMPR
;
A,B,C
2 'polydeoxyribonucleotide' (DA)(DA)(DT)(DC) E
3 'polydeoxyribonucleotide' (DT)(DC) F
#
# COMPACT_ATOMS: atom_id res chain seq x y z
N PRO A 2 20.85 0.40 24.77
CA PRO A 2 21.05 -1.02 24.44
C PRO A 2 21.54 -1.23 23.02
N ARG A 3 22.73 -0.63 22.73
CA ARG A 3 23.51 -0.64 21.49
C ARG A 3 23.05 0.31 20.37
N ARG A 4 23.62 1.52 20.32
CA ARG A 4 23.29 2.41 19.22
C ARG A 4 24.12 1.97 18.02
N ALA A 5 23.57 2.14 16.82
CA ALA A 5 24.26 1.81 15.59
C ALA A 5 25.29 2.90 15.33
N PRO A 6 26.51 2.56 14.83
CA PRO A 6 27.47 3.63 14.48
C PRO A 6 26.97 4.41 13.26
N ALA A 7 27.22 5.72 13.24
CA ALA A 7 26.81 6.55 12.12
C ALA A 7 28.01 7.36 11.63
N PHE A 8 28.17 7.44 10.31
CA PHE A 8 29.29 8.11 9.69
C PHE A 8 28.82 9.16 8.71
N PRO A 9 29.33 10.41 8.80
CA PRO A 9 28.93 11.42 7.81
C PRO A 9 29.56 11.08 6.46
N LEU A 10 29.02 11.67 5.37
CA LEU A 10 29.55 11.45 4.03
C LEU A 10 31.07 11.72 3.92
N SER A 11 31.57 12.75 4.64
CA SER A 11 32.99 13.10 4.66
C SER A 11 33.90 11.95 5.17
N ASP A 12 33.37 11.06 6.03
CA ASP A 12 34.12 9.94 6.59
C ASP A 12 34.55 8.97 5.49
N ILE A 13 35.75 8.40 5.61
CA ILE A 13 36.30 7.42 4.65
C ILE A 13 35.35 6.22 4.43
N LYS A 14 34.67 5.76 5.51
CA LYS A 14 33.72 4.63 5.42
C LYS A 14 32.56 4.93 4.48
N ALA A 15 32.09 6.20 4.44
CA ALA A 15 31.02 6.62 3.54
C ALA A 15 31.60 6.90 2.15
N GLN A 16 32.78 7.52 2.08
CA GLN A 16 33.43 7.84 0.80
C GLN A 16 33.71 6.59 -0.04
N MET A 17 34.10 5.48 0.63
CA MET A 17 34.38 4.18 -0.01
C MET A 17 33.16 3.57 -0.73
N LEU A 18 31.95 4.03 -0.40
CA LEU A 18 30.71 3.55 -1.00
C LEU A 18 30.49 4.14 -2.39
N PHE A 19 31.24 5.17 -2.76
CA PHE A 19 30.99 5.85 -4.02
C PHE A 19 32.24 5.89 -4.87
N ALA A 20 32.17 5.23 -6.04
CA ALA A 20 33.25 5.14 -7.01
C ALA A 20 33.64 6.52 -7.57
N ASN A 21 34.86 6.63 -8.10
CA ASN A 21 35.38 7.88 -8.66
C ASN A 21 34.83 8.19 -10.06
N ASN A 22 33.49 8.38 -10.13
CA ASN A 22 32.75 8.75 -11.33
C ASN A 22 31.64 9.71 -10.95
N ILE A 23 31.23 10.57 -11.89
CA ILE A 23 30.21 11.59 -11.69
C ILE A 23 28.87 11.08 -11.15
N LYS A 24 28.36 9.99 -11.72
CA LYS A 24 27.08 9.42 -11.26
C LYS A 24 27.09 9.02 -9.78
N ALA A 25 28.15 8.27 -9.37
CA ALA A 25 28.28 7.81 -7.98
C ALA A 25 28.48 8.98 -7.03
N GLN A 26 29.32 9.97 -7.44
CA GLN A 26 29.58 11.17 -6.62
C GLN A 26 28.31 12.00 -6.47
N GLN A 27 27.52 12.16 -7.54
CA GLN A 27 26.23 12.89 -7.50
C GLN A 27 25.23 12.16 -6.60
N ALA A 28 25.24 10.81 -6.60
CA ALA A 28 24.34 10.04 -5.76
C ALA A 28 24.67 10.25 -4.29
N SER A 29 25.97 10.32 -3.95
CA SER A 29 26.42 10.52 -2.57
C SER A 29 25.92 11.85 -2.00
N LYS A 30 26.01 12.91 -2.83
CA LYS A 30 25.71 14.29 -2.49
C LYS A 30 24.30 14.75 -2.74
N ARG A 31 23.50 14.01 -3.53
CA ARG A 31 22.12 14.39 -3.91
C ARG A 31 21.34 15.04 -2.77
N SER A 32 21.02 16.33 -2.93
CA SER A 32 20.27 17.08 -1.90
C SER A 32 18.77 16.82 -2.08
N PHE A 33 17.95 17.16 -1.05
CA PHE A 33 16.51 17.00 -1.10
C PHE A 33 15.98 17.73 -2.32
N LYS A 34 15.19 17.03 -3.13
CA LYS A 34 14.60 17.54 -4.37
C LYS A 34 13.10 17.30 -4.37
N GLU A 35 12.37 18.26 -4.92
CA GLU A 35 10.90 18.17 -5.07
C GLU A 35 10.47 19.00 -6.26
N GLY A 36 9.30 18.66 -6.82
CA GLY A 36 8.75 19.33 -7.98
C GLY A 36 7.60 18.58 -8.57
N ALA A 37 6.72 19.28 -9.31
CA ALA A 37 5.55 18.69 -9.94
C ALA A 37 5.96 17.65 -10.95
N ILE A 38 5.28 16.50 -10.98
CA ILE A 38 5.60 15.46 -11.95
C ILE A 38 4.86 15.76 -13.24
N GLU A 39 5.42 15.31 -14.36
CA GLU A 39 4.76 15.47 -15.66
C GLU A 39 3.84 14.23 -15.74
N THR A 40 2.61 14.39 -15.20
CA THR A 40 1.59 13.32 -15.12
C THR A 40 1.43 12.59 -16.45
N TYR A 41 1.29 13.38 -17.54
CA TYR A 41 1.23 12.95 -18.93
C TYR A 41 1.99 13.97 -19.71
N GLU A 42 2.39 13.66 -20.96
CA GLU A 42 3.15 14.58 -21.80
C GLU A 42 2.44 15.94 -21.86
N GLY A 43 3.16 16.98 -21.45
CA GLY A 43 2.65 18.34 -21.43
C GLY A 43 1.60 18.67 -20.37
N LEU A 44 1.49 17.84 -19.31
CA LEU A 44 0.54 18.09 -18.22
C LEU A 44 1.22 17.88 -16.89
N LEU A 45 1.28 18.93 -16.05
CA LEU A 45 1.86 18.83 -14.71
C LEU A 45 0.80 18.44 -13.68
N SER A 46 1.22 17.70 -12.64
CA SER A 46 0.33 17.26 -11.56
C SER A 46 -0.31 18.45 -10.82
N VAL A 47 0.30 19.65 -10.91
CA VAL A 47 -0.18 20.86 -10.23
C VAL A 47 -0.90 21.85 -11.16
N ASP A 48 -1.13 21.43 -12.42
CA ASP A 48 -1.86 22.25 -13.40
C ASP A 48 -3.22 22.63 -12.77
N PRO A 49 -3.60 23.93 -12.74
CA PRO A 49 -4.87 24.31 -12.11
C PRO A 49 -6.12 23.59 -12.62
N ARG A 50 -6.18 23.28 -13.94
CA ARG A 50 -7.32 22.54 -14.52
C ARG A 50 -7.35 21.12 -13.97
N PHE A 51 -6.16 20.48 -13.83
CA PHE A 51 -6.03 19.12 -13.32
C PHE A 51 -6.45 19.01 -11.87
N LEU A 52 -6.04 19.98 -11.02
CA LEU A 52 -6.42 20.00 -9.61
C LEU A 52 -7.92 20.26 -9.46
N SER A 53 -8.50 21.12 -10.32
CA SER A 53 -9.93 21.43 -10.31
C SER A 53 -10.72 20.15 -10.65
N PHE A 54 -10.23 19.38 -11.66
CA PHE A 54 -10.78 18.09 -12.09
C PHE A 54 -10.80 17.11 -10.92
N LYS A 55 -9.64 16.96 -10.23
CA LYS A 55 -9.49 16.09 -9.07
C LYS A 55 -10.42 16.49 -7.94
N ASN A 56 -10.58 17.81 -7.70
CA ASN A 56 -11.48 18.26 -6.65
C ASN A 56 -12.91 17.84 -6.98
N GLU A 57 -13.40 18.17 -8.20
CA GLU A 57 -14.77 17.82 -8.61
C GLU A 57 -15.02 16.30 -8.59
N LEU A 58 -14.12 15.52 -9.22
CA LEU A 58 -14.26 14.07 -9.32
C LEU A 58 -14.23 13.34 -7.98
N SER A 59 -13.24 13.68 -7.11
CA SER A 59 -13.15 13.02 -5.79
C SER A 59 -14.41 13.27 -4.96
N ARG A 60 -14.94 14.51 -4.98
CA ARG A 60 -16.13 14.90 -4.24
C ARG A 60 -17.37 14.19 -4.78
N TYR A 61 -17.54 14.17 -6.12
CA TYR A 61 -18.68 13.54 -6.79
C TYR A 61 -18.75 12.03 -6.52
N LEU A 62 -17.63 11.32 -6.75
CA LEU A 62 -17.57 9.88 -6.58
C LEU A 62 -17.81 9.47 -5.13
N THR A 63 -17.23 10.19 -4.15
CA THR A 63 -17.45 9.88 -2.73
C THR A 63 -18.94 10.04 -2.38
N ASP A 64 -19.54 11.12 -2.90
CA ASP A 64 -20.95 11.45 -2.68
C ASP A 64 -21.89 10.40 -3.22
N HIS A 65 -21.74 10.03 -4.50
CA HIS A 65 -22.61 9.09 -5.19
C HIS A 65 -22.28 7.63 -4.96
N PHE A 66 -21.01 7.32 -4.61
CA PHE A 66 -20.61 5.94 -4.39
C PHE A 66 -19.96 5.75 -3.03
N PRO A 67 -20.77 5.82 -1.95
CA PRO A 67 -20.19 5.59 -0.62
C PRO A 67 -19.76 4.14 -0.46
N ALA A 68 -18.78 3.89 0.43
CA ALA A 68 -18.25 2.55 0.68
C ALA A 68 -19.33 1.54 1.10
N ASN A 69 -19.25 0.32 0.54
CA ASN A 69 -20.13 -0.82 0.84
C ASN A 69 -19.26 -1.94 1.42
N VAL A 70 -18.91 -1.81 2.70
CA VAL A 70 -18.09 -2.77 3.44
C VAL A 70 -18.84 -3.13 4.72
N ASP A 71 -19.12 -4.42 4.93
CA ASP A 71 -19.84 -4.86 6.13
C ASP A 71 -18.99 -4.86 7.42
N GLU A 72 -19.62 -5.28 8.54
CA GLU A 72 -19.06 -5.38 9.91
C GLU A 72 -17.82 -6.28 9.97
N TYR A 73 -17.70 -7.23 9.02
CA TYR A 73 -16.61 -8.20 8.90
C TYR A 73 -15.58 -7.81 7.82
N GLY A 74 -15.64 -6.56 7.36
CA GLY A 74 -14.74 -6.06 6.34
C GLY A 74 -14.95 -6.66 4.97
N ARG A 75 -16.13 -7.24 4.71
CA ARG A 75 -16.41 -7.83 3.40
C ARG A 75 -17.02 -6.77 2.49
N VAL A 76 -16.48 -6.64 1.27
CA VAL A 76 -17.01 -5.70 0.28
C VAL A 76 -18.24 -6.33 -0.40
N TYR A 77 -19.30 -5.52 -0.60
CA TYR A 77 -20.52 -5.91 -1.30
C TYR A 77 -20.98 -4.74 -2.21
N GLY A 78 -22.18 -4.89 -2.79
CA GLY A 78 -22.84 -3.88 -3.61
C GLY A 78 -22.03 -3.22 -4.69
N ASN A 79 -21.73 -1.91 -4.53
CA ASN A 79 -20.97 -1.10 -5.50
C ASN A 79 -19.47 -1.45 -5.68
N GLY A 80 -18.91 -2.25 -4.77
CA GLY A 80 -17.51 -2.64 -4.81
C GLY A 80 -16.53 -1.58 -4.33
N VAL A 81 -17.03 -0.56 -3.60
CA VAL A 81 -16.27 0.57 -3.08
C VAL A 81 -15.92 0.32 -1.61
N ARG A 82 -14.64 0.54 -1.24
CA ARG A 82 -14.18 0.36 0.15
C ARG A 82 -13.84 1.62 0.93
N THR A 83 -13.62 2.77 0.24
CA THR A 83 -13.35 4.05 0.89
C THR A 83 -13.82 5.20 0.05
N ASN A 84 -13.62 6.41 0.56
CA ASN A 84 -13.88 7.63 -0.17
C ASN A 84 -12.87 7.70 -1.34
N PHE A 85 -13.02 8.70 -2.21
CA PHE A 85 -12.16 8.84 -3.39
C PHE A 85 -11.18 10.01 -3.23
N PHE A 86 -11.02 10.50 -1.98
CA PHE A 86 -10.16 11.65 -1.66
C PHE A 86 -8.66 11.38 -1.73
N GLY A 87 -8.26 10.12 -1.84
CA GLY A 87 -6.87 9.71 -1.94
C GLY A 87 -6.11 10.36 -3.08
N MET A 88 -6.83 10.78 -4.15
CA MET A 88 -6.24 11.45 -5.32
C MET A 88 -5.82 12.90 -5.05
N ARG A 89 -6.24 13.47 -3.92
CA ARG A 89 -6.00 14.88 -3.60
C ARG A 89 -4.59 15.20 -3.10
N HIS A 90 -3.56 14.81 -3.86
CA HIS A 90 -2.18 15.15 -3.48
C HIS A 90 -1.48 15.94 -4.57
N MET A 91 -0.51 16.76 -4.18
CA MET A 91 0.32 17.58 -5.06
C MET A 91 1.47 16.66 -5.46
N ASN A 92 1.23 15.76 -6.44
CA ASN A 92 2.20 14.75 -6.86
C ASN A 92 3.56 15.31 -7.24
N GLY A 93 4.59 14.78 -6.57
CA GLY A 93 5.96 15.21 -6.74
C GLY A 93 6.48 16.02 -5.57
N PHE A 94 5.55 16.44 -4.65
CA PHE A 94 5.90 17.19 -3.45
C PHE A 94 5.69 16.30 -2.23
N PRO A 95 6.78 15.89 -1.56
CA PRO A 95 6.64 14.96 -0.44
C PRO A 95 6.29 15.59 0.89
N MET A 96 5.82 14.74 1.82
CA MET A 96 5.62 15.11 3.21
C MET A 96 7.04 15.38 3.78
N ILE A 97 7.16 16.26 4.77
CA ILE A 97 8.45 16.60 5.37
C ILE A 97 8.41 16.42 6.91
N PRO A 98 9.35 15.65 7.50
CA PRO A 98 10.43 14.91 6.84
C PRO A 98 10.01 13.48 6.51
N ALA A 99 10.84 12.74 5.75
CA ALA A 99 10.62 11.33 5.52
C ALA A 99 11.31 10.63 6.70
N THR A 100 11.00 9.36 6.95
CA THR A 100 11.59 8.66 8.08
C THR A 100 13.07 8.31 7.90
N TRP A 101 13.79 8.25 9.02
CA TRP A 101 15.14 7.74 9.06
C TRP A 101 14.91 6.23 9.26
N PRO A 102 15.51 5.34 8.45
CA PRO A 102 15.26 3.90 8.61
C PRO A 102 15.85 3.37 9.91
N LEU A 103 15.05 2.56 10.62
CA LEU A 103 15.44 1.94 11.89
C LEU A 103 16.60 0.99 11.69
N ALA A 104 17.74 1.24 12.38
CA ALA A 104 18.94 0.39 12.30
C ALA A 104 18.73 -0.96 12.96
N SER A 105 17.81 -1.04 13.95
CA SER A 105 17.48 -2.28 14.65
C SER A 105 15.99 -2.33 14.95
N ASN A 106 15.34 -3.44 14.59
CA ASN A 106 13.92 -3.61 14.85
C ASN A 106 13.68 -4.55 16.04
N LEU A 107 14.74 -4.90 16.80
CA LEU A 107 14.61 -5.82 17.93
C LEU A 107 13.68 -5.31 19.03
N LYS A 108 13.83 -4.02 19.42
CA LYS A 108 12.99 -3.37 20.42
C LYS A 108 11.58 -3.18 19.88
N LYS A 109 11.46 -2.77 18.59
CA LYS A 109 10.17 -2.58 17.90
C LYS A 109 9.32 -3.85 18.01
N ARG A 110 9.93 -5.03 17.70
CA ARG A 110 9.28 -6.35 17.77
C ARG A 110 8.92 -6.73 19.22
N ALA A 111 9.89 -6.58 20.15
CA ALA A 111 9.72 -6.90 21.57
C ALA A 111 8.57 -6.09 22.18
N ASP A 112 8.54 -4.77 21.91
CA ASP A 112 7.49 -3.88 22.40
C ASP A 112 6.12 -4.18 21.82
N ALA A 113 6.07 -4.77 20.61
CA ALA A 113 4.81 -5.16 19.96
C ALA A 113 4.39 -6.57 20.42
N ASP A 114 5.16 -7.17 21.35
CA ASP A 114 4.97 -8.52 21.90
C ASP A 114 5.04 -9.60 20.84
N LEU A 115 6.05 -9.48 19.97
CA LEU A 115 6.31 -10.42 18.89
C LEU A 115 7.53 -11.25 19.27
N ALA A 116 7.51 -12.54 18.93
CA ALA A 116 8.53 -13.53 19.27
C ALA A 116 9.90 -13.30 18.67
N ASP A 117 10.97 -13.63 19.43
CA ASP A 117 12.37 -13.51 19.03
C ASP A 117 12.95 -14.82 18.48
N GLY A 118 12.06 -15.71 18.10
CA GLY A 118 12.39 -17.00 17.53
C GLY A 118 11.14 -17.85 17.43
N PRO A 119 11.21 -19.04 16.78
CA PRO A 119 10.02 -19.91 16.71
C PRO A 119 9.57 -20.27 18.12
N VAL A 120 8.26 -20.15 18.37
CA VAL A 120 7.66 -20.37 19.69
C VAL A 120 7.75 -21.81 20.14
N SER A 121 7.41 -22.74 19.23
CA SER A 121 7.41 -24.18 19.48
C SER A 121 8.29 -24.91 18.48
N GLU A 122 8.54 -26.20 18.76
CA GLU A 122 9.33 -27.03 17.85
C GLU A 122 8.59 -27.23 16.53
N ARG A 123 7.24 -27.34 16.57
CA ARG A 123 6.41 -27.47 15.38
C ARG A 123 6.69 -26.31 14.44
N ASP A 124 6.60 -25.07 14.96
CA ASP A 124 6.87 -23.85 14.19
C ASP A 124 8.28 -23.84 13.62
N ASN A 125 9.28 -24.27 14.42
CA ASN A 125 10.66 -24.39 13.98
C ASN A 125 10.76 -25.36 12.79
N LEU A 126 10.07 -26.52 12.87
CA LEU A 126 10.07 -27.51 11.79
C LEU A 126 9.42 -26.94 10.53
N LEU A 127 8.33 -26.17 10.69
CA LEU A 127 7.59 -25.60 9.56
C LEU A 127 8.37 -24.54 8.80
N PHE A 128 9.07 -23.63 9.53
CA PHE A 128 9.90 -22.61 8.91
C PHE A 128 11.04 -23.28 8.15
N ARG A 129 11.65 -24.31 8.77
CA ARG A 129 12.72 -25.10 8.15
C ARG A 129 12.22 -25.93 6.94
N ALA A 130 10.99 -26.49 7.02
CA ALA A 130 10.39 -27.24 5.92
C ALA A 130 10.17 -26.30 4.73
N ALA A 131 9.77 -25.02 4.99
CA ALA A 131 9.58 -24.01 3.96
C ALA A 131 10.86 -23.79 3.16
N VAL A 132 12.02 -23.74 3.85
CA VAL A 132 13.34 -23.61 3.23
C VAL A 132 13.65 -24.84 2.35
N ARG A 133 13.42 -26.06 2.89
CA ARG A 133 13.67 -27.31 2.19
C ARG A 133 12.82 -27.42 0.94
N LEU A 134 11.55 -27.03 1.01
CA LEU A 134 10.66 -27.09 -0.15
C LEU A 134 10.96 -26.02 -1.20
N MET A 135 11.29 -24.81 -0.76
CA MET A 135 11.57 -23.72 -1.68
C MET A 135 12.92 -23.81 -2.38
N PHE A 136 13.96 -24.27 -1.69
CA PHE A 136 15.33 -24.28 -2.20
C PHE A 136 15.91 -25.61 -2.68
N SER A 137 15.10 -26.69 -2.76
CA SER A 137 15.64 -28.01 -3.11
C SER A 137 16.09 -28.33 -4.55
N ASP A 138 15.17 -28.76 -5.43
CA ASP A 138 15.50 -29.19 -6.79
C ASP A 138 15.26 -28.08 -7.81
N LEU A 139 16.14 -27.08 -7.78
CA LEU A 139 16.08 -25.89 -8.65
C LEU A 139 16.74 -26.11 -10.00
N GLU A 140 16.21 -25.44 -11.04
CA GLU A 140 16.75 -25.49 -12.40
C GLU A 140 17.33 -24.13 -12.78
N PRO A 141 18.56 -24.11 -13.34
CA PRO A 141 19.18 -22.82 -13.72
C PRO A 141 18.47 -22.11 -14.85
N VAL A 142 18.39 -20.77 -14.74
CA VAL A 142 17.75 -19.88 -15.70
C VAL A 142 18.65 -18.66 -15.93
N PRO A 143 18.49 -17.89 -17.05
CA PRO A 143 19.32 -16.68 -17.21
C PRO A 143 19.01 -15.67 -16.10
N LEU A 144 20.03 -14.89 -15.69
CA LEU A 144 19.89 -13.86 -14.69
C LEU A 144 19.33 -12.65 -15.44
N LYS A 145 18.04 -12.32 -15.20
CA LYS A 145 17.41 -11.19 -15.88
C LYS A 145 17.57 -9.91 -15.10
N ILE A 146 17.90 -8.83 -15.82
CA ILE A 146 18.17 -7.50 -15.29
C ILE A 146 17.21 -6.50 -15.92
N ARG A 147 16.54 -5.67 -15.09
CA ARG A 147 15.63 -4.63 -15.56
C ARG A 147 16.44 -3.54 -16.28
N LYS A 148 16.02 -3.19 -17.50
CA LYS A 148 16.70 -2.15 -18.27
C LYS A 148 16.57 -0.80 -17.56
N GLY A 149 17.67 -0.07 -17.50
CA GLY A 149 17.69 1.23 -16.84
C GLY A 149 17.80 1.22 -15.32
N SER A 150 17.77 0.02 -14.70
CA SER A 150 17.96 -0.13 -13.25
C SER A 150 19.41 0.25 -12.88
N SER A 151 19.63 0.71 -11.63
CA SER A 151 20.98 1.12 -11.19
C SER A 151 21.75 -0.03 -10.59
N THR A 152 23.09 0.04 -10.63
CA THR A 152 23.93 -0.95 -9.97
C THR A 152 24.17 -0.49 -8.54
N CYS A 153 23.75 0.74 -8.22
CA CYS A 153 23.91 1.39 -6.92
C CYS A 153 25.35 1.31 -6.42
N ILE A 154 25.57 1.05 -5.11
CA ILE A 154 26.93 1.04 -4.56
C ILE A 154 27.85 -0.04 -5.15
N PRO A 155 29.06 0.35 -5.66
CA PRO A 155 29.63 1.70 -5.66
C PRO A 155 29.56 2.52 -6.95
N TYR A 156 29.25 1.87 -8.10
CA TYR A 156 29.32 2.49 -9.43
C TYR A 156 28.18 3.35 -9.90
N PHE A 157 26.94 3.04 -9.46
CA PHE A 157 25.74 3.78 -9.86
C PHE A 157 25.59 3.84 -11.37
N SER A 158 25.83 2.70 -12.04
CA SER A 158 25.71 2.58 -13.49
C SER A 158 24.29 2.19 -13.87
N ASN A 159 23.79 2.74 -15.00
CA ASN A 159 22.45 2.44 -15.53
C ASN A 159 22.58 1.80 -16.92
N ASP A 160 23.83 1.58 -17.39
CA ASP A 160 24.15 0.98 -18.69
C ASP A 160 24.10 -0.53 -18.65
N MET A 161 23.29 -1.12 -19.55
CA MET A 161 23.11 -2.57 -19.63
C MET A 161 24.39 -3.37 -19.85
N GLY A 162 25.27 -2.90 -20.73
CA GLY A 162 26.53 -3.58 -20.99
C GLY A 162 27.40 -3.67 -19.75
N THR A 163 27.50 -2.56 -19.00
CA THR A 163 28.27 -2.44 -17.76
C THR A 163 27.67 -3.37 -16.71
N LYS A 164 26.32 -3.37 -16.62
CA LYS A 164 25.55 -4.18 -15.68
C LYS A 164 25.76 -5.67 -15.95
N ILE A 165 25.75 -6.09 -17.24
CA ILE A 165 26.00 -7.48 -17.64
C ILE A 165 27.43 -7.90 -17.22
N GLU A 166 28.44 -7.04 -17.48
CA GLU A 166 29.84 -7.29 -17.10
C GLU A 166 29.96 -7.47 -15.59
N ILE A 167 29.35 -6.54 -14.81
CA ILE A 167 29.35 -6.58 -13.34
C ILE A 167 28.75 -7.89 -12.85
N ALA A 168 27.57 -8.27 -13.39
CA ALA A 168 26.85 -9.48 -13.02
C ALA A 168 27.63 -10.74 -13.34
N GLU A 169 28.25 -10.82 -14.53
CA GLU A 169 29.05 -11.98 -14.92
C GLU A 169 30.25 -12.15 -14.01
N ARG A 170 30.96 -11.01 -13.75
CA ARG A 170 32.12 -10.96 -12.86
C ARG A 170 31.72 -11.38 -11.43
N ALA A 171 30.56 -10.92 -10.96
CA ALA A 171 30.04 -11.25 -9.63
C ALA A 171 29.78 -12.76 -9.51
N LEU A 172 29.22 -13.39 -10.56
CA LEU A 172 28.99 -14.84 -10.54
C LEU A 172 30.32 -15.61 -10.53
N GLU A 173 31.34 -15.04 -11.20
CA GLU A 173 32.67 -15.65 -11.27
C GLU A 173 33.41 -15.55 -9.95
N LYS A 174 33.27 -14.41 -9.25
CA LYS A 174 33.99 -14.11 -8.01
C LYS A 174 33.23 -14.24 -6.69
N ALA A 175 31.95 -14.66 -6.73
CA ALA A 175 31.09 -14.82 -5.53
C ALA A 175 31.71 -15.77 -4.50
N GLU A 176 32.29 -16.89 -4.96
CA GLU A 176 32.92 -17.89 -4.09
C GLU A 176 34.08 -17.31 -3.29
N GLU A 177 34.98 -16.61 -3.98
CA GLU A 177 36.14 -15.97 -3.36
C GLU A 177 35.68 -14.91 -2.35
N ALA A 178 34.64 -14.11 -2.71
CA ALA A 178 34.10 -13.06 -1.85
C ALA A 178 33.42 -13.64 -0.61
N GLY A 179 32.60 -14.67 -0.79
CA GLY A 179 31.91 -15.34 0.31
C GLY A 179 32.88 -15.92 1.32
N ASN A 180 33.97 -16.55 0.82
CA ASN A 180 35.02 -17.12 1.66
C ASN A 180 35.76 -16.06 2.45
N LEU A 181 35.96 -14.86 1.85
CA LEU A 181 36.61 -13.74 2.56
C LEU A 181 35.71 -13.30 3.71
N MET A 182 34.39 -13.20 3.47
CA MET A 182 33.42 -12.82 4.50
C MET A 182 33.40 -13.86 5.63
N LEU A 183 33.55 -15.16 5.29
CA LEU A 183 33.58 -16.25 6.28
C LEU A 183 34.78 -16.07 7.21
N GLN A 184 35.84 -15.41 6.71
CA GLN A 184 37.05 -15.11 7.49
C GLN A 184 36.94 -13.75 8.19
N GLY A 185 35.79 -13.10 8.08
CA GLY A 185 35.56 -11.78 8.68
C GLY A 185 36.21 -10.67 7.89
N LYS A 186 36.65 -10.95 6.65
CA LYS A 186 37.29 -9.95 5.79
C LYS A 186 36.29 -9.27 4.86
N PHE A 187 35.30 -8.54 5.45
CA PHE A 187 34.24 -7.83 4.72
C PHE A 187 34.78 -6.70 3.86
N ASP A 188 35.75 -5.92 4.40
CA ASP A 188 36.36 -4.82 3.66
C ASP A 188 37.09 -5.34 2.43
N ASP A 189 37.78 -6.49 2.55
CA ASP A 189 38.47 -7.13 1.43
C ASP A 189 37.48 -7.60 0.36
N ALA A 190 36.38 -8.25 0.76
CA ALA A 190 35.36 -8.74 -0.17
C ALA A 190 34.76 -7.57 -0.95
N TYR A 191 34.54 -6.44 -0.25
CA TYR A 191 33.99 -5.23 -0.85
C TYR A 191 34.99 -4.55 -1.78
N GLN A 192 36.22 -4.36 -1.30
CA GLN A 192 37.27 -3.72 -2.09
C GLN A 192 37.64 -4.49 -3.34
N LEU A 193 37.68 -5.83 -3.25
CA LEU A 193 38.02 -6.65 -4.40
C LEU A 193 36.86 -6.91 -5.34
N HIS A 194 35.67 -7.20 -4.79
CA HIS A 194 34.55 -7.62 -5.62
C HIS A 194 33.26 -6.82 -5.50
N GLN A 195 33.30 -5.67 -4.76
CA GLN A 195 32.18 -4.75 -4.57
C GLN A 195 30.96 -5.44 -3.92
N MET A 196 31.22 -6.51 -3.14
CA MET A 196 30.21 -7.28 -2.43
C MET A 196 30.24 -6.87 -0.97
N GLY A 197 29.30 -6.01 -0.61
CA GLY A 197 29.19 -5.43 0.72
C GLY A 197 28.90 -3.96 0.62
N GLY A 198 29.44 -3.18 1.55
CA GLY A 198 29.23 -1.74 1.57
C GLY A 198 27.92 -1.38 2.27
N ALA A 199 26.89 -0.98 1.50
CA ALA A 199 25.61 -0.59 2.07
C ALA A 199 24.49 -0.55 1.04
N TYR A 200 23.26 -0.44 1.55
CA TYR A 200 22.07 -0.19 0.74
C TYR A 200 22.03 1.32 0.57
N TYR A 201 21.55 1.79 -0.58
CA TYR A 201 21.43 3.22 -0.83
C TYR A 201 19.95 3.58 -0.68
N VAL A 202 19.64 4.46 0.29
CA VAL A 202 18.26 4.82 0.59
C VAL A 202 17.70 5.88 -0.34
N VAL A 203 16.66 5.50 -1.10
CA VAL A 203 15.91 6.42 -1.96
C VAL A 203 14.50 6.54 -1.39
N TYR A 204 13.92 7.72 -1.42
CA TYR A 204 12.57 7.84 -0.91
C TYR A 204 11.58 7.90 -2.05
N ARG A 205 10.66 6.94 -2.10
CA ARG A 205 9.68 6.84 -3.18
C ARG A 205 8.32 7.33 -2.74
N ALA A 206 7.57 7.92 -3.67
CA ALA A 206 6.22 8.41 -3.38
C ALA A 206 5.19 7.28 -3.32
N GLN A 207 4.25 7.39 -2.37
CA GLN A 207 3.05 6.59 -2.27
C GLN A 207 2.05 7.70 -2.59
N SER A 208 1.76 7.83 -3.90
CA SER A 208 0.98 8.91 -4.52
C SER A 208 -0.40 9.20 -3.97
N THR A 209 -1.04 8.19 -3.42
CA THR A 209 -2.35 8.28 -2.81
C THR A 209 -2.23 7.73 -1.40
N ASP A 210 -2.83 8.41 -0.46
CA ASP A 210 -2.90 8.02 0.95
C ASP A 210 -4.21 8.55 1.48
N ALA A 211 -4.71 7.97 2.58
CA ALA A 211 -5.99 8.33 3.20
C ALA A 211 -6.18 9.79 3.53
N ILE A 212 -7.33 10.32 3.12
CA ILE A 212 -7.80 11.68 3.38
C ILE A 212 -9.29 11.54 3.72
N THR A 213 -9.75 12.28 4.73
CA THR A 213 -11.16 12.28 5.11
C THR A 213 -11.69 13.70 5.08
N LEU A 214 -13.01 13.86 4.89
CA LEU A 214 -13.64 15.16 4.89
C LEU A 214 -14.41 15.25 6.20
N ASP A 215 -14.01 16.18 7.09
CA ASP A 215 -14.67 16.37 8.38
C ASP A 215 -16.03 17.07 8.14
N PRO A 216 -17.16 16.37 8.38
CA PRO A 216 -18.47 17.01 8.11
C PRO A 216 -18.75 18.24 8.99
N LYS A 217 -18.25 18.22 10.24
CA LYS A 217 -18.38 19.31 11.22
C LYS A 217 -17.78 20.63 10.71
N THR A 218 -16.57 20.57 10.13
CA THR A 218 -15.87 21.75 9.63
C THR A 218 -15.88 21.97 8.11
N GLY A 219 -16.12 20.91 7.33
CA GLY A 219 -16.10 20.98 5.87
C GLY A 219 -14.67 21.03 5.36
N LYS A 220 -13.68 20.77 6.24
CA LYS A 220 -12.24 20.76 5.94
C LYS A 220 -11.71 19.34 5.81
N PHE A 221 -10.73 19.14 4.91
CA PHE A 221 -10.13 17.82 4.69
C PHE A 221 -9.02 17.57 5.70
N VAL A 222 -8.85 16.31 6.11
CA VAL A 222 -7.83 15.86 7.08
C VAL A 222 -7.02 14.71 6.45
N SER A 223 -5.69 14.89 6.33
CA SER A 223 -4.82 13.85 5.78
C SER A 223 -4.38 12.90 6.88
N LYS A 224 -4.24 11.59 6.55
CA LYS A 224 -3.79 10.57 7.51
C LYS A 224 -2.38 10.90 7.99
N ASP A 225 -2.17 10.98 9.31
CA ASP A 225 -0.86 11.26 9.90
C ASP A 225 0.06 10.07 9.67
N ARG A 226 1.26 10.33 9.17
CA ARG A 226 2.24 9.29 8.92
C ARG A 226 3.44 9.52 9.83
N MET A 227 3.66 8.58 10.76
CA MET A 227 4.73 8.65 11.77
C MET A 227 6.09 8.41 11.18
N VAL A 228 7.03 9.28 11.56
CA VAL A 228 8.42 9.21 11.10
C VAL A 228 9.39 9.24 12.28
N ALA A 229 10.52 8.53 12.15
CA ALA A 229 11.55 8.49 13.17
C ALA A 229 12.62 9.50 12.83
N ASP A 230 13.10 10.25 13.83
CA ASP A 230 14.19 11.18 13.61
C ASP A 230 15.48 10.36 13.67
N PHE A 231 16.64 10.98 13.37
CA PHE A 231 17.93 10.28 13.38
C PHE A 231 18.19 9.50 14.70
N GLU A 232 18.00 10.18 15.84
CA GLU A 232 18.23 9.59 17.16
C GLU A 232 17.42 8.34 17.38
N TYR A 233 16.13 8.38 17.00
CA TYR A 233 15.24 7.24 17.15
C TYR A 233 15.71 6.05 16.30
N ALA A 234 16.10 6.30 15.03
CA ALA A 234 16.55 5.29 14.08
C ALA A 234 17.81 4.54 14.51
N VAL A 235 18.84 5.27 15.01
CA VAL A 235 20.11 4.68 15.45
C VAL A 235 20.01 3.90 16.75
N THR A 236 19.10 4.30 17.64
CA THR A 236 18.86 3.68 18.95
C THR A 236 17.74 2.63 18.91
N GLY A 237 17.17 2.36 17.73
CA GLY A 237 16.06 1.42 17.57
C GLY A 237 14.83 1.84 18.37
N GLY A 238 14.68 3.14 18.60
CA GLY A 238 13.56 3.69 19.35
C GLY A 238 13.80 3.94 20.82
N GLU A 239 14.98 3.55 21.36
CA GLU A 239 15.34 3.77 22.76
C GLU A 239 15.35 5.26 23.09
N GLN A 240 15.92 6.06 22.20
CA GLN A 240 16.01 7.50 22.34
C GLN A 240 15.36 8.17 21.12
N GLY A 241 15.41 9.49 21.06
CA GLY A 241 14.81 10.25 19.98
C GLY A 241 13.30 10.21 19.94
N SER A 242 12.72 10.68 18.82
CA SER A 242 11.27 10.73 18.70
C SER A 242 10.65 10.20 17.42
N LEU A 243 9.41 9.72 17.56
CA LEU A 243 8.54 9.23 16.52
C LEU A 243 7.41 10.27 16.49
N PHE A 244 7.25 10.95 15.35
CA PHE A 244 6.29 12.04 15.23
C PHE A 244 5.62 12.07 13.84
N ALA A 245 4.48 12.77 13.72
CA ALA A 245 3.76 12.88 12.46
C ALA A 245 4.48 13.81 11.50
N ALA A 246 4.73 13.34 10.26
CA ALA A 246 5.37 14.18 9.23
C ALA A 246 4.36 15.24 8.78
N SER A 247 4.85 16.37 8.22
CA SER A 247 3.95 17.42 7.74
C SER A 247 3.55 17.21 6.27
N LYS A 248 2.25 16.97 6.02
CA LYS A 248 1.68 16.79 4.69
C LYS A 248 1.07 18.11 4.18
N ASP A 249 1.10 19.16 5.01
CA ASP A 249 0.57 20.47 4.67
C ASP A 249 1.29 21.04 3.44
N ALA A 250 0.51 21.34 2.38
CA ALA A 250 1.01 21.84 1.10
C ALA A 250 0.99 23.37 0.95
N SER A 251 0.55 24.11 1.98
CA SER A 251 0.48 25.59 2.00
C SER A 251 1.80 26.21 1.55
N ARG A 252 2.91 25.62 2.02
CA ARG A 252 4.30 26.02 1.75
C ARG A 252 4.63 26.21 0.26
N LEU A 253 3.98 25.44 -0.62
CA LEU A 253 4.20 25.46 -2.08
C LEU A 253 3.87 26.80 -2.74
N LYS A 254 2.92 27.54 -2.15
CA LYS A 254 2.56 28.87 -2.66
C LYS A 254 3.73 29.83 -2.42
N GLU A 255 4.24 29.88 -1.18
CA GLU A 255 5.34 30.72 -0.77
C GLU A 255 6.65 30.33 -1.47
N GLN A 256 7.01 29.04 -1.43
CA GLN A 256 8.26 28.54 -2.00
C GLN A 256 8.32 28.52 -3.51
N TYR A 257 7.23 28.12 -4.18
CA TYR A 257 7.26 27.92 -5.63
C TYR A 257 6.28 28.74 -6.45
N GLY A 258 5.36 29.43 -5.80
CA GLY A 258 4.32 30.22 -6.49
C GLY A 258 3.24 29.34 -7.07
N ILE A 259 3.02 28.17 -6.46
CA ILE A 259 2.02 27.20 -6.91
C ILE A 259 0.74 27.42 -6.13
N ASP A 260 -0.40 27.59 -6.84
CA ASP A 260 -1.69 27.74 -6.17
C ASP A 260 -2.09 26.37 -5.60
N VAL A 261 -2.36 26.34 -4.29
CA VAL A 261 -2.75 25.13 -3.59
C VAL A 261 -4.25 25.21 -3.29
N PRO A 262 -5.10 24.40 -3.98
CA PRO A 262 -6.54 24.42 -3.65
C PRO A 262 -6.74 23.79 -2.28
N ASP A 263 -7.87 24.10 -1.63
CA ASP A 263 -8.22 23.56 -0.33
C ASP A 263 -8.30 22.04 -0.41
N GLY A 264 -7.77 21.40 0.63
CA GLY A 264 -7.80 19.95 0.77
C GLY A 264 -6.90 19.16 -0.15
N PHE A 265 -5.76 19.75 -0.54
CA PHE A 265 -4.71 19.10 -1.32
C PHE A 265 -3.47 19.03 -0.46
N PHE A 266 -2.81 17.87 -0.43
CA PHE A 266 -1.69 17.61 0.47
C PHE A 266 -0.44 17.12 -0.22
N CYS A 267 0.69 17.15 0.53
CA CYS A 267 1.96 16.61 0.08
C CYS A 267 1.84 15.10 0.19
N GLU A 268 2.58 14.39 -0.65
CA GLU A 268 2.53 12.94 -0.72
C GLU A 268 3.24 12.22 0.38
N ARG A 269 2.72 11.05 0.74
CA ARG A 269 3.39 10.16 1.65
C ARG A 269 4.67 9.70 0.93
N ARG A 270 5.76 9.58 1.69
CA ARG A 270 7.03 9.09 1.18
C ARG A 270 7.45 7.86 1.95
N ARG A 271 7.88 6.83 1.22
CA ARG A 271 8.31 5.55 1.79
C ARG A 271 9.79 5.33 1.53
N THR A 272 10.49 4.68 2.47
CA THR A 272 11.91 4.37 2.24
C THR A 272 11.96 3.22 1.25
N ALA A 273 12.91 3.28 0.34
CA ALA A 273 13.16 2.23 -0.62
C ALA A 273 14.66 2.15 -0.67
N MET A 274 15.22 0.95 -0.77
CA MET A 274 16.66 0.78 -0.74
C MET A 274 17.16 0.05 -1.96
N GLY A 275 18.25 0.53 -2.52
CA GLY A 275 18.91 -0.07 -3.67
C GLY A 275 20.13 -0.84 -3.20
N GLY A 276 20.18 -2.12 -3.53
CA GLY A 276 21.29 -2.96 -3.12
C GLY A 276 22.55 -2.83 -3.94
N PRO A 277 23.71 -3.18 -3.35
CA PRO A 277 24.96 -3.17 -4.14
C PRO A 277 24.87 -4.34 -5.14
N PHE A 278 24.78 -4.01 -6.44
CA PHE A 278 24.56 -5.00 -7.49
C PHE A 278 25.46 -6.23 -7.51
N ALA A 279 26.76 -6.07 -7.24
CA ALA A 279 27.67 -7.20 -7.24
C ALA A 279 27.28 -8.24 -6.18
N LEU A 280 26.72 -7.79 -5.04
CA LEU A 280 26.23 -8.70 -3.98
C LEU A 280 24.87 -9.29 -4.38
N ASN A 281 24.00 -8.49 -4.99
CA ASN A 281 22.69 -8.95 -5.43
C ASN A 281 22.70 -10.00 -6.54
N ALA A 282 23.59 -9.84 -7.57
CA ALA A 282 23.68 -10.77 -8.70
C ALA A 282 23.74 -12.27 -8.26
N PRO A 283 24.70 -12.72 -7.40
CA PRO A 283 24.69 -14.13 -6.96
C PRO A 283 23.45 -14.57 -6.19
N ILE A 284 22.74 -13.63 -5.53
CA ILE A 284 21.51 -13.92 -4.79
C ILE A 284 20.35 -14.10 -5.77
N MET A 285 20.24 -13.19 -6.76
CA MET A 285 19.22 -13.23 -7.80
C MET A 285 19.28 -14.54 -8.61
N ALA A 286 20.52 -15.02 -8.90
CA ALA A 286 20.79 -16.25 -9.64
C ALA A 286 20.19 -17.49 -8.98
N VAL A 287 19.94 -17.45 -7.66
CA VAL A 287 19.30 -18.52 -6.90
C VAL A 287 17.81 -18.18 -6.72
N ALA A 288 17.51 -16.90 -6.40
CA ALA A 288 16.13 -16.44 -6.18
C ALA A 288 15.18 -16.73 -7.34
N GLN A 289 15.61 -16.44 -8.59
CA GLN A 289 14.76 -16.70 -9.76
C GLN A 289 14.40 -18.18 -9.89
N PRO A 290 15.38 -19.13 -9.88
CA PRO A 290 15.01 -20.56 -9.88
C PRO A 290 14.00 -20.97 -8.77
N VAL A 291 14.10 -20.34 -7.56
CA VAL A 291 13.19 -20.58 -6.42
C VAL A 291 11.77 -20.15 -6.79
N ARG A 292 11.61 -18.93 -7.38
CA ARG A 292 10.31 -18.40 -7.83
C ARG A 292 9.71 -19.35 -8.84
N ASN A 293 10.51 -19.82 -9.82
CA ASN A 293 10.03 -20.75 -10.84
C ASN A 293 9.49 -22.04 -10.22
N LYS A 294 10.16 -22.56 -9.16
CA LYS A 294 9.70 -23.74 -8.45
C LYS A 294 8.39 -23.49 -7.70
N ILE A 295 8.35 -22.46 -6.84
CA ILE A 295 7.15 -22.14 -6.07
C ILE A 295 5.94 -21.75 -6.92
N TYR A 296 6.17 -21.08 -8.07
CA TYR A 296 5.07 -20.69 -8.95
C TYR A 296 4.58 -21.85 -9.83
N SER A 297 5.35 -22.97 -9.90
CA SER A 297 4.95 -24.15 -10.67
C SER A 297 4.43 -25.25 -9.72
N LYS A 298 5.30 -25.87 -8.90
CA LYS A 298 4.90 -26.92 -7.97
C LYS A 298 3.88 -26.43 -6.94
N TYR A 299 4.06 -25.20 -6.43
CA TYR A 299 3.14 -24.67 -5.43
C TYR A 299 2.29 -23.53 -5.93
N ALA A 300 1.92 -23.60 -7.23
CA ALA A 300 1.11 -22.59 -7.94
C ALA A 300 -0.17 -22.26 -7.21
N TYR A 301 -0.78 -23.24 -6.53
CA TYR A 301 -2.03 -23.02 -5.80
C TYR A 301 -1.89 -21.87 -4.81
N THR A 302 -0.88 -21.96 -3.94
CA THR A 302 -0.67 -20.97 -2.90
C THR A 302 -0.02 -19.70 -3.43
N PHE A 303 0.95 -19.86 -4.35
CA PHE A 303 1.84 -18.78 -4.80
C PHE A 303 1.68 -18.13 -6.17
N HIS A 304 1.12 -18.84 -7.16
CA HIS A 304 0.99 -18.26 -8.50
C HIS A 304 -0.38 -17.64 -8.78
N HIS A 305 -0.40 -16.30 -8.80
CA HIS A 305 -1.62 -15.49 -8.98
C HIS A 305 -1.52 -14.61 -10.21
N THR A 306 -2.48 -14.78 -11.13
CA THR A 306 -2.53 -14.05 -12.40
C THR A 306 -3.78 -13.17 -12.51
N THR A 307 -4.89 -13.75 -12.98
CA THR A 307 -6.13 -13.03 -13.22
C THR A 307 -7.09 -13.12 -12.07
N ARG A 308 -8.14 -12.27 -12.11
CA ARG A 308 -9.23 -12.27 -11.12
C ARG A 308 -9.97 -13.61 -11.11
N LEU A 309 -10.09 -14.27 -12.30
CA LEU A 309 -10.75 -15.57 -12.45
C LEU A 309 -9.88 -16.71 -11.91
N ASN A 310 -8.56 -16.61 -12.10
CA ASN A 310 -7.57 -17.56 -11.58
C ASN A 310 -7.70 -17.62 -10.04
N LYS A 311 -7.83 -16.44 -9.38
CA LYS A 311 -8.00 -16.30 -7.92
C LYS A 311 -9.38 -16.82 -7.51
N GLU A 312 -10.42 -16.46 -8.29
CA GLU A 312 -11.82 -16.82 -8.06
C GLU A 312 -12.05 -18.32 -8.00
N GLU A 313 -11.46 -19.08 -8.94
CA GLU A 313 -11.60 -20.54 -9.01
C GLU A 313 -11.23 -21.25 -7.71
N LYS A 314 -10.16 -20.76 -7.03
CA LYS A 314 -9.67 -21.32 -5.78
C LYS A 314 -10.60 -20.97 -4.62
N VAL A 315 -10.86 -19.65 -4.44
CA VAL A 315 -11.69 -19.08 -3.38
C VAL A 315 -13.14 -19.59 -3.38
N LYS A 316 -13.75 -19.78 -4.58
CA LYS A 316 -15.13 -20.27 -4.72
C LYS A 316 -15.36 -21.63 -4.07
N GLU A 317 -14.31 -22.47 -4.00
CA GLU A 317 -14.37 -23.80 -3.40
C GLU A 317 -14.34 -23.78 -1.86
N TRP A 318 -14.01 -22.63 -1.27
CA TRP A 318 -13.89 -22.48 0.17
C TRP A 318 -15.21 -22.22 0.84
N SER A 319 -15.36 -22.70 2.09
CA SER A 319 -16.55 -22.46 2.87
C SER A 319 -16.41 -21.12 3.63
N LEU A 320 -15.15 -20.73 3.92
CA LEU A 320 -14.80 -19.48 4.60
C LEU A 320 -13.53 -18.89 4.02
N CYS A 321 -13.53 -17.58 3.81
CA CYS A 321 -12.38 -16.86 3.27
C CYS A 321 -12.06 -15.70 4.23
N VAL A 322 -10.84 -15.68 4.78
CA VAL A 322 -10.46 -14.62 5.71
C VAL A 322 -9.34 -13.79 5.06
N ALA A 323 -9.61 -12.51 4.75
CA ALA A 323 -8.65 -11.59 4.14
C ALA A 323 -7.86 -10.88 5.25
N THR A 324 -6.58 -11.23 5.38
CA THR A 324 -5.72 -10.70 6.43
C THR A 324 -4.97 -9.43 6.01
N ASP A 325 -4.50 -8.70 7.04
CA ASP A 325 -3.72 -7.48 6.95
C ASP A 325 -2.55 -7.59 7.93
N VAL A 326 -1.34 -7.21 7.47
CA VAL A 326 -0.12 -7.24 8.29
C VAL A 326 0.35 -5.81 8.47
N SER A 327 0.62 -5.42 9.72
CA SER A 327 1.11 -4.10 10.02
C SER A 327 2.60 -4.01 9.71
N ASP A 328 3.00 -3.03 8.87
CA ASP A 328 4.37 -2.68 8.53
C ASP A 328 5.29 -3.89 8.37
N HIS A 329 4.97 -4.78 7.42
CA HIS A 329 5.70 -6.02 7.19
C HIS A 329 7.23 -5.91 7.14
N ASP A 330 7.77 -5.10 6.21
CA ASP A 330 9.20 -5.01 5.99
C ASP A 330 10.01 -4.56 7.20
N THR A 331 9.52 -3.58 7.96
CA THR A 331 10.22 -3.08 9.15
C THR A 331 10.16 -4.07 10.33
N PHE A 332 9.08 -4.88 10.41
CA PHE A 332 8.90 -5.90 11.45
C PHE A 332 9.52 -7.28 11.10
N TRP A 333 9.92 -7.49 9.83
CA TRP A 333 10.49 -8.76 9.37
C TRP A 333 11.64 -9.20 10.29
N PRO A 334 11.60 -10.43 10.86
CA PRO A 334 12.61 -10.82 11.85
C PRO A 334 13.97 -11.35 11.38
N GLY A 335 15.03 -10.80 11.95
CA GLY A 335 16.40 -11.23 11.69
C GLY A 335 16.64 -12.67 12.10
N TRP A 336 15.88 -13.18 13.10
CA TRP A 336 16.02 -14.57 13.48
C TRP A 336 15.60 -15.50 12.34
N LEU A 337 14.68 -15.03 11.46
CA LEU A 337 14.29 -15.83 10.30
C LEU A 337 15.42 -15.90 9.26
N ARG A 338 16.15 -14.79 9.05
CA ARG A 338 17.32 -14.77 8.17
C ARG A 338 18.30 -15.87 8.67
N ASP A 339 18.58 -15.88 9.99
CA ASP A 339 19.51 -16.82 10.60
C ASP A 339 19.03 -18.27 10.52
N LEU A 340 17.72 -18.50 10.71
CA LEU A 340 17.12 -19.83 10.60
C LEU A 340 17.24 -20.31 9.14
N ILE A 341 16.91 -19.45 8.16
CA ILE A 341 16.99 -19.79 6.73
C ILE A 341 18.43 -20.18 6.39
N CYS A 342 19.39 -19.35 6.79
CA CYS A 342 20.82 -19.58 6.55
C CYS A 342 21.29 -20.91 7.13
N ASP A 343 20.89 -21.18 8.38
CA ASP A 343 21.23 -22.42 9.08
C ASP A 343 20.68 -23.62 8.34
N GLU A 344 19.41 -23.53 7.89
CA GLU A 344 18.78 -24.63 7.16
C GLU A 344 19.39 -24.90 5.80
N LEU A 345 19.76 -23.84 5.06
CA LEU A 345 20.43 -23.96 3.76
C LEU A 345 21.77 -24.68 3.95
N LEU A 346 22.51 -24.35 5.03
CA LEU A 346 23.77 -25.01 5.34
C LEU A 346 23.54 -26.49 5.56
N ASN A 347 22.49 -26.87 6.34
CA ASN A 347 22.08 -28.26 6.62
C ASN A 347 21.72 -29.02 5.34
N MET A 348 21.12 -28.32 4.35
CA MET A 348 20.73 -28.90 3.06
C MET A 348 21.94 -29.20 2.18
N GLY A 349 23.06 -28.55 2.46
CA GLY A 349 24.30 -28.71 1.70
C GLY A 349 24.64 -27.59 0.75
N TYR A 350 24.00 -26.41 0.92
CA TYR A 350 24.28 -25.22 0.10
C TYR A 350 25.70 -24.74 0.42
N ALA A 351 26.45 -24.25 -0.60
CA ALA A 351 27.80 -23.72 -0.45
C ALA A 351 27.86 -22.70 0.70
N PRO A 352 28.71 -22.91 1.75
CA PRO A 352 28.75 -21.96 2.88
C PRO A 352 29.07 -20.53 2.48
N TRP A 353 29.93 -20.35 1.44
CA TRP A 353 30.28 -19.04 0.93
C TRP A 353 29.05 -18.31 0.38
N TRP A 354 28.11 -19.05 -0.28
CA TRP A 354 26.89 -18.46 -0.83
C TRP A 354 25.97 -18.05 0.28
N VAL A 355 25.78 -18.93 1.28
CA VAL A 355 24.93 -18.67 2.43
C VAL A 355 25.44 -17.40 3.15
N LYS A 356 26.78 -17.23 3.25
CA LYS A 356 27.38 -16.08 3.90
C LYS A 356 27.05 -14.79 3.16
N LEU A 357 27.05 -14.83 1.81
CA LEU A 357 26.71 -13.67 0.98
C LEU A 357 25.26 -13.30 1.23
N PHE A 358 24.39 -14.32 1.27
CA PHE A 358 22.95 -14.18 1.54
C PHE A 358 22.68 -13.60 2.93
N GLU A 359 23.35 -14.16 3.95
CA GLU A 359 23.25 -13.67 5.33
C GLU A 359 23.66 -12.20 5.39
N THR A 360 24.83 -11.87 4.80
CA THR A 360 25.38 -10.52 4.80
C THR A 360 24.44 -9.51 4.15
N SER A 361 23.72 -9.91 3.07
CA SER A 361 22.78 -9.05 2.35
C SER A 361 21.63 -8.60 3.26
N LEU A 362 21.37 -9.36 4.32
CA LEU A 362 20.30 -9.07 5.27
C LEU A 362 20.80 -8.49 6.62
N LYS A 363 22.04 -7.99 6.66
CA LYS A 363 22.66 -7.36 7.84
C LYS A 363 23.38 -6.08 7.45
N LEU A 364 23.32 -5.74 6.18
CA LEU A 364 24.07 -4.63 5.62
C LEU A 364 23.72 -3.24 6.14
N PRO A 365 24.76 -2.38 6.31
CA PRO A 365 24.52 -0.96 6.62
C PRO A 365 23.65 -0.25 5.57
N VAL A 366 23.13 0.95 5.92
CA VAL A 366 22.28 1.74 5.02
C VAL A 366 22.79 3.17 4.88
N TYR A 367 22.90 3.65 3.64
CA TYR A 367 23.32 5.02 3.40
C TYR A 367 22.07 5.86 3.18
N VAL A 368 21.81 6.79 4.10
CA VAL A 368 20.65 7.67 4.06
C VAL A 368 20.95 8.90 3.21
N GLY A 369 20.19 9.09 2.15
CA GLY A 369 20.36 10.21 1.26
C GLY A 369 19.78 11.50 1.78
N ALA A 370 18.55 11.85 1.37
CA ALA A 370 17.97 13.12 1.75
C ALA A 370 16.50 13.02 2.23
N PRO A 371 16.26 12.73 3.53
CA PRO A 371 14.87 12.65 4.03
C PRO A 371 14.11 13.98 4.07
N ALA A 372 14.87 15.09 4.10
CA ALA A 372 14.35 16.45 4.20
C ALA A 372 15.46 17.44 3.83
N PRO A 373 15.16 18.75 3.56
CA PRO A 373 16.26 19.70 3.27
C PRO A 373 17.20 19.82 4.45
N GLU A 374 18.53 19.91 4.19
CA GLU A 374 19.59 20.02 5.21
C GLU A 374 19.64 18.82 6.21
N GLN A 375 19.25 17.62 5.73
CA GLN A 375 19.26 16.37 6.51
C GLN A 375 19.72 15.22 5.63
N GLY A 376 20.35 14.22 6.26
CA GLY A 376 20.78 13.02 5.57
C GLY A 376 22.26 12.93 5.33
N HIS A 377 22.66 12.29 4.21
CA HIS A 377 24.06 12.07 3.80
C HIS A 377 24.84 11.42 4.93
N THR A 378 24.26 10.33 5.49
CA THR A 378 24.82 9.62 6.63
C THR A 378 24.73 8.13 6.41
N LEU A 379 25.83 7.43 6.69
CA LEU A 379 25.87 5.98 6.65
C LEU A 379 25.53 5.44 8.04
N LEU A 380 24.56 4.52 8.15
CA LEU A 380 24.16 3.89 9.41
C LEU A 380 24.70 2.47 9.39
N GLY A 381 25.49 2.11 10.40
CA GLY A 381 26.12 0.80 10.48
C GLY A 381 27.51 0.81 9.88
N ASP A 382 28.35 -0.12 10.33
CA ASP A 382 29.73 -0.22 9.89
C ASP A 382 29.87 -1.32 8.83
N PRO A 383 30.27 -0.97 7.58
CA PRO A 383 30.42 -2.00 6.54
C PRO A 383 31.53 -3.02 6.80
N SER A 384 32.49 -2.72 7.71
CA SER A 384 33.58 -3.63 8.05
C SER A 384 33.04 -4.83 8.80
N ASN A 385 31.89 -4.67 9.47
CA ASN A 385 31.22 -5.76 10.19
C ASN A 385 29.69 -5.65 10.14
N PRO A 386 29.05 -6.11 9.03
CA PRO A 386 27.59 -5.97 8.88
C PRO A 386 26.83 -6.61 10.05
N ASP A 387 26.05 -5.76 10.77
CA ASP A 387 25.32 -6.19 11.96
C ASP A 387 23.97 -5.47 12.16
N LEU A 388 23.40 -4.86 11.10
CA LEU A 388 22.11 -4.17 11.21
C LEU A 388 20.92 -5.14 11.26
N GLU A 389 19.81 -4.68 11.85
CA GLU A 389 18.56 -5.42 11.98
C GLU A 389 17.40 -4.54 11.46
N VAL A 390 17.51 -4.08 10.20
CA VAL A 390 16.54 -3.18 9.57
C VAL A 390 15.19 -3.84 9.24
N GLY A 391 15.14 -5.16 9.35
CA GLY A 391 14.01 -5.96 8.93
C GLY A 391 14.36 -6.47 7.55
N LEU A 392 13.48 -6.26 6.58
CA LEU A 392 13.68 -6.69 5.20
C LEU A 392 14.02 -5.48 4.35
N SER A 393 15.22 -5.45 3.74
CA SER A 393 15.67 -4.35 2.85
C SER A 393 14.98 -4.52 1.50
N SER A 394 14.21 -3.51 1.03
CA SER A 394 13.48 -3.57 -0.24
C SER A 394 14.29 -3.95 -1.51
N GLY A 395 15.58 -3.62 -1.53
CA GLY A 395 16.46 -3.91 -2.66
C GLY A 395 17.31 -5.15 -2.55
N GLN A 396 17.02 -6.02 -1.58
CA GLN A 396 17.74 -7.28 -1.42
C GLN A 396 17.25 -8.21 -2.56
N GLY A 397 18.13 -9.04 -3.11
CA GLY A 397 17.84 -9.91 -4.24
C GLY A 397 16.69 -10.91 -4.13
N ALA A 398 16.20 -11.18 -2.89
CA ALA A 398 15.14 -12.15 -2.67
C ALA A 398 14.07 -11.67 -1.69
N THR A 399 13.81 -10.34 -1.62
CA THR A 399 12.81 -9.78 -0.68
C THR A 399 11.43 -10.36 -0.78
N ASP A 400 10.96 -10.63 -2.00
CA ASP A 400 9.63 -11.20 -2.23
C ASP A 400 9.55 -12.57 -1.57
N LEU A 401 10.59 -13.42 -1.77
CA LEU A 401 10.67 -14.75 -1.19
C LEU A 401 10.78 -14.72 0.32
N MET A 402 11.52 -13.73 0.87
CA MET A 402 11.67 -13.57 2.32
C MET A 402 10.36 -13.25 3.02
N GLY A 403 9.58 -12.36 2.42
CA GLY A 403 8.26 -12.00 2.92
C GLY A 403 7.27 -13.15 2.76
N THR A 404 7.32 -13.82 1.62
CA THR A 404 6.46 -14.98 1.31
C THR A 404 6.70 -16.16 2.28
N LEU A 405 7.99 -16.49 2.54
CA LEU A 405 8.41 -17.56 3.44
C LEU A 405 7.86 -17.27 4.83
N LEU A 406 8.15 -16.06 5.38
CA LEU A 406 7.68 -15.66 6.71
C LEU A 406 6.17 -15.76 6.81
N MET A 407 5.48 -15.06 5.90
CA MET A 407 4.02 -14.96 5.94
C MET A 407 3.27 -16.23 5.70
N SER A 408 3.68 -17.05 4.70
CA SER A 408 3.00 -18.33 4.43
C SER A 408 2.97 -19.22 5.69
N ILE A 409 4.12 -19.33 6.40
CA ILE A 409 4.22 -20.13 7.62
C ILE A 409 3.44 -19.47 8.76
N THR A 410 3.52 -18.12 8.88
CA THR A 410 2.78 -17.38 9.91
C THR A 410 1.27 -17.67 9.83
N TYR A 411 0.70 -17.65 8.61
CA TYR A 411 -0.73 -17.89 8.39
C TYR A 411 -1.09 -19.34 8.66
N LEU A 412 -0.23 -20.29 8.23
CA LEU A 412 -0.45 -21.72 8.49
C LEU A 412 -0.49 -21.98 10.00
N VAL A 413 0.48 -21.40 10.74
CA VAL A 413 0.56 -21.50 12.20
C VAL A 413 -0.72 -20.96 12.84
N MET A 414 -1.21 -19.82 12.35
CA MET A 414 -2.46 -19.21 12.83
C MET A 414 -3.63 -20.17 12.64
N GLN A 415 -3.71 -20.85 11.46
CA GLN A 415 -4.77 -21.82 11.17
C GLN A 415 -4.65 -23.07 12.09
N LEU A 416 -3.40 -23.51 12.37
CA LEU A 416 -3.14 -24.66 13.25
C LEU A 416 -3.52 -24.33 14.69
N ASP A 417 -3.01 -23.19 15.21
CA ASP A 417 -3.25 -22.74 16.57
C ASP A 417 -4.71 -22.53 16.91
N HIS A 418 -5.44 -21.82 16.03
CA HIS A 418 -6.82 -21.44 16.30
C HIS A 418 -7.93 -22.31 15.73
N THR A 419 -7.60 -23.14 14.72
CA THR A 419 -8.63 -23.92 14.03
C THR A 419 -8.36 -25.40 13.85
N ALA A 420 -7.09 -25.80 13.67
CA ALA A 420 -6.79 -27.20 13.38
C ALA A 420 -5.77 -27.93 14.29
N PRO A 421 -6.03 -28.05 15.62
CA PRO A 421 -5.09 -28.81 16.49
C PRO A 421 -4.95 -30.30 16.12
N HIS A 422 -5.96 -30.84 15.42
CA HIS A 422 -5.99 -32.22 14.92
C HIS A 422 -4.95 -32.48 13.82
N LEU A 423 -4.38 -31.42 13.26
CA LEU A 423 -3.35 -31.61 12.26
C LEU A 423 -1.95 -31.58 12.85
N ASN A 424 -1.80 -31.14 14.13
CA ASN A 424 -0.49 -31.08 14.80
C ASN A 424 0.28 -32.39 14.82
N SER A 425 -0.45 -33.53 14.93
CA SER A 425 0.11 -34.88 14.93
C SER A 425 0.82 -35.21 13.60
N ARG A 426 0.44 -34.54 12.50
CA ARG A 426 1.05 -34.75 11.18
C ARG A 426 2.44 -34.11 11.07
N ILE A 427 2.83 -33.26 12.05
CA ILE A 427 4.11 -32.53 12.05
C ILE A 427 4.91 -32.98 13.28
N LYS A 428 5.67 -34.09 13.12
CA LYS A 428 6.42 -34.74 14.20
C LYS A 428 7.93 -34.54 14.11
N ASP A 429 8.44 -34.45 12.87
CA ASP A 429 9.87 -34.32 12.54
C ASP A 429 10.00 -33.60 11.20
N MET A 430 11.23 -33.45 10.68
CA MET A 430 11.44 -32.80 9.39
C MET A 430 10.75 -33.51 8.21
N PRO A 431 10.93 -34.85 7.99
CA PRO A 431 10.24 -35.50 6.86
C PRO A 431 8.71 -35.32 6.87
N SER A 432 8.08 -35.46 8.06
CA SER A 432 6.62 -35.28 8.18
C SER A 432 6.20 -33.81 8.01
N ALA A 433 7.03 -32.86 8.50
CA ALA A 433 6.77 -31.43 8.34
C ALA A 433 6.78 -31.10 6.84
N CYS A 434 7.79 -31.62 6.10
CA CYS A 434 7.93 -31.42 4.65
C CYS A 434 6.76 -31.99 3.86
N ARG A 435 6.32 -33.24 4.21
CA ARG A 435 5.19 -33.91 3.56
C ARG A 435 3.90 -33.14 3.77
N PHE A 436 3.69 -32.65 5.01
CA PHE A 436 2.50 -31.88 5.35
C PHE A 436 2.48 -30.54 4.60
N LEU A 437 3.58 -29.78 4.66
CA LEU A 437 3.67 -28.48 4.02
C LEU A 437 3.51 -28.58 2.51
N ASP A 438 4.12 -29.62 1.90
CA ASP A 438 4.03 -29.90 0.47
C ASP A 438 2.57 -30.09 0.07
N SER A 439 1.81 -30.84 0.89
CA SER A 439 0.38 -31.09 0.67
C SER A 439 -0.45 -29.81 0.88
N TYR A 440 -0.19 -29.07 1.97
CA TYR A 440 -0.87 -27.81 2.30
C TYR A 440 -0.67 -26.75 1.20
N TRP A 441 0.57 -26.58 0.72
CA TRP A 441 0.91 -25.59 -0.31
C TRP A 441 0.28 -25.90 -1.66
N GLN A 442 -0.07 -27.18 -1.92
CA GLN A 442 -0.72 -27.59 -3.18
C GLN A 442 -2.24 -27.44 -3.10
N GLY A 443 -2.74 -26.97 -1.94
CA GLY A 443 -4.16 -26.81 -1.67
C GLY A 443 -4.89 -28.12 -1.39
N HIS A 444 -4.16 -29.13 -0.89
CA HIS A 444 -4.73 -30.46 -0.63
C HIS A 444 -5.30 -30.70 0.76
N GLU A 445 -5.17 -29.71 1.67
CA GLU A 445 -5.69 -29.86 3.03
C GLU A 445 -7.01 -29.09 3.20
N GLU A 446 -7.72 -29.32 4.32
CA GLU A 446 -8.99 -28.62 4.60
C GLU A 446 -8.76 -27.15 4.97
N ILE A 447 -7.51 -26.83 5.34
CA ILE A 447 -7.05 -25.47 5.60
C ILE A 447 -6.20 -25.10 4.38
N ARG A 448 -6.46 -23.91 3.82
CA ARG A 448 -5.80 -23.45 2.60
C ARG A 448 -5.43 -21.99 2.67
N GLN A 449 -4.63 -21.53 1.71
CA GLN A 449 -4.24 -20.13 1.61
C GLN A 449 -3.78 -19.77 0.20
N ILE A 450 -3.91 -18.49 -0.12
CA ILE A 450 -3.38 -17.90 -1.33
C ILE A 450 -2.63 -16.70 -0.81
N SER A 451 -1.33 -16.59 -1.10
CA SER A 451 -0.57 -15.48 -0.53
C SER A 451 0.55 -14.99 -1.44
N LYS A 452 1.01 -13.78 -1.16
CA LYS A 452 2.17 -13.15 -1.75
C LYS A 452 2.60 -12.11 -0.73
N SER A 453 3.79 -12.33 -0.11
CA SER A 453 4.35 -11.48 0.94
C SER A 453 3.29 -11.20 2.03
N ASP A 454 2.93 -9.93 2.26
CA ASP A 454 1.96 -9.50 3.27
C ASP A 454 0.49 -9.50 2.85
N ASP A 455 0.18 -9.96 1.62
CA ASP A 455 -1.21 -10.03 1.16
C ASP A 455 -1.60 -11.48 1.12
N ALA A 456 -2.76 -11.80 1.69
CA ALA A 456 -3.25 -13.16 1.70
C ALA A 456 -4.72 -13.26 1.93
N MET A 457 -5.24 -14.45 1.60
CA MET A 457 -6.58 -14.86 1.89
C MET A 457 -6.48 -16.29 2.40
N LEU A 458 -7.03 -16.52 3.59
CA LEU A 458 -6.99 -17.81 4.28
C LEU A 458 -8.30 -18.52 4.11
N GLY A 459 -8.24 -19.80 3.75
CA GLY A 459 -9.43 -20.59 3.49
C GLY A 459 -9.62 -21.86 4.29
N TRP A 460 -10.89 -22.22 4.46
CA TRP A 460 -11.36 -23.41 5.15
C TRP A 460 -12.40 -24.08 4.28
N THR A 461 -12.27 -25.38 4.06
CA THR A 461 -13.29 -26.16 3.36
C THR A 461 -14.16 -26.78 4.46
N LYS A 462 -15.10 -27.68 4.11
CA LYS A 462 -15.92 -28.35 5.11
C LYS A 462 -14.99 -29.30 5.90
N GLY A 463 -15.26 -29.42 7.19
CA GLY A 463 -14.45 -30.27 8.05
C GLY A 463 -14.34 -29.75 9.47
N ARG A 464 -13.47 -30.39 10.25
CA ARG A 464 -13.25 -30.07 11.65
C ARG A 464 -12.68 -28.68 11.92
N ALA A 465 -11.84 -28.16 11.02
CA ALA A 465 -11.21 -26.85 11.17
C ALA A 465 -12.16 -25.67 10.91
N LEU A 466 -13.25 -25.90 10.11
CA LEU A 466 -14.22 -24.86 9.73
C LEU A 466 -14.82 -24.05 10.89
N VAL A 467 -15.24 -24.74 11.96
CA VAL A 467 -15.80 -24.08 13.14
C VAL A 467 -14.76 -23.14 13.80
N GLY A 468 -13.51 -23.61 13.87
CA GLY A 468 -12.39 -22.85 14.40
C GLY A 468 -12.08 -21.63 13.54
N GLY A 469 -12.20 -21.85 12.22
CA GLY A 469 -12.04 -20.81 11.22
C GLY A 469 -12.95 -19.63 11.50
N HIS A 470 -14.24 -19.89 11.86
CA HIS A 470 -15.22 -18.85 12.20
C HIS A 470 -14.88 -18.12 13.49
N ARG A 471 -14.34 -18.85 14.51
CA ARG A 471 -13.91 -18.27 15.79
C ARG A 471 -12.74 -17.34 15.58
N LEU A 472 -11.78 -17.74 14.70
CA LEU A 472 -10.61 -16.94 14.36
C LEU A 472 -11.05 -15.63 13.70
N PHE A 473 -11.98 -15.71 12.73
CA PHE A 473 -12.54 -14.56 12.02
C PHE A 473 -13.22 -13.62 13.03
N GLU A 474 -13.95 -14.21 14.00
CA GLU A 474 -14.60 -13.44 15.06
C GLU A 474 -13.56 -12.74 15.95
N MET A 475 -12.46 -13.45 16.32
CA MET A 475 -11.37 -12.90 17.12
C MET A 475 -10.74 -11.69 16.37
N LEU A 476 -10.58 -11.82 15.03
CA LEU A 476 -10.05 -10.75 14.19
C LEU A 476 -10.99 -9.55 14.21
N LYS A 477 -12.32 -9.79 14.04
CA LYS A 477 -13.33 -8.72 14.07
C LYS A 477 -13.28 -7.95 15.40
N GLU A 478 -13.25 -8.69 16.53
CA GLU A 478 -13.16 -8.13 17.89
C GLU A 478 -11.90 -7.27 18.08
N GLY A 479 -10.80 -7.70 17.45
CA GLY A 479 -9.52 -7.00 17.42
C GLY A 479 -8.90 -6.65 18.74
N LYS A 480 -9.01 -7.55 19.73
CA LYS A 480 -8.44 -7.34 21.05
C LYS A 480 -7.21 -8.20 21.31
N VAL A 481 -7.12 -9.33 20.60
CA VAL A 481 -6.02 -10.27 20.75
C VAL A 481 -5.36 -10.53 19.39
N ASN A 482 -4.02 -10.39 19.32
CA ASN A 482 -3.29 -10.67 18.09
C ASN A 482 -3.23 -12.18 17.92
N PRO A 483 -3.73 -12.73 16.78
CA PRO A 483 -3.76 -14.20 16.61
C PRO A 483 -2.41 -14.86 16.34
N SER A 484 -1.35 -14.08 16.11
CA SER A 484 -0.05 -14.61 15.78
C SER A 484 1.01 -14.17 16.78
N PRO A 485 2.00 -15.03 17.12
CA PRO A 485 3.12 -14.56 17.95
C PRO A 485 4.21 -13.85 17.10
N TYR A 486 4.15 -13.96 15.76
CA TYR A 486 5.18 -13.50 14.84
C TYR A 486 5.05 -12.13 14.28
N MET A 487 3.84 -11.75 13.84
CA MET A 487 3.57 -10.44 13.22
C MET A 487 2.23 -9.91 13.71
N LYS A 488 1.98 -8.59 13.54
CA LYS A 488 0.72 -7.96 13.94
C LYS A 488 -0.31 -8.18 12.83
N ILE A 489 -1.23 -9.15 13.05
CA ILE A 489 -2.27 -9.54 12.10
C ILE A 489 -3.64 -9.01 12.53
N SER A 490 -4.41 -8.56 11.53
CA SER A 490 -5.76 -8.07 11.66
C SER A 490 -6.51 -8.50 10.39
N TYR A 491 -7.79 -8.15 10.27
CA TYR A 491 -8.52 -8.46 9.05
C TYR A 491 -8.47 -7.20 8.21
N GLU A 492 -8.45 -7.36 6.86
CA GLU A 492 -8.44 -6.22 5.93
C GLU A 492 -9.83 -5.58 5.90
N HIS A 493 -9.91 -4.25 6.06
CA HIS A 493 -11.20 -3.60 5.99
C HIS A 493 -11.54 -3.36 4.52
N GLY A 494 -12.27 -4.31 3.97
CA GLY A 494 -12.59 -4.38 2.56
C GLY A 494 -11.63 -5.34 1.90
N GLY A 495 -11.85 -6.63 2.16
CA GLY A 495 -11.00 -7.73 1.70
C GLY A 495 -10.67 -7.73 0.22
N ALA A 496 -9.36 -7.71 -0.11
CA ALA A 496 -8.86 -7.75 -1.47
C ALA A 496 -7.60 -8.60 -1.55
N PHE A 497 -7.30 -9.15 -2.72
CA PHE A 497 -6.08 -9.92 -2.89
C PHE A 497 -5.40 -9.54 -4.17
N LEU A 498 -4.17 -9.00 -4.03
CA LEU A 498 -3.33 -8.58 -5.14
C LEU A 498 -4.08 -7.68 -6.13
N GLY A 499 -4.70 -6.63 -5.58
CA GLY A 499 -5.43 -5.62 -6.33
C GLY A 499 -6.88 -5.90 -6.67
N ASP A 500 -7.31 -7.17 -6.56
CA ASP A 500 -8.69 -7.56 -6.87
C ASP A 500 -9.53 -7.66 -5.62
N ILE A 501 -10.63 -6.91 -5.60
CA ILE A 501 -11.57 -6.89 -4.48
C ILE A 501 -12.45 -8.15 -4.53
N LEU A 502 -12.64 -8.83 -3.38
CA LEU A 502 -13.53 -9.98 -3.32
C LEU A 502 -14.93 -9.42 -3.05
N LEU A 503 -15.77 -9.39 -4.11
CA LEU A 503 -17.12 -8.84 -4.03
C LEU A 503 -18.13 -9.91 -3.61
N TYR A 504 -18.67 -9.79 -2.40
CA TYR A 504 -19.64 -10.72 -1.88
C TYR A 504 -21.07 -10.26 -2.25
N ASP A 505 -22.04 -11.20 -2.22
CA ASP A 505 -23.44 -10.84 -2.41
C ASP A 505 -24.18 -10.92 -1.06
N SER A 506 -25.53 -10.99 -1.07
CA SER A 506 -26.37 -11.05 0.14
C SER A 506 -26.03 -12.23 1.06
N ARG A 507 -25.59 -13.36 0.47
CA ARG A 507 -25.23 -14.58 1.21
C ARG A 507 -23.96 -14.45 2.05
N ARG A 508 -23.01 -13.56 1.64
CA ARG A 508 -21.70 -13.32 2.28
C ARG A 508 -20.92 -14.63 2.41
N GLU A 509 -20.86 -15.39 1.32
CA GLU A 509 -20.17 -16.67 1.25
C GLU A 509 -19.19 -16.68 0.07
N PRO A 510 -18.00 -17.32 0.21
CA PRO A 510 -17.04 -17.35 -0.90
C PRO A 510 -17.55 -17.98 -2.21
N GLY A 511 -18.44 -18.96 -2.08
CA GLY A 511 -19.03 -19.68 -3.21
C GLY A 511 -19.76 -18.79 -4.20
N SER A 512 -20.40 -17.72 -3.70
CA SER A 512 -21.15 -16.77 -4.53
C SER A 512 -20.44 -15.41 -4.70
N ALA A 513 -19.19 -15.30 -4.18
CA ALA A 513 -18.41 -14.07 -4.24
C ALA A 513 -17.60 -14.07 -5.50
N ILE A 514 -17.30 -12.87 -6.03
CA ILE A 514 -16.51 -12.75 -7.26
C ILE A 514 -15.36 -11.78 -7.08
N PHE A 515 -14.23 -12.02 -7.76
CA PHE A 515 -13.11 -11.08 -7.72
C PHE A 515 -13.31 -10.02 -8.80
N VAL A 516 -13.24 -8.73 -8.41
CA VAL A 516 -13.40 -7.64 -9.37
C VAL A 516 -12.22 -6.69 -9.25
N GLY A 517 -11.90 -5.99 -10.35
CA GLY A 517 -10.86 -4.98 -10.35
C GLY A 517 -11.22 -3.84 -9.40
N ASN A 518 -10.21 -3.24 -8.75
CA ASN A 518 -10.45 -2.14 -7.83
C ASN A 518 -10.46 -0.83 -8.62
N ILE A 519 -11.65 -0.21 -8.77
CA ILE A 519 -11.81 1.05 -9.51
C ILE A 519 -10.98 2.19 -8.94
N ASN A 520 -10.75 2.17 -7.61
CA ASN A 520 -9.92 3.16 -6.94
C ASN A 520 -8.49 3.05 -7.44
N SER A 521 -7.98 1.81 -7.71
CA SER A 521 -6.64 1.60 -8.26
C SER A 521 -6.53 2.15 -9.69
N MET A 522 -7.62 2.07 -10.48
CA MET A 522 -7.61 2.63 -11.83
C MET A 522 -7.38 4.13 -11.73
N LEU A 523 -8.10 4.78 -10.80
CA LEU A 523 -7.99 6.22 -10.57
C LEU A 523 -6.61 6.61 -10.06
N ASN A 524 -6.03 5.78 -9.16
CA ASN A 524 -4.68 5.98 -8.64
C ASN A 524 -3.69 5.94 -9.79
N ASN A 525 -3.78 4.91 -10.65
CA ASN A 525 -2.87 4.72 -11.77
C ASN A 525 -3.02 5.77 -12.85
N GLN A 526 -4.25 6.17 -13.18
CA GLN A 526 -4.47 7.16 -14.25
C GLN A 526 -4.23 8.60 -13.84
N PHE A 527 -4.61 8.98 -12.60
CA PHE A 527 -4.49 10.38 -12.17
C PHE A 527 -3.44 10.69 -11.12
N SER A 528 -2.91 9.65 -10.44
CA SER A 528 -1.86 9.84 -9.43
C SER A 528 -0.69 8.87 -9.68
N PRO A 529 -0.03 8.91 -10.86
CA PRO A 529 1.11 7.99 -11.04
C PRO A 529 2.25 8.36 -10.08
N GLU A 530 3.05 7.36 -9.72
CA GLU A 530 4.17 7.55 -8.80
C GLU A 530 5.26 8.39 -9.45
N TYR A 531 5.47 8.19 -10.76
CA TYR A 531 6.49 8.89 -11.52
C TYR A 531 5.90 9.70 -12.66
N GLY A 532 6.68 10.66 -13.13
CA GLY A 532 6.32 11.43 -14.30
C GLY A 532 6.56 10.60 -15.56
N VAL A 533 6.24 11.16 -16.73
CA VAL A 533 6.42 10.46 -18.01
C VAL A 533 7.87 10.32 -18.46
N GLN A 534 8.80 11.12 -17.85
CA GLN A 534 10.25 11.15 -18.16
C GLN A 534 10.44 11.34 -19.67
N SER A 535 9.76 12.34 -20.25
CA SER A 535 9.80 12.61 -21.69
C SER A 535 11.21 12.90 -22.24
N GLY A 536 12.14 13.24 -21.34
CA GLY A 536 13.55 13.48 -21.65
C GLY A 536 14.37 12.22 -21.82
N VAL A 537 13.88 11.08 -21.30
CA VAL A 537 14.57 9.77 -21.40
C VAL A 537 14.20 9.18 -22.77
N ARG A 538 15.13 9.23 -23.73
CA ARG A 538 14.93 8.77 -25.10
C ARG A 538 14.53 7.32 -25.22
N ASP A 539 15.25 6.44 -24.52
CA ASP A 539 14.96 5.00 -24.52
C ASP A 539 13.78 4.76 -23.58
N ARG A 540 12.59 4.55 -24.15
CA ARG A 540 11.35 4.34 -23.42
C ARG A 540 11.36 3.13 -22.53
N SER A 541 12.09 2.07 -22.92
CA SER A 541 12.18 0.84 -22.12
C SER A 541 12.87 1.07 -20.76
N LYS A 542 13.67 2.15 -20.64
CA LYS A 542 14.36 2.56 -19.42
C LYS A 542 13.52 3.44 -18.48
N ARG A 543 12.41 4.01 -18.98
CA ARG A 543 11.51 4.86 -18.20
C ARG A 543 10.75 4.05 -17.15
N LYS A 544 10.31 4.71 -16.08
CA LYS A 544 9.49 4.09 -15.05
C LYS A 544 8.10 3.81 -15.62
N ARG A 545 7.67 4.60 -16.61
CA ARG A 545 6.37 4.44 -17.30
C ARG A 545 6.65 4.42 -18.81
N PRO A 546 7.11 3.27 -19.38
CA PRO A 546 7.48 3.26 -20.81
C PRO A 546 6.43 3.68 -21.84
N PHE A 547 5.22 3.12 -21.72
CA PHE A 547 4.14 3.36 -22.67
C PHE A 547 2.83 3.61 -21.93
N PRO A 548 2.67 4.80 -21.31
CA PRO A 548 1.44 5.05 -20.51
C PRO A 548 0.11 4.94 -21.24
N GLY A 549 0.11 5.27 -22.53
CA GLY A 549 -1.09 5.23 -23.38
C GLY A 549 -1.74 3.87 -23.50
N LEU A 550 -0.92 2.79 -23.45
CA LEU A 550 -1.33 1.37 -23.56
C LEU A 550 -2.33 0.89 -22.51
N ALA A 551 -2.30 1.49 -21.31
CA ALA A 551 -3.20 1.15 -20.20
C ALA A 551 -4.68 1.30 -20.57
N TRP A 552 -4.99 2.19 -21.52
CA TRP A 552 -6.35 2.42 -22.00
C TRP A 552 -6.91 1.18 -22.68
N ALA A 553 -6.07 0.44 -23.42
CA ALA A 553 -6.46 -0.78 -24.13
C ALA A 553 -6.79 -1.96 -23.22
N SER A 554 -6.18 -2.01 -22.02
CA SER A 554 -6.36 -3.09 -21.04
C SER A 554 -7.36 -2.75 -19.95
N MET A 555 -7.79 -1.48 -19.86
CA MET A 555 -8.72 -0.96 -18.84
C MET A 555 -10.01 -1.79 -18.66
N LYS A 556 -10.74 -2.07 -19.76
CA LYS A 556 -12.00 -2.83 -19.70
C LYS A 556 -11.72 -4.23 -19.16
N ASP A 557 -10.64 -4.86 -19.63
CA ASP A 557 -10.28 -6.18 -19.15
C ASP A 557 -9.96 -6.21 -17.65
N THR A 558 -9.18 -5.21 -17.19
CA THR A 558 -8.74 -5.09 -15.80
C THR A 558 -9.85 -4.64 -14.85
N TYR A 559 -10.59 -3.58 -15.22
CA TYR A 559 -11.60 -2.96 -14.35
C TYR A 559 -13.09 -3.15 -14.69
N GLY A 560 -13.37 -3.70 -15.88
CA GLY A 560 -14.73 -3.91 -16.39
C GLY A 560 -15.72 -4.59 -15.48
N ALA A 561 -15.25 -5.48 -14.62
CA ALA A 561 -16.09 -6.22 -13.68
C ALA A 561 -16.50 -5.42 -12.44
N CYS A 562 -15.92 -4.23 -12.22
CA CYS A 562 -16.31 -3.41 -11.07
C CYS A 562 -17.75 -2.94 -11.28
N PRO A 563 -18.66 -3.12 -10.29
CA PRO A 563 -20.06 -2.68 -10.49
C PRO A 563 -20.24 -1.25 -11.02
N ILE A 564 -19.37 -0.32 -10.58
CA ILE A 564 -19.47 1.08 -10.97
C ILE A 564 -18.51 1.53 -12.08
N TYR A 565 -17.94 0.57 -12.84
CA TYR A 565 -17.01 0.85 -13.94
C TYR A 565 -17.50 1.95 -14.91
N SER A 566 -18.70 1.74 -15.51
CA SER A 566 -19.33 2.66 -16.45
C SER A 566 -19.58 4.04 -15.84
N ASP A 567 -20.10 4.04 -14.59
CA ASP A 567 -20.40 5.25 -13.82
C ASP A 567 -19.14 6.11 -13.63
N VAL A 568 -17.99 5.47 -13.31
CA VAL A 568 -16.73 6.16 -13.07
C VAL A 568 -16.21 6.76 -14.36
N LEU A 569 -16.26 5.98 -15.46
CA LEU A 569 -15.80 6.50 -16.74
C LEU A 569 -16.62 7.71 -17.20
N GLU A 570 -17.96 7.68 -16.97
CA GLU A 570 -18.85 8.80 -17.30
C GLU A 570 -18.54 10.01 -16.43
N ALA A 571 -18.30 9.78 -15.11
CA ALA A 571 -17.96 10.86 -14.17
C ALA A 571 -16.65 11.50 -14.56
N ILE A 572 -15.65 10.69 -15.00
CA ILE A 572 -14.36 11.20 -15.46
C ILE A 572 -14.58 12.11 -16.68
N GLU A 573 -15.34 11.64 -17.69
CA GLU A 573 -15.64 12.36 -18.93
C GLU A 573 -16.29 13.71 -18.64
N ARG A 574 -17.33 13.71 -17.79
CA ARG A 574 -18.05 14.90 -17.40
C ARG A 574 -17.13 15.90 -16.69
N CYS A 575 -16.37 15.43 -15.68
CA CYS A 575 -15.44 16.28 -14.93
C CYS A 575 -14.28 16.83 -15.79
N TRP A 576 -13.75 16.00 -16.70
CA TRP A 576 -12.64 16.41 -17.58
C TRP A 576 -13.13 17.47 -18.56
N TRP A 577 -14.38 17.35 -19.05
CA TRP A 577 -15.03 18.34 -19.92
C TRP A 577 -15.12 19.67 -19.16
N ASN A 578 -15.56 19.64 -17.89
CA ASN A 578 -15.71 20.82 -17.05
C ASN A 578 -14.38 21.53 -16.82
N ALA A 579 -13.33 20.76 -16.56
CA ALA A 579 -11.99 21.29 -16.27
C ALA A 579 -11.15 21.69 -17.48
N PHE A 580 -11.17 20.89 -18.56
CA PHE A 580 -10.32 21.13 -19.73
C PHE A 580 -11.04 21.56 -21.01
N GLY A 581 -12.35 21.32 -21.06
CA GLY A 581 -13.14 21.58 -22.26
C GLY A 581 -12.74 20.65 -23.39
N GLU A 582 -12.44 19.38 -23.04
CA GLU A 582 -12.00 18.34 -23.96
C GLU A 582 -12.57 16.99 -23.55
N SER A 583 -12.57 16.02 -24.48
CA SER A 583 -13.00 14.65 -24.17
C SER A 583 -11.81 13.85 -23.63
N TYR A 584 -11.94 13.31 -22.41
CA TYR A 584 -10.89 12.49 -21.82
C TYR A 584 -10.69 11.23 -22.65
N ARG A 585 -11.79 10.57 -23.06
CA ARG A 585 -11.76 9.36 -23.88
C ARG A 585 -10.98 9.60 -25.17
N ALA A 586 -11.24 10.72 -25.90
CA ALA A 586 -10.51 11.05 -27.13
C ALA A 586 -9.03 11.30 -26.85
N TYR A 587 -8.73 11.98 -25.74
CA TYR A 587 -7.37 12.26 -25.28
C TYR A 587 -6.59 10.96 -25.05
N ARG A 588 -7.25 9.97 -24.39
CA ARG A 588 -6.64 8.66 -24.12
C ARG A 588 -6.52 7.82 -25.39
N GLU A 589 -7.48 7.95 -26.32
CA GLU A 589 -7.43 7.23 -27.58
C GLU A 589 -6.24 7.71 -28.40
N ASP A 590 -5.97 9.03 -28.39
CA ASP A 590 -4.81 9.59 -29.10
C ASP A 590 -3.50 9.09 -28.48
N MET A 591 -3.42 9.09 -27.13
CA MET A 591 -2.23 8.61 -26.42
C MET A 591 -2.00 7.13 -26.70
N LEU A 592 -3.09 6.34 -26.76
CA LEU A 592 -3.04 4.92 -27.07
C LEU A 592 -2.47 4.71 -28.48
N LYS A 593 -2.95 5.48 -29.47
CA LYS A 593 -2.46 5.41 -30.85
C LYS A 593 -0.97 5.70 -30.92
N ARG A 594 -0.53 6.80 -30.28
CA ARG A 594 0.88 7.22 -30.29
C ARG A 594 1.80 6.18 -29.66
N ASP A 595 1.40 5.64 -28.49
CA ASP A 595 2.17 4.63 -27.78
C ASP A 595 2.20 3.27 -28.48
N THR A 596 1.12 2.91 -29.21
CA THR A 596 1.06 1.66 -29.99
C THR A 596 2.10 1.72 -31.10
N LEU A 597 2.18 2.88 -31.78
CA LEU A 597 3.14 3.16 -32.86
C LEU A 597 4.57 3.12 -32.34
N GLU A 598 4.80 3.76 -31.19
CA GLU A 598 6.10 3.84 -30.55
C GLU A 598 6.58 2.46 -30.10
N LEU A 599 5.65 1.61 -29.61
CA LEU A 599 5.93 0.24 -29.15
C LEU A 599 6.59 -0.64 -30.20
N SER A 600 6.12 -0.58 -31.47
CA SER A 600 6.68 -1.42 -32.55
C SER A 600 8.17 -1.21 -32.76
N ARG A 601 8.70 -0.01 -32.40
CA ARG A 601 10.12 0.35 -32.50
C ARG A 601 10.96 -0.48 -31.53
N TYR A 602 10.35 -0.94 -30.45
CA TYR A 602 11.00 -1.69 -29.38
C TYR A 602 10.86 -3.21 -29.48
N VAL A 603 9.84 -3.70 -30.21
CA VAL A 603 9.53 -5.12 -30.37
C VAL A 603 9.96 -5.54 -31.77
N ALA A 604 11.04 -6.38 -31.86
CA ALA A 604 11.60 -6.90 -33.10
C ALA A 604 10.57 -7.66 -33.96
N SER A 605 9.68 -8.42 -33.30
CA SER A 605 8.61 -9.20 -33.94
C SER A 605 7.48 -8.33 -34.48
N MET A 606 7.38 -7.07 -33.99
CA MET A 606 6.38 -6.10 -34.41
C MET A 606 6.81 -5.29 -35.57
N ALA A 607 6.07 -5.48 -36.67
CA ALA A 607 6.21 -4.72 -37.88
C ALA A 607 5.85 -3.27 -37.57
N ARG A 608 6.45 -2.33 -38.32
CA ARG A 608 6.33 -0.86 -38.22
C ARG A 608 4.97 -0.28 -37.73
N GLN A 609 3.85 -1.04 -37.91
CA GLN A 609 2.47 -0.72 -37.47
C GLN A 609 1.64 -1.99 -37.19
N ALA A 610 2.26 -2.98 -36.51
CA ALA A 610 1.69 -4.28 -36.20
C ALA A 610 0.38 -4.30 -35.37
N GLY A 611 0.21 -3.33 -34.46
CA GLY A 611 -0.95 -3.20 -33.57
C GLY A 611 -0.79 -4.03 -32.31
N LEU A 612 -1.76 -3.92 -31.38
CA LEU A 612 -1.70 -4.64 -30.10
C LEU A 612 -2.30 -6.07 -30.12
N ALA A 613 -2.56 -6.59 -31.33
CA ALA A 613 -3.15 -7.89 -31.64
C ALA A 613 -2.71 -9.07 -30.77
N GLU A 614 -1.40 -9.33 -30.70
CA GLU A 614 -0.88 -10.48 -29.96
C GLU A 614 -0.69 -10.26 -28.45
N LEU A 615 -0.90 -9.02 -27.97
CA LEU A 615 -0.68 -8.65 -26.56
C LEU A 615 -1.84 -8.91 -25.63
N THR A 616 -1.51 -9.40 -24.43
CA THR A 616 -2.47 -9.69 -23.38
C THR A 616 -2.72 -8.43 -22.54
N PRO A 617 -3.81 -8.39 -21.74
CA PRO A 617 -4.02 -7.24 -20.83
C PRO A 617 -2.86 -7.05 -19.86
N ILE A 618 -2.24 -8.17 -19.35
CA ILE A 618 -1.08 -8.14 -18.46
C ILE A 618 0.07 -7.42 -19.16
N ASP A 619 0.37 -7.79 -20.43
CA ASP A 619 1.42 -7.17 -21.24
C ASP A 619 1.23 -5.66 -21.29
N LEU A 620 -0.02 -5.21 -21.53
CA LEU A 620 -0.35 -3.78 -21.63
C LEU A 620 -0.20 -3.02 -20.31
N GLU A 621 -0.70 -3.59 -19.19
CA GLU A 621 -0.60 -3.00 -17.85
C GLU A 621 0.86 -2.84 -17.41
N VAL A 622 1.68 -3.85 -17.75
CA VAL A 622 3.12 -3.93 -17.44
C VAL A 622 3.91 -2.95 -18.29
N LEU A 623 3.56 -2.79 -19.58
CA LEU A 623 4.26 -1.83 -20.44
C LEU A 623 3.99 -0.38 -19.99
N ALA A 624 2.79 -0.13 -19.44
CA ALA A 624 2.41 1.17 -18.92
C ALA A 624 3.03 1.39 -17.54
N ASP A 625 3.15 0.30 -16.74
CA ASP A 625 3.68 0.36 -15.38
C ASP A 625 4.49 -0.91 -15.02
N PRO A 626 5.81 -0.97 -15.32
CA PRO A 626 6.59 -2.17 -14.99
C PRO A 626 6.77 -2.47 -13.51
N ASN A 627 6.39 -1.54 -12.64
CA ASN A 627 6.41 -1.72 -11.20
C ASN A 627 5.46 -2.84 -10.81
N LYS A 628 4.44 -3.11 -11.66
CA LYS A 628 3.48 -4.21 -11.47
C LYS A 628 4.16 -5.59 -11.58
N LEU A 629 5.32 -5.62 -12.24
CA LEU A 629 6.17 -6.80 -12.44
C LEU A 629 7.05 -7.08 -11.17
N GLN A 630 7.05 -6.12 -10.21
CA GLN A 630 7.81 -6.18 -8.96
C GLN A 630 6.94 -6.45 -7.72
N TYR A 631 5.60 -6.45 -7.88
CA TYR A 631 4.71 -6.66 -6.74
C TYR A 631 3.46 -7.45 -7.09
N LYS A 632 3.02 -7.41 -8.34
CA LYS A 632 1.78 -8.04 -8.76
C LYS A 632 1.98 -9.32 -9.59
N TRP A 633 2.79 -9.23 -10.65
CA TRP A 633 3.03 -10.35 -11.55
C TRP A 633 4.50 -10.78 -11.59
N THR A 634 4.80 -11.83 -12.36
CA THR A 634 6.13 -12.38 -12.57
C THR A 634 6.43 -12.52 -14.07
N GLU A 635 7.69 -12.82 -14.42
CA GLU A 635 8.19 -13.03 -15.78
C GLU A 635 7.29 -13.95 -16.64
N ALA A 636 6.89 -15.10 -16.09
CA ALA A 636 6.07 -16.10 -16.78
C ALA A 636 4.68 -15.59 -17.20
N ASP A 637 4.18 -14.53 -16.54
CA ASP A 637 2.87 -13.94 -16.82
C ASP A 637 2.88 -12.99 -18.04
N VAL A 638 4.09 -12.63 -18.49
CA VAL A 638 4.31 -11.70 -19.58
C VAL A 638 4.77 -12.45 -20.84
N SER A 639 4.24 -12.05 -22.02
CA SER A 639 4.64 -12.60 -23.31
C SER A 639 6.15 -12.43 -23.45
N ALA A 640 6.82 -13.43 -24.02
CA ALA A 640 8.28 -13.47 -24.20
C ALA A 640 8.85 -12.26 -24.92
N ASN A 641 8.18 -11.83 -26.00
CA ASN A 641 8.62 -10.67 -26.79
C ASN A 641 8.49 -9.34 -26.03
N ILE A 642 7.59 -9.28 -25.03
CA ILE A 642 7.36 -8.09 -24.20
C ILE A 642 8.36 -8.07 -23.05
N HIS A 643 8.65 -9.22 -22.46
CA HIS A 643 9.62 -9.35 -21.36
C HIS A 643 10.99 -8.82 -21.82
N GLU A 644 11.38 -9.12 -23.07
CA GLU A 644 12.62 -8.66 -23.73
C GLU A 644 12.70 -7.15 -23.85
N VAL A 645 11.55 -6.43 -23.90
CA VAL A 645 11.51 -4.97 -23.98
C VAL A 645 12.01 -4.37 -22.66
N LEU A 646 11.61 -4.98 -21.55
CA LEU A 646 11.89 -4.49 -20.20
C LEU A 646 13.10 -5.07 -19.51
N MET A 647 13.52 -6.27 -19.91
CA MET A 647 14.64 -6.98 -19.29
C MET A 647 15.67 -7.46 -20.29
N HIS A 648 16.88 -7.68 -19.80
CA HIS A 648 17.98 -8.29 -20.54
C HIS A 648 18.64 -9.28 -19.61
N GLY A 649 19.20 -10.35 -20.17
CA GLY A 649 19.79 -11.37 -19.33
C GLY A 649 21.22 -11.75 -19.59
N VAL A 650 21.84 -12.32 -18.56
CA VAL A 650 23.18 -12.90 -18.57
C VAL A 650 22.90 -14.33 -19.07
N SER A 651 23.76 -14.89 -19.96
CA SER A 651 23.55 -16.24 -20.52
C SER A 651 23.32 -17.34 -19.47
N VAL A 652 22.45 -18.31 -19.79
CA VAL A 652 22.16 -19.45 -18.91
C VAL A 652 23.43 -20.32 -18.73
N GLU A 653 24.40 -20.23 -19.64
CA GLU A 653 25.66 -20.97 -19.57
C GLU A 653 26.49 -20.53 -18.36
N LYS A 654 26.57 -19.20 -18.14
CA LYS A 654 27.31 -18.59 -17.02
C LYS A 654 26.58 -18.86 -15.69
N THR A 655 25.22 -18.78 -15.70
CA THR A 655 24.42 -19.00 -14.50
C THR A 655 24.34 -20.47 -14.13
N GLU A 656 24.31 -21.37 -15.14
CA GLU A 656 24.29 -22.83 -14.99
C GLU A 656 25.52 -23.30 -14.22
N ARG A 657 26.71 -22.79 -14.62
CA ARG A 657 27.99 -23.08 -13.99
C ARG A 657 28.01 -22.53 -12.55
N PHE A 658 27.47 -21.30 -12.35
CA PHE A 658 27.40 -20.68 -11.03
C PHE A 658 26.51 -21.50 -10.11
N LEU A 659 25.31 -21.86 -10.58
CA LEU A 659 24.33 -22.61 -9.80
C LEU A 659 24.80 -23.99 -9.35
N ARG A 660 25.58 -24.68 -10.21
CA ARG A 660 26.18 -25.99 -9.94
C ARG A 660 27.11 -25.89 -8.71
N SER A 661 27.85 -24.78 -8.59
CA SER A 661 28.79 -24.51 -7.50
C SER A 661 28.13 -24.12 -6.16
N VAL A 662 26.85 -23.68 -6.19
CA VAL A 662 26.12 -23.23 -5.00
C VAL A 662 25.35 -24.40 -4.35
N MET A 663 24.60 -25.09 -5.18
CA MET A 663 23.68 -26.13 -4.83
C MET A 663 24.26 -27.40 -4.32
N PRO A 664 23.51 -28.13 -3.44
CA PRO A 664 24.01 -29.40 -2.91
C PRO A 664 24.14 -30.49 -3.95
N ARG A 665 25.32 -31.14 -3.96
CA ARG A 665 25.84 -32.22 -4.82
C ARG A 665 24.91 -32.76 -5.93
N PRO B 2 -11.15 60.25 -33.68
CA PRO B 2 -11.60 60.72 -35.00
C PRO B 2 -12.85 59.98 -35.45
N ARG B 3 -13.41 59.18 -34.50
CA ARG B 3 -14.54 58.25 -34.49
C ARG B 3 -13.98 56.84 -34.34
N ARG B 4 -14.10 56.32 -33.13
CA ARG B 4 -13.67 54.98 -32.78
C ARG B 4 -14.77 54.02 -33.26
N ALA B 5 -14.39 52.77 -33.53
CA ALA B 5 -15.35 51.75 -33.95
C ALA B 5 -16.10 51.26 -32.72
N PRO B 6 -17.43 51.03 -32.80
CA PRO B 6 -18.16 50.52 -31.62
C PRO B 6 -17.76 49.08 -31.33
N ALA B 7 -17.67 48.72 -30.06
CA ALA B 7 -17.33 47.35 -29.67
C ALA B 7 -18.34 46.81 -28.70
N PHE B 8 -18.77 45.57 -28.91
CA PHE B 8 -19.80 44.94 -28.10
C PHE B 8 -19.34 43.63 -27.51
N PRO B 9 -19.55 43.43 -26.18
CA PRO B 9 -19.17 42.15 -25.55
C PRO B 9 -20.12 41.02 -25.98
N LEU B 10 -19.67 39.74 -25.89
CA LEU B 10 -20.49 38.60 -26.29
C LEU B 10 -21.89 38.66 -25.64
N SER B 11 -21.94 39.17 -24.39
CA SER B 11 -23.13 39.38 -23.56
C SER B 11 -24.17 40.33 -24.19
N ASP B 12 -23.74 41.23 -25.09
CA ASP B 12 -24.62 42.18 -25.76
C ASP B 12 -25.48 41.47 -26.81
N ILE B 13 -26.73 41.93 -26.97
CA ILE B 13 -27.68 41.40 -27.98
C ILE B 13 -27.09 41.41 -29.40
N LYS B 14 -26.32 42.48 -29.75
CA LYS B 14 -25.69 42.62 -31.07
C LYS B 14 -24.72 41.49 -31.38
N ALA B 15 -24.00 40.99 -30.35
CA ALA B 15 -23.06 39.88 -30.49
C ALA B 15 -23.85 38.58 -30.43
N GLN B 16 -24.86 38.54 -29.58
CA GLN B 16 -25.72 37.39 -29.43
C GLN B 16 -26.39 36.99 -30.74
N MET B 17 -26.94 37.96 -31.45
CA MET B 17 -27.61 37.79 -32.73
C MET B 17 -26.75 37.09 -33.80
N LEU B 18 -25.41 37.15 -33.64
CA LEU B 18 -24.47 36.53 -34.58
C LEU B 18 -24.43 35.01 -34.40
N PHE B 19 -24.97 34.51 -33.28
CA PHE B 19 -24.93 33.08 -33.01
C PHE B 19 -26.29 32.43 -32.87
N ALA B 20 -26.56 31.49 -33.82
CA ALA B 20 -27.80 30.72 -33.86
C ALA B 20 -27.98 29.87 -32.62
N ASN B 21 -29.24 29.53 -32.33
CA ASN B 21 -29.64 28.73 -31.17
C ASN B 21 -29.34 27.23 -31.36
N ASN B 22 -28.04 26.91 -31.52
CA ASN B 22 -27.52 25.56 -31.65
C ASN B 22 -26.17 25.47 -30.98
N ILE B 23 -25.83 24.27 -30.49
CA ILE B 23 -24.60 23.99 -29.76
C ILE B 23 -23.31 24.41 -30.48
N LYS B 24 -23.18 24.08 -31.77
CA LYS B 24 -21.99 24.41 -32.56
C LYS B 24 -21.70 25.92 -32.58
N ALA B 25 -22.77 26.72 -32.85
CA ALA B 25 -22.77 28.17 -32.94
C ALA B 25 -22.45 28.81 -31.60
N GLN B 26 -23.08 28.29 -30.54
CA GLN B 26 -22.87 28.76 -29.18
C GLN B 26 -21.44 28.46 -28.71
N GLN B 27 -20.91 27.26 -29.04
CA GLN B 27 -19.52 26.87 -28.69
C GLN B 27 -18.49 27.74 -29.42
N ALA B 28 -18.80 28.13 -30.67
CA ALA B 28 -17.94 29.01 -31.47
C ALA B 28 -17.87 30.40 -30.84
N SER B 29 -19.01 30.91 -30.32
CA SER B 29 -19.08 32.22 -29.67
C SER B 29 -18.18 32.30 -28.45
N LYS B 30 -18.20 31.24 -27.64
CA LYS B 30 -17.51 31.08 -26.36
C LYS B 30 -16.09 30.52 -26.41
N ARG B 31 -15.67 29.89 -27.55
CA ARG B 31 -14.34 29.26 -27.68
C ARG B 31 -13.20 30.08 -27.05
N SER B 32 -12.61 29.52 -25.99
CA SER B 32 -11.51 30.12 -25.24
C SER B 32 -10.17 29.84 -25.92
N PHE B 33 -9.11 30.61 -25.52
CA PHE B 33 -7.75 30.47 -26.05
C PHE B 33 -7.31 29.02 -25.82
N LYS B 34 -6.80 28.37 -26.86
CA LYS B 34 -6.33 26.99 -26.81
C LYS B 34 -4.92 26.89 -27.40
N GLU B 35 -4.09 26.02 -26.80
CA GLU B 35 -2.73 25.74 -27.26
C GLU B 35 -2.32 24.34 -26.87
N GLY B 36 -1.39 23.79 -27.63
CA GLY B 36 -0.87 22.44 -27.43
C GLY B 36 -0.06 21.97 -28.62
N ALA B 37 0.83 20.98 -28.40
CA ALA B 37 1.67 20.42 -29.45
C ALA B 37 0.84 19.76 -30.54
N ILE B 38 1.21 20.01 -31.80
CA ILE B 38 0.51 19.41 -32.93
C ILE B 38 1.07 18.00 -33.17
N GLU B 39 0.24 17.12 -33.72
CA GLU B 39 0.67 15.78 -34.06
C GLU B 39 1.24 15.94 -35.48
N THR B 40 2.54 16.29 -35.56
CA THR B 40 3.26 16.54 -36.81
C THR B 40 3.00 15.44 -37.84
N TYR B 41 3.14 14.18 -37.42
CA TYR B 41 2.84 12.97 -38.17
C TYR B 41 2.23 12.00 -37.18
N GLU B 42 1.57 10.94 -37.66
CA GLU B 42 0.94 9.95 -36.78
C GLU B 42 1.93 9.47 -35.73
N GLY B 43 1.55 9.65 -34.47
CA GLY B 43 2.33 9.25 -33.32
C GLY B 43 3.59 10.06 -33.04
N LEU B 44 3.69 11.30 -33.61
CA LEU B 44 4.84 12.17 -33.38
C LEU B 44 4.38 13.58 -33.07
N LEU B 45 4.72 14.08 -31.89
CA LEU B 45 4.39 15.46 -31.48
C LEU B 45 5.49 16.46 -31.87
N SER B 46 5.07 17.71 -32.11
CA SER B 46 5.95 18.82 -32.50
C SER B 46 7.00 19.14 -31.44
N VAL B 47 6.73 18.72 -30.19
CA VAL B 47 7.59 18.96 -29.03
C VAL B 47 8.37 17.73 -28.56
N ASP B 48 8.26 16.61 -29.31
CA ASP B 48 8.98 15.36 -29.03
C ASP B 48 10.48 15.70 -28.93
N PRO B 49 11.18 15.32 -27.82
CA PRO B 49 12.59 15.68 -27.68
C PRO B 49 13.50 15.25 -28.83
N ARG B 50 13.24 14.07 -29.45
CA ARG B 50 14.02 13.58 -30.58
C ARG B 50 13.81 14.48 -31.78
N PHE B 51 12.56 14.92 -32.00
CA PHE B 51 12.20 15.80 -33.10
C PHE B 51 12.85 17.19 -32.99
N LEU B 52 12.84 17.78 -31.77
CA LEU B 52 13.46 19.08 -31.52
C LEU B 52 14.98 18.99 -31.66
N SER B 53 15.58 17.84 -31.23
CA SER B 53 17.02 17.57 -31.35
C SER B 53 17.40 17.54 -32.83
N PHE B 54 16.57 16.85 -33.65
CA PHE B 54 16.71 16.72 -35.11
C PHE B 54 16.72 18.11 -35.74
N LYS B 55 15.70 18.93 -35.39
CA LYS B 55 15.55 20.31 -35.89
C LYS B 55 16.75 21.17 -35.50
N ASN B 56 17.27 21.02 -34.25
CA ASN B 56 18.43 21.77 -33.82
C ASN B 56 19.65 21.42 -34.69
N GLU B 57 19.94 20.11 -34.83
CA GLU B 57 21.08 19.64 -35.62
C GLU B 57 21.00 20.05 -37.10
N LEU B 58 19.83 19.80 -37.74
CA LEU B 58 19.59 20.10 -39.15
C LEU B 58 19.65 21.59 -39.51
N SER B 59 18.94 22.46 -38.75
CA SER B 59 18.93 23.92 -38.98
C SER B 59 20.32 24.50 -38.89
N ARG B 60 21.12 24.06 -37.89
CA ARG B 60 22.50 24.49 -37.68
C ARG B 60 23.42 24.02 -38.80
N TYR B 61 23.33 22.72 -39.18
CA TYR B 61 24.16 22.12 -40.23
C TYR B 61 23.94 22.77 -41.59
N LEU B 62 22.66 22.86 -42.02
CA LEU B 62 22.31 23.42 -43.31
C LEU B 62 22.71 24.89 -43.43
N THR B 63 22.48 25.70 -42.38
CA THR B 63 22.86 27.13 -42.39
C THR B 63 24.38 27.23 -42.53
N ASP B 64 25.12 26.37 -41.81
CA ASP B 64 26.57 26.34 -41.83
C ASP B 64 27.15 25.99 -43.19
N HIS B 65 26.70 24.87 -43.77
CA HIS B 65 27.20 24.36 -45.05
C HIS B 65 26.60 25.00 -46.28
N PHE B 66 25.38 25.55 -46.15
CA PHE B 66 24.73 26.18 -47.29
C PHE B 66 24.30 27.61 -46.97
N PRO B 67 25.29 28.53 -46.87
CA PRO B 67 24.93 29.92 -46.59
C PRO B 67 24.19 30.53 -47.77
N ALA B 68 23.36 31.55 -47.52
CA ALA B 68 22.59 32.24 -48.55
C ALA B 68 23.47 32.80 -49.70
N ASN B 69 23.01 32.60 -50.95
CA ASN B 69 23.65 33.09 -52.17
C ASN B 69 22.68 34.06 -52.84
N VAL B 70 22.62 35.29 -52.30
CA VAL B 70 21.76 36.37 -52.80
C VAL B 70 22.64 37.59 -53.00
N ASP B 71 22.66 38.13 -54.22
CA ASP B 71 23.48 39.30 -54.53
C ASP B 71 22.92 40.63 -53.99
N GLU B 72 23.65 41.74 -54.28
CA GLU B 72 23.35 43.13 -53.88
C GLU B 72 21.98 43.60 -54.37
N TYR B 73 21.45 42.97 -55.45
CA TYR B 73 20.16 43.28 -56.07
C TYR B 73 19.06 42.27 -55.70
N GLY B 74 19.32 41.45 -54.66
CA GLY B 74 18.38 40.45 -54.19
C GLY B 74 18.15 39.31 -55.16
N ARG B 75 19.11 39.06 -56.09
CA ARG B 75 19.01 37.97 -57.06
C ARG B 75 19.65 36.73 -56.46
N VAL B 76 18.94 35.60 -56.51
CA VAL B 76 19.47 34.32 -56.02
C VAL B 76 20.38 33.70 -57.09
N TYR B 77 21.53 33.15 -56.68
CA TYR B 77 22.50 32.47 -57.52
C TYR B 77 23.01 31.21 -56.79
N GLY B 78 24.02 30.56 -57.38
CA GLY B 78 24.72 29.40 -56.83
C GLY B 78 23.87 28.29 -56.27
N ASN B 79 23.91 28.09 -54.93
CA ASN B 79 23.19 27.03 -54.20
C ASN B 79 21.66 27.15 -54.16
N GLY B 80 21.11 28.31 -54.50
CA GLY B 80 19.67 28.55 -54.48
C GLY B 80 19.08 28.82 -53.11
N VAL B 81 19.94 29.16 -52.14
CA VAL B 81 19.56 29.45 -50.75
C VAL B 81 19.44 30.96 -50.54
N ARG B 82 18.34 31.41 -49.89
CA ARG B 82 18.13 32.83 -49.61
C ARG B 82 18.22 33.26 -48.14
N THR B 83 18.14 32.31 -47.19
CA THR B 83 18.24 32.58 -45.74
C THR B 83 18.80 31.40 -44.98
N ASN B 84 18.79 31.51 -43.64
CA ASN B 84 19.15 30.45 -42.72
C ASN B 84 18.00 29.43 -42.66
N PHE B 85 18.26 28.27 -42.08
CA PHE B 85 17.28 27.23 -41.96
C PHE B 85 16.69 27.28 -40.56
N PHE B 86 16.95 28.41 -39.87
CA PHE B 86 16.49 28.67 -38.50
C PHE B 86 14.99 28.90 -38.35
N GLY B 87 14.27 29.05 -39.47
CA GLY B 87 12.82 29.20 -39.48
C GLY B 87 12.05 28.02 -38.90
N MET B 88 12.66 26.81 -38.89
CA MET B 88 12.06 25.57 -38.38
C MET B 88 12.07 25.46 -36.86
N ARG B 89 12.89 26.27 -36.17
CA ARG B 89 13.09 26.29 -34.71
C ARG B 89 11.89 26.81 -33.87
N HIS B 90 10.78 26.09 -33.92
CA HIS B 90 9.57 26.47 -33.22
C HIS B 90 8.86 25.32 -32.49
N MET B 91 8.01 25.71 -31.54
CA MET B 91 7.23 24.78 -30.76
C MET B 91 5.84 24.81 -31.39
N ASN B 92 5.71 24.12 -32.56
CA ASN B 92 4.47 24.09 -33.34
C ASN B 92 3.24 23.71 -32.49
N GLY B 93 2.24 24.59 -32.52
CA GLY B 93 1.01 24.44 -31.76
C GLY B 93 0.90 25.39 -30.58
N PHE B 94 2.03 26.04 -30.23
CA PHE B 94 2.10 27.03 -29.16
C PHE B 94 2.28 28.40 -29.79
N PRO B 95 1.25 29.26 -29.72
CA PRO B 95 1.35 30.58 -30.38
C PRO B 95 2.08 31.65 -29.58
N MET B 96 2.47 32.72 -30.29
CA MET B 96 3.03 33.92 -29.65
C MET B 96 1.85 34.54 -28.88
N ILE B 97 2.14 35.25 -27.79
CA ILE B 97 1.09 35.88 -26.98
C ILE B 97 1.38 37.37 -26.79
N PRO B 98 0.41 38.26 -27.13
CA PRO B 98 -0.93 37.96 -27.66
C PRO B 98 -0.92 38.00 -29.19
N ALA B 99 -2.03 37.59 -29.81
CA ALA B 99 -2.19 37.72 -31.26
C ALA B 99 -2.79 39.12 -31.44
N THR B 100 -2.74 39.67 -32.65
CA THR B 100 -3.26 41.02 -32.87
C THR B 100 -4.76 41.13 -32.83
N TRP B 101 -5.25 42.30 -32.41
CA TRP B 101 -6.65 42.65 -32.49
C TRP B 101 -6.74 43.25 -33.90
N PRO B 102 -7.67 42.79 -34.76
CA PRO B 102 -7.73 43.33 -36.12
C PRO B 102 -8.14 44.80 -36.17
N LEU B 103 -7.41 45.61 -36.94
CA LEU B 103 -7.67 47.04 -37.10
C LEU B 103 -9.03 47.26 -37.77
N ALA B 104 -9.93 47.97 -37.06
CA ALA B 104 -11.27 48.31 -37.52
C ALA B 104 -11.24 49.31 -38.68
N SER B 105 -10.22 50.17 -38.74
CA SER B 105 -10.03 51.12 -39.82
C SER B 105 -8.56 51.25 -40.18
N ASN B 106 -8.24 51.13 -41.48
CA ASN B 106 -6.86 51.25 -41.96
C ASN B 106 -6.59 52.63 -42.57
N LEU B 107 -7.53 53.58 -42.42
CA LEU B 107 -7.41 54.90 -43.04
C LEU B 107 -6.20 55.69 -42.55
N LYS B 108 -5.98 55.72 -41.21
CA LYS B 108 -4.84 56.39 -40.57
C LYS B 108 -3.55 55.64 -40.91
N LYS B 109 -3.59 54.29 -40.88
CA LYS B 109 -2.46 53.41 -41.21
C LYS B 109 -1.91 53.77 -42.59
N ARG B 110 -2.80 53.90 -43.60
CA ARG B 110 -2.48 54.26 -44.99
C ARG B 110 -1.96 55.69 -45.09
N ALA B 111 -2.67 56.67 -44.47
CA ALA B 111 -2.31 58.08 -44.46
C ALA B 111 -0.91 58.31 -43.86
N ASP B 112 -0.63 57.68 -42.71
CA ASP B 112 0.66 57.78 -42.03
C ASP B 112 1.79 57.10 -42.81
N ALA B 113 1.47 56.11 -43.68
CA ALA B 113 2.45 55.45 -44.54
C ALA B 113 2.63 56.24 -45.85
N ASP B 114 1.93 57.41 -45.97
CA ASP B 114 1.94 58.31 -47.13
C ASP B 114 1.42 57.63 -48.39
N LEU B 115 0.31 56.88 -48.22
CA LEU B 115 -0.37 56.16 -49.30
C LEU B 115 -1.66 56.90 -49.63
N ALA B 116 -1.98 56.98 -50.96
CA ALA B 116 -3.12 57.72 -51.52
C ALA B 116 -4.49 57.22 -51.08
N ASP B 117 -5.45 58.17 -50.91
CA ASP B 117 -6.83 57.91 -50.52
C ASP B 117 -7.79 57.87 -51.73
N GLY B 118 -7.22 57.63 -52.89
CA GLY B 118 -7.92 57.53 -54.16
C GLY B 118 -6.95 57.56 -55.31
N PRO B 119 -7.40 57.28 -56.56
CA PRO B 119 -6.47 57.33 -57.71
C PRO B 119 -5.86 58.71 -57.82
N VAL B 120 -4.52 58.77 -57.98
CA VAL B 120 -3.76 60.01 -58.01
C VAL B 120 -4.07 60.84 -59.26
N SER B 121 -4.10 60.18 -60.43
CA SER B 121 -4.35 60.82 -61.72
C SER B 121 -5.56 60.21 -62.41
N GLU B 122 -6.02 60.86 -63.51
CA GLU B 122 -7.14 60.35 -64.28
C GLU B 122 -6.75 59.06 -64.97
N ARG B 123 -5.48 58.95 -65.41
CA ARG B 123 -4.95 57.74 -66.05
C ARG B 123 -5.15 56.56 -65.11
N ASP B 124 -4.70 56.69 -63.86
CA ASP B 124 -4.83 55.65 -62.83
C ASP B 124 -6.28 55.29 -62.59
N ASN B 125 -7.18 56.31 -62.55
CA ASN B 125 -8.61 56.11 -62.38
C ASN B 125 -9.16 55.26 -63.55
N LEU B 126 -8.75 55.57 -64.79
CA LEU B 126 -9.16 54.83 -65.98
C LEU B 126 -8.66 53.39 -65.94
N LEU B 127 -7.42 53.18 -65.47
CA LEU B 127 -6.79 51.86 -65.41
C LEU B 127 -7.46 50.93 -64.40
N PHE B 128 -7.78 51.45 -63.19
CA PHE B 128 -8.46 50.66 -62.17
C PHE B 128 -9.85 50.29 -62.69
N ARG B 129 -10.54 51.24 -63.33
CA ARG B 129 -11.85 51.03 -63.92
C ARG B 129 -11.80 50.08 -65.12
N ALA B 130 -10.72 50.16 -65.94
CA ALA B 130 -10.50 49.27 -67.09
C ALA B 130 -10.41 47.80 -66.63
N ALA B 131 -9.66 47.55 -65.53
CA ALA B 131 -9.45 46.24 -64.92
C ALA B 131 -10.76 45.61 -64.45
N VAL B 132 -11.65 46.42 -63.82
CA VAL B 132 -13.00 46.02 -63.33
C VAL B 132 -13.78 45.50 -64.53
N ARG B 133 -13.76 46.26 -65.62
CA ARG B 133 -14.45 45.95 -66.87
C ARG B 133 -13.88 44.70 -67.54
N LEU B 134 -12.54 44.59 -67.68
CA LEU B 134 -11.94 43.42 -68.30
C LEU B 134 -12.16 42.16 -67.49
N MET B 135 -12.11 42.24 -66.17
CA MET B 135 -12.27 41.08 -65.30
C MET B 135 -13.73 40.62 -65.19
N PHE B 136 -14.68 41.58 -65.18
CA PHE B 136 -16.09 41.31 -64.97
C PHE B 136 -16.99 41.37 -66.22
N SER B 137 -16.44 41.21 -67.42
CA SER B 137 -17.32 41.28 -68.58
C SER B 137 -18.06 40.02 -69.00
N ASP B 138 -17.58 39.34 -70.04
CA ASP B 138 -18.24 38.18 -70.63
C ASP B 138 -17.96 36.86 -69.90
N LEU B 139 -18.56 36.74 -68.71
CA LEU B 139 -18.40 35.58 -67.82
C LEU B 139 -19.34 34.43 -68.14
N GLU B 140 -18.88 33.19 -67.89
CA GLU B 140 -19.68 31.99 -68.12
C GLU B 140 -20.02 31.34 -66.78
N PRO B 141 -21.30 30.95 -66.57
CA PRO B 141 -21.68 30.33 -65.28
C PRO B 141 -21.06 28.96 -65.04
N VAL B 142 -20.65 28.71 -63.80
CA VAL B 142 -20.02 27.46 -63.38
C VAL B 142 -20.67 26.98 -62.05
N PRO B 143 -20.56 25.68 -61.65
CA PRO B 143 -21.13 25.29 -60.35
C PRO B 143 -20.38 25.99 -59.20
N LEU B 144 -21.12 26.25 -58.11
CA LEU B 144 -20.56 26.88 -56.92
C LEU B 144 -19.92 25.73 -56.13
N LYS B 145 -18.57 25.68 -56.08
CA LYS B 145 -17.86 24.61 -55.36
C LYS B 145 -17.58 25.01 -53.92
N ILE B 146 -17.82 24.05 -53.01
CA ILE B 146 -17.67 24.19 -51.56
C ILE B 146 -16.66 23.16 -51.04
N ARG B 147 -15.68 23.60 -50.24
CA ARG B 147 -14.68 22.71 -49.63
C ARG B 147 -15.34 21.81 -48.55
N LYS B 148 -15.06 20.50 -48.59
CA LYS B 148 -15.61 19.51 -47.64
C LYS B 148 -15.06 19.77 -46.22
N GLY B 149 -15.97 19.84 -45.24
CA GLY B 149 -15.60 20.11 -43.87
C GLY B 149 -15.45 21.58 -43.49
N SER B 150 -15.57 22.51 -44.47
CA SER B 150 -15.49 23.96 -44.22
C SER B 150 -16.72 24.43 -43.43
N SER B 151 -16.61 25.54 -42.66
CA SER B 151 -17.71 26.04 -41.83
C SER B 151 -18.58 27.05 -42.56
N THR B 152 -19.86 27.17 -42.15
CA THR B 152 -20.76 28.18 -42.71
C THR B 152 -20.63 29.47 -41.88
N CYS B 153 -19.91 29.35 -40.73
CA CYS B 153 -19.66 30.44 -39.81
C CYS B 153 -20.95 31.14 -39.38
N ILE B 154 -20.93 32.48 -39.24
CA ILE B 154 -22.10 33.24 -38.79
C ILE B 154 -23.35 33.10 -39.70
N PRO B 155 -24.49 32.67 -39.14
CA PRO B 155 -24.76 32.41 -37.71
C PRO B 155 -24.79 30.94 -37.26
N TYR B 156 -24.90 29.97 -38.21
CA TYR B 156 -25.11 28.55 -37.95
C TYR B 156 -23.93 27.67 -37.57
N PHE B 157 -22.75 27.97 -38.11
CA PHE B 157 -21.49 27.23 -37.85
C PHE B 157 -21.58 25.73 -38.19
N SER B 158 -22.27 25.45 -39.31
CA SER B 158 -22.44 24.10 -39.83
C SER B 158 -21.21 23.65 -40.63
N ASN B 159 -20.86 22.34 -40.54
CA ASN B 159 -19.75 21.71 -41.27
C ASN B 159 -20.27 20.56 -42.19
N ASP B 160 -21.61 20.35 -42.18
CA ASP B 160 -22.32 19.36 -42.99
C ASP B 160 -22.58 19.86 -44.39
N MET B 161 -22.12 19.08 -45.40
CA MET B 161 -22.26 19.41 -46.82
C MET B 161 -23.70 19.62 -47.29
N GLY B 162 -24.61 18.77 -46.83
CA GLY B 162 -26.02 18.87 -47.18
C GLY B 162 -26.63 20.18 -46.76
N THR B 163 -26.34 20.59 -45.50
CA THR B 163 -26.80 21.83 -44.89
C THR B 163 -26.20 23.01 -45.65
N LYS B 164 -24.89 22.93 -45.96
CA LYS B 164 -24.13 23.93 -46.71
C LYS B 164 -24.71 24.14 -48.10
N ILE B 165 -25.05 23.04 -48.82
CA ILE B 165 -25.66 23.09 -50.15
C ILE B 165 -27.03 23.81 -50.06
N GLU B 166 -27.86 23.47 -49.07
CA GLU B 166 -29.19 24.07 -48.82
C GLU B 166 -29.07 25.59 -48.59
N ILE B 167 -28.14 26.07 -47.70
CA ILE B 167 -27.97 27.52 -47.44
C ILE B 167 -27.49 28.21 -48.71
N ALA B 168 -26.49 27.61 -49.42
CA ALA B 168 -25.96 28.17 -50.66
C ALA B 168 -27.05 28.33 -51.72
N GLU B 169 -27.89 27.31 -51.92
CA GLU B 169 -28.98 27.36 -52.89
C GLU B 169 -29.99 28.45 -52.49
N ARG B 170 -30.37 28.47 -51.19
CA ARG B 170 -31.29 29.47 -50.63
C ARG B 170 -30.74 30.89 -50.80
N ALA B 171 -29.42 31.06 -50.54
CA ALA B 171 -28.71 32.32 -50.69
C ALA B 171 -28.79 32.83 -52.12
N LEU B 172 -28.63 31.94 -53.12
CA LEU B 172 -28.73 32.35 -54.52
C LEU B 172 -30.15 32.73 -54.89
N GLU B 173 -31.16 32.07 -54.26
CA GLU B 173 -32.57 32.33 -54.48
C GLU B 173 -33.01 33.65 -53.87
N LYS B 174 -32.48 33.98 -52.67
CA LYS B 174 -32.86 35.18 -51.93
C LYS B 174 -31.91 36.38 -51.92
N ALA B 175 -30.78 36.30 -52.67
CA ALA B 175 -29.77 37.36 -52.76
C ALA B 175 -30.35 38.68 -53.23
N GLU B 176 -31.25 38.64 -54.24
CA GLU B 176 -31.89 39.84 -54.80
C GLU B 176 -32.70 40.59 -53.78
N GLU B 177 -33.57 39.86 -53.05
CA GLU B 177 -34.42 40.41 -52.00
C GLU B 177 -33.57 41.03 -50.89
N ALA B 178 -32.48 40.34 -50.50
CA ALA B 178 -31.56 40.77 -49.45
C ALA B 178 -30.77 42.02 -49.86
N GLY B 179 -30.25 42.03 -51.08
CA GLY B 179 -29.51 43.16 -51.63
C GLY B 179 -30.35 44.41 -51.67
N ASN B 180 -31.62 44.26 -52.11
CA ASN B 180 -32.58 45.36 -52.18
C ASN B 180 -32.91 45.93 -50.82
N LEU B 181 -32.90 45.08 -49.77
CA LEU B 181 -33.13 45.50 -48.39
C LEU B 181 -31.97 46.35 -47.92
N MET B 182 -30.75 45.92 -48.23
CA MET B 182 -29.52 46.64 -47.88
C MET B 182 -29.50 47.99 -48.59
N LEU B 183 -30.06 48.07 -49.82
CA LEU B 183 -30.13 49.31 -50.59
C LEU B 183 -31.07 50.32 -49.92
N GLN B 184 -32.08 49.80 -49.18
CA GLN B 184 -33.03 50.60 -48.40
C GLN B 184 -32.48 50.88 -47.00
N GLY B 185 -31.25 50.43 -46.75
CA GLY B 185 -30.56 50.62 -45.48
C GLY B 185 -31.01 49.70 -44.38
N LYS B 186 -31.84 48.68 -44.74
CA LYS B 186 -32.40 47.66 -43.83
C LYS B 186 -31.46 46.44 -43.71
N PHE B 187 -30.26 46.68 -43.14
CA PHE B 187 -29.21 45.67 -42.94
C PHE B 187 -29.59 44.57 -41.98
N ASP B 188 -30.23 44.96 -40.87
CA ASP B 188 -30.71 44.02 -39.86
C ASP B 188 -31.76 43.11 -40.46
N ASP B 189 -32.64 43.65 -41.33
CA ASP B 189 -33.69 42.87 -41.99
C ASP B 189 -33.09 41.84 -42.95
N ALA B 190 -32.07 42.25 -43.75
CA ALA B 190 -31.38 41.36 -44.69
C ALA B 190 -30.74 40.18 -43.96
N TYR B 191 -30.08 40.44 -42.81
CA TYR B 191 -29.46 39.41 -42.00
C TYR B 191 -30.53 38.53 -41.36
N GLN B 192 -31.49 39.15 -40.65
CA GLN B 192 -32.53 38.40 -39.96
C GLN B 192 -33.31 37.46 -40.88
N LEU B 193 -33.63 37.93 -42.10
CA LEU B 193 -34.37 37.12 -43.05
C LEU B 193 -33.52 36.14 -43.82
N HIS B 194 -32.33 36.57 -44.27
CA HIS B 194 -31.51 35.74 -45.14
C HIS B 194 -30.08 35.47 -44.69
N GLN B 195 -29.71 35.84 -43.46
CA GLN B 195 -28.40 35.61 -42.84
C GLN B 195 -27.24 36.24 -43.64
N MET B 196 -27.57 37.32 -44.37
CA MET B 196 -26.63 38.07 -45.21
C MET B 196 -26.28 39.36 -44.49
N GLY B 197 -25.11 39.32 -43.84
CA GLY B 197 -24.59 40.40 -43.01
C GLY B 197 -24.00 39.84 -41.73
N GLY B 198 -24.16 40.58 -40.64
CA GLY B 198 -23.65 40.17 -39.34
C GLY B 198 -22.19 40.54 -39.17
N ALA B 199 -21.28 39.55 -39.25
CA ALA B 199 -19.85 39.78 -39.10
C ALA B 199 -18.98 38.64 -39.60
N TYR B 200 -17.67 38.92 -39.70
CA TYR B 200 -16.66 37.92 -39.99
C TYR B 200 -16.31 37.31 -38.64
N TYR B 201 -15.98 36.02 -38.62
CA TYR B 201 -15.60 35.34 -37.40
C TYR B 201 -14.09 35.18 -37.41
N VAL B 202 -13.41 35.81 -36.45
CA VAL B 202 -11.95 35.80 -36.38
C VAL B 202 -11.37 34.54 -35.76
N VAL B 203 -10.60 33.79 -36.56
CA VAL B 203 -9.84 32.63 -36.12
C VAL B 203 -8.36 32.96 -36.26
N TYR B 204 -7.52 32.52 -35.32
CA TYR B 204 -6.10 32.80 -35.46
C TYR B 204 -5.36 31.57 -35.94
N ARG B 205 -4.71 31.68 -37.09
CA ARG B 205 -4.00 30.56 -37.69
C ARG B 205 -2.48 30.69 -37.53
N ALA B 206 -1.79 29.56 -37.39
CA ALA B 206 -0.34 29.56 -37.26
C ALA B 206 0.41 29.79 -38.58
N GLN B 207 1.50 30.55 -38.53
CA GLN B 207 2.48 30.71 -39.61
C GLN B 207 3.65 30.03 -38.89
N SER B 208 3.71 28.72 -39.10
CA SER B 208 4.61 27.74 -38.47
C SER B 208 6.09 28.06 -38.54
N THR B 209 6.48 28.82 -39.57
CA THR B 209 7.86 29.20 -39.86
C THR B 209 7.99 30.72 -39.97
N ASP B 210 8.83 31.29 -39.14
CA ASP B 210 9.08 32.72 -39.18
C ASP B 210 10.56 32.97 -38.92
N ALA B 211 11.07 34.11 -39.40
CA ALA B 211 12.49 34.50 -39.30
C ALA B 211 13.09 34.40 -37.90
N ILE B 212 14.21 33.67 -37.80
CA ILE B 212 15.02 33.49 -36.58
C ILE B 212 16.47 33.59 -37.00
N THR B 213 17.25 34.48 -36.34
CA THR B 213 18.66 34.71 -36.63
C THR B 213 19.51 34.29 -35.46
N LEU B 214 20.75 33.88 -35.75
CA LEU B 214 21.70 33.52 -34.71
C LEU B 214 22.68 34.67 -34.57
N ASP B 215 22.68 35.33 -33.40
CA ASP B 215 23.57 36.45 -33.13
C ASP B 215 24.99 35.89 -32.92
N PRO B 216 25.95 36.19 -33.83
CA PRO B 216 27.30 35.65 -33.67
C PRO B 216 28.02 36.13 -32.42
N LYS B 217 27.75 37.40 -32.02
CA LYS B 217 28.31 38.07 -30.83
C LYS B 217 27.99 37.31 -29.54
N THR B 218 26.72 36.89 -29.37
CA THR B 218 26.26 36.19 -28.18
C THR B 218 26.08 34.66 -28.29
N GLY B 219 25.92 34.16 -29.52
CA GLY B 219 25.66 32.74 -29.76
C GLY B 219 24.24 32.35 -29.42
N LYS B 220 23.38 33.37 -29.19
CA LYS B 220 21.98 33.24 -28.85
C LYS B 220 21.07 33.56 -30.03
N PHE B 221 19.91 32.88 -30.06
CA PHE B 221 18.91 33.01 -31.12
C PHE B 221 17.92 34.15 -30.88
N VAL B 222 17.64 34.93 -31.96
CA VAL B 222 16.72 36.06 -31.90
C VAL B 222 15.58 35.82 -32.89
N SER B 223 14.33 35.78 -32.38
CA SER B 223 13.15 35.61 -33.22
C SER B 223 12.69 36.97 -33.73
N LYS B 224 12.21 37.02 -34.99
CA LYS B 224 11.69 38.26 -35.61
C LYS B 224 10.53 38.79 -34.78
N ASP B 225 10.62 40.06 -34.35
CA ASP B 225 9.56 40.69 -33.56
C ASP B 225 8.33 40.88 -34.44
N ARG B 226 7.16 40.44 -33.95
CA ARG B 226 5.92 40.58 -34.69
C ARG B 226 5.01 41.52 -33.93
N MET B 227 4.74 42.69 -34.54
CA MET B 227 3.92 43.75 -33.95
C MET B 227 2.45 43.41 -33.89
N VAL B 228 1.86 43.64 -32.73
CA VAL B 228 0.45 43.38 -32.48
C VAL B 228 -0.24 44.61 -31.88
N ALA B 229 -1.49 44.83 -32.28
CA ALA B 229 -2.28 45.93 -31.79
C ALA B 229 -3.13 45.43 -30.63
N ASP B 230 -3.21 46.24 -29.56
CA ASP B 230 -4.08 45.89 -28.44
C ASP B 230 -5.50 46.32 -28.82
N PHE B 231 -6.51 45.99 -28.00
CA PHE B 231 -7.90 46.36 -28.30
C PHE B 231 -8.07 47.85 -28.63
N GLU B 232 -7.53 48.74 -27.77
CA GLU B 232 -7.62 50.19 -27.92
C GLU B 232 -7.10 50.67 -29.25
N TYR B 233 -5.93 50.14 -29.66
CA TYR B 233 -5.31 50.49 -30.93
C TYR B 233 -6.20 50.09 -32.12
N ALA B 234 -6.76 48.85 -32.09
CA ALA B 234 -7.61 48.29 -33.14
C ALA B 234 -8.89 49.08 -33.42
N VAL B 235 -9.67 49.45 -32.35
CA VAL B 235 -10.92 50.25 -32.46
C VAL B 235 -10.69 51.70 -32.91
N THR B 236 -9.57 52.30 -32.48
CA THR B 236 -9.22 53.68 -32.81
C THR B 236 -8.39 53.81 -34.11
N GLY B 237 -8.10 52.68 -34.75
CA GLY B 237 -7.32 52.63 -35.99
C GLY B 237 -5.92 53.21 -35.89
N GLY B 238 -5.33 53.11 -34.71
CA GLY B 238 -3.99 53.59 -34.43
C GLY B 238 -3.92 54.90 -33.69
N GLU B 239 -5.08 55.53 -33.42
CA GLU B 239 -5.14 56.83 -32.73
C GLU B 239 -4.76 56.71 -31.26
N GLN B 240 -5.29 55.70 -30.60
CA GLN B 240 -5.03 55.44 -29.19
C GLN B 240 -4.48 54.02 -29.05
N GLY B 241 -4.24 53.59 -27.82
CA GLY B 241 -3.70 52.27 -27.55
C GLY B 241 -2.27 52.07 -28.02
N SER B 242 -1.80 50.81 -28.01
CA SER B 242 -0.43 50.51 -28.38
C SER B 242 -0.22 49.36 -29.37
N LEU B 243 0.87 49.50 -30.12
CA LEU B 243 1.39 48.55 -31.09
C LEU B 243 2.70 48.08 -30.46
N PHE B 244 2.79 46.80 -30.18
CA PHE B 244 3.94 46.25 -29.48
C PHE B 244 4.31 44.86 -30.00
N ALA B 245 5.54 44.42 -29.73
CA ALA B 245 6.03 43.11 -30.12
C ALA B 245 5.38 42.02 -29.27
N ALA B 246 4.78 41.00 -29.92
CA ALA B 246 4.18 39.87 -29.20
C ALA B 246 5.30 39.02 -28.59
N SER B 247 4.99 38.26 -27.52
CA SER B 247 6.00 37.41 -26.89
C SER B 247 6.06 36.03 -27.56
N LYS B 248 7.19 35.74 -28.23
CA LYS B 248 7.45 34.45 -28.89
C LYS B 248 8.27 33.55 -27.97
N ASP B 249 8.66 34.09 -26.79
CA ASP B 249 9.44 33.35 -25.80
C ASP B 249 8.67 32.11 -25.34
N ALA B 250 9.28 30.94 -25.54
CA ALA B 250 8.69 29.64 -25.22
C ALA B 250 9.08 29.09 -23.82
N SER B 251 9.85 29.87 -23.02
CA SER B 251 10.28 29.51 -21.66
C SER B 251 9.10 29.07 -20.80
N ARG B 252 7.96 29.79 -20.94
CA ARG B 252 6.69 29.56 -20.24
C ARG B 252 6.18 28.13 -20.29
N LEU B 253 6.45 27.41 -21.40
CA LEU B 253 6.01 26.02 -21.63
C LEU B 253 6.57 25.02 -20.62
N LYS B 254 7.77 25.30 -20.07
CA LYS B 254 8.38 24.47 -19.04
C LYS B 254 7.57 24.56 -17.76
N GLU B 255 7.29 25.80 -17.32
CA GLU B 255 6.52 26.08 -16.12
C GLU B 255 5.06 25.65 -16.24
N GLN B 256 4.39 26.04 -17.33
CA GLN B 256 2.97 25.74 -17.56
C GLN B 256 2.66 24.28 -17.87
N TYR B 257 3.48 23.64 -18.72
CA TYR B 257 3.18 22.30 -19.20
C TYR B 257 4.21 21.21 -18.88
N GLY B 258 5.38 21.59 -18.39
CA GLY B 258 6.45 20.63 -18.10
C GLY B 258 7.17 20.18 -19.36
N ILE B 259 7.14 21.02 -20.41
CA ILE B 259 7.77 20.72 -21.69
C ILE B 259 9.17 21.29 -21.71
N ASP B 260 10.17 20.45 -22.04
CA ASP B 260 11.55 20.90 -22.15
C ASP B 260 11.67 21.75 -23.41
N VAL B 261 12.14 22.98 -23.24
CA VAL B 261 12.31 23.94 -24.32
C VAL B 261 13.81 24.06 -24.63
N PRO B 262 14.31 23.51 -25.77
CA PRO B 262 15.73 23.67 -26.08
C PRO B 262 16.02 25.12 -26.42
N ASP B 263 17.29 25.55 -26.30
CA ASP B 263 17.70 26.92 -26.62
C ASP B 263 17.42 27.20 -28.09
N GLY B 264 16.92 28.40 -28.38
CA GLY B 264 16.63 28.83 -29.74
C GLY B 264 15.33 28.35 -30.35
N PHE B 265 14.38 27.88 -29.52
CA PHE B 265 13.07 27.44 -29.97
C PHE B 265 12.01 28.41 -29.46
N PHE B 266 11.10 28.81 -30.35
CA PHE B 266 10.12 29.85 -30.05
C PHE B 266 8.70 29.45 -30.32
N CYS B 267 7.76 30.28 -29.82
CA CYS B 267 6.33 30.12 -30.06
C CYS B 267 6.07 30.62 -31.48
N GLU B 268 5.07 30.02 -32.16
CA GLU B 268 4.72 30.33 -33.55
C GLU B 268 4.11 31.71 -33.77
N ARG B 269 4.30 32.23 -34.99
CA ARG B 269 3.69 33.47 -35.42
C ARG B 269 2.23 33.18 -35.69
N ARG B 270 1.33 33.99 -35.12
CA ARG B 270 -0.09 33.80 -35.35
C ARG B 270 -0.67 34.92 -36.20
N ARG B 271 -1.44 34.54 -37.23
CA ARG B 271 -2.06 35.47 -38.18
C ARG B 271 -3.57 35.46 -38.02
N THR B 272 -4.22 36.63 -38.21
CA THR B 272 -5.68 36.67 -38.14
C THR B 272 -6.18 36.06 -39.43
N ALA B 273 -7.25 35.31 -39.33
CA ALA B 273 -7.92 34.69 -40.46
C ALA B 273 -9.39 34.88 -40.15
N MET B 274 -10.19 35.26 -41.15
CA MET B 274 -11.60 35.53 -40.93
C MET B 274 -12.47 34.67 -41.77
N GLY B 275 -13.52 34.11 -41.14
CA GLY B 275 -14.53 33.27 -41.78
C GLY B 275 -15.77 34.09 -42.05
N GLY B 276 -16.16 34.17 -43.32
CA GLY B 276 -17.31 34.95 -43.71
C GLY B 276 -18.64 34.29 -43.43
N PRO B 277 -19.72 35.12 -43.29
CA PRO B 277 -21.07 34.53 -43.14
C PRO B 277 -21.43 33.90 -44.49
N PHE B 278 -21.54 32.56 -44.51
CA PHE B 278 -21.76 31.80 -45.75
C PHE B 278 -22.88 32.25 -46.67
N ALA B 279 -24.03 32.64 -46.10
CA ALA B 279 -25.17 33.12 -46.90
C ALA B 279 -24.80 34.34 -47.74
N LEU B 280 -23.94 35.24 -47.21
CA LEU B 280 -23.45 36.42 -47.93
C LEU B 280 -22.36 36.03 -48.93
N ASN B 281 -21.47 35.09 -48.55
CA ASN B 281 -20.39 34.64 -49.43
C ASN B 281 -20.85 33.90 -50.68
N ALA B 282 -21.85 32.98 -50.55
CA ALA B 282 -22.37 32.20 -51.66
C ALA B 282 -22.66 33.04 -52.94
N PRO B 283 -23.51 34.12 -52.90
CA PRO B 283 -23.73 34.93 -54.11
C PRO B 283 -22.48 35.61 -54.68
N ILE B 284 -21.47 35.89 -53.81
CA ILE B 284 -20.20 36.52 -54.23
C ILE B 284 -19.32 35.50 -54.95
N MET B 285 -19.22 34.29 -54.38
CA MET B 285 -18.45 33.17 -54.93
C MET B 285 -18.95 32.79 -56.33
N ALA B 286 -20.29 32.80 -56.51
CA ALA B 286 -20.98 32.48 -57.77
C ALA B 286 -20.55 33.39 -58.95
N VAL B 287 -20.06 34.59 -58.65
CA VAL B 287 -19.59 35.55 -59.64
C VAL B 287 -18.06 35.50 -59.70
N ALA B 288 -17.39 35.36 -58.53
CA ALA B 288 -15.92 35.29 -58.39
C ALA B 288 -15.29 34.16 -59.20
N GLN B 289 -15.86 32.93 -59.13
CA GLN B 289 -15.32 31.80 -59.89
C GLN B 289 -15.31 32.05 -61.39
N PRO B 290 -16.44 32.47 -62.03
CA PRO B 290 -16.38 32.78 -63.47
C PRO B 290 -15.35 33.87 -63.84
N VAL B 291 -15.06 34.82 -62.92
CA VAL B 291 -14.05 35.88 -63.11
C VAL B 291 -12.66 35.22 -63.16
N ARG B 292 -12.36 34.29 -62.22
CA ARG B 292 -11.09 33.55 -62.18
C ARG B 292 -10.90 32.79 -63.49
N ASN B 293 -11.95 32.07 -63.95
CA ASN B 293 -11.92 31.32 -65.18
C ASN B 293 -11.58 32.21 -66.38
N LYS B 294 -12.11 33.46 -66.41
CA LYS B 294 -11.82 34.43 -67.48
C LYS B 294 -10.37 34.89 -67.42
N ILE B 295 -9.94 35.39 -66.25
CA ILE B 295 -8.58 35.89 -66.09
C ILE B 295 -7.50 34.81 -66.25
N TYR B 296 -7.79 33.57 -65.85
CA TYR B 296 -6.82 32.47 -66.01
C TYR B 296 -6.78 31.91 -67.44
N SER B 297 -7.78 32.26 -68.28
CA SER B 297 -7.84 31.84 -69.69
C SER B 297 -7.39 32.99 -70.62
N LYS B 298 -8.22 34.05 -70.75
CA LYS B 298 -7.90 35.19 -71.61
C LYS B 298 -6.62 35.90 -71.19
N TYR B 299 -6.39 36.06 -69.88
CA TYR B 299 -5.20 36.75 -69.38
C TYR B 299 -4.24 35.83 -68.67
N ALA B 300 -4.16 34.56 -69.16
CA ALA B 300 -3.30 33.50 -68.63
C ALA B 300 -1.85 33.92 -68.48
N TYR B 301 -1.35 34.79 -69.39
CA TYR B 301 0.03 35.27 -69.34
C TYR B 301 0.34 35.90 -68.00
N THR B 302 -0.47 36.87 -67.58
CA THR B 302 -0.26 37.60 -66.35
C THR B 302 -0.70 36.82 -65.13
N PHE B 303 -1.84 36.11 -65.23
CA PHE B 303 -2.51 35.47 -64.10
C PHE B 303 -2.49 33.96 -63.89
N HIS B 304 -2.30 33.15 -64.96
CA HIS B 304 -2.30 31.69 -64.80
C HIS B 304 -0.90 31.08 -64.65
N HIS B 305 -0.59 30.67 -63.41
CA HIS B 305 0.71 30.11 -63.03
C HIS B 305 0.58 28.69 -62.48
N THR B 306 1.28 27.74 -63.13
CA THR B 306 1.24 26.32 -62.78
C THR B 306 2.61 25.80 -62.35
N THR B 307 3.46 25.38 -63.31
CA THR B 307 4.77 24.81 -63.08
C THR B 307 5.88 25.81 -63.13
N ARG B 308 7.08 25.41 -62.66
CA ARG B 308 8.31 26.20 -62.69
C ARG B 308 8.71 26.51 -64.14
N LEU B 309 8.44 25.56 -65.07
CA LEU B 309 8.75 25.71 -66.50
C LEU B 309 7.78 26.66 -67.19
N ASN B 310 6.49 26.63 -66.77
CA ASN B 310 5.42 27.52 -67.25
C ASN B 310 5.83 28.98 -66.97
N LYS B 311 6.35 29.25 -65.74
CA LYS B 311 6.83 30.57 -65.30
C LYS B 311 8.11 30.94 -66.05
N GLU B 312 9.03 29.96 -66.20
CA GLU B 312 10.33 30.12 -66.85
C GLU B 312 10.22 30.59 -68.30
N GLU B 313 9.30 30.00 -69.07
CA GLU B 313 9.08 30.32 -70.48
C GLU B 313 8.82 31.82 -70.72
N LYS B 314 8.04 32.45 -69.81
CA LYS B 314 7.69 33.87 -69.86
C LYS B 314 8.89 34.76 -69.52
N VAL B 315 9.48 34.51 -68.32
CA VAL B 315 10.61 35.25 -67.75
C VAL B 315 11.87 35.21 -68.63
N LYS B 316 12.18 34.05 -69.27
CA LYS B 316 13.36 33.88 -70.13
C LYS B 316 13.40 34.88 -71.31
N GLU B 317 12.22 35.32 -71.78
CA GLU B 317 12.07 36.27 -72.88
C GLU B 317 12.36 37.71 -72.46
N TRP B 318 12.40 37.98 -71.15
CA TRP B 318 12.61 39.33 -70.62
C TRP B 318 14.07 39.73 -70.61
N SER B 319 14.34 41.01 -70.81
CA SER B 319 15.69 41.56 -70.73
C SER B 319 15.98 41.92 -69.26
N LEU B 320 14.92 42.27 -68.50
CA LEU B 320 15.01 42.61 -67.09
C LEU B 320 13.85 42.02 -66.30
N CYS B 321 14.15 41.40 -65.14
CA CYS B 321 13.15 40.82 -64.25
C CYS B 321 13.33 41.37 -62.84
N VAL B 322 12.35 42.16 -62.37
CA VAL B 322 12.37 42.78 -61.04
C VAL B 322 11.31 42.14 -60.10
N ALA B 323 11.78 41.33 -59.11
CA ALA B 323 10.92 40.66 -58.12
C ALA B 323 10.51 41.61 -56.97
N THR B 324 9.20 41.96 -56.93
CA THR B 324 8.66 42.90 -55.93
C THR B 324 8.13 42.25 -54.66
N ASP B 325 8.06 43.07 -53.59
CA ASP B 325 7.59 42.72 -52.25
C ASP B 325 6.63 43.82 -51.77
N VAL B 326 5.48 43.42 -51.21
CA VAL B 326 4.47 44.35 -50.69
C VAL B 326 4.38 44.19 -49.19
N SER B 327 4.46 45.31 -48.46
CA SER B 327 4.36 45.29 -47.01
C SER B 327 2.90 45.17 -46.59
N ASP B 328 2.59 44.14 -45.78
CA ASP B 328 1.28 43.89 -45.18
C ASP B 328 0.10 44.16 -46.11
N HIS B 329 0.04 43.42 -47.23
CA HIS B 329 -0.99 43.59 -48.25
C HIS B 329 -2.39 43.83 -47.72
N ASP B 330 -2.99 42.76 -47.19
CA ASP B 330 -4.38 42.69 -46.75
C ASP B 330 -4.83 43.78 -45.79
N THR B 331 -3.99 44.15 -44.83
CA THR B 331 -4.32 45.21 -43.88
C THR B 331 -4.26 46.61 -44.53
N PHE B 332 -3.39 46.80 -45.55
CA PHE B 332 -3.24 48.06 -46.29
C PHE B 332 -4.20 48.21 -47.47
N TRP B 333 -4.89 47.12 -47.91
CA TRP B 333 -5.82 47.13 -49.04
C TRP B 333 -6.84 48.28 -48.91
N PRO B 334 -6.95 49.19 -49.91
CA PRO B 334 -7.82 50.36 -49.76
C PRO B 334 -9.32 50.24 -49.99
N GLY B 335 -10.09 50.77 -49.05
CA GLY B 335 -11.54 50.82 -49.13
C GLY B 335 -12.02 51.64 -50.30
N TRP B 336 -11.24 52.66 -50.73
CA TRP B 336 -11.61 53.44 -51.89
C TRP B 336 -11.65 52.58 -53.15
N LEU B 337 -10.83 51.49 -53.19
CA LEU B 337 -10.84 50.58 -54.33
C LEU B 337 -12.13 49.75 -54.35
N ARG B 338 -12.63 49.33 -53.18
CA ARG B 338 -13.92 48.63 -53.06
C ARG B 338 -14.99 49.52 -53.68
N ASP B 339 -15.01 50.81 -53.28
CA ASP B 339 -15.99 51.78 -53.76
C ASP B 339 -15.87 52.08 -55.25
N LEU B 340 -14.63 52.15 -55.79
CA LEU B 340 -14.37 52.35 -57.21
C LEU B 340 -14.87 51.11 -57.99
N ILE B 341 -14.48 49.90 -57.54
CA ILE B 341 -14.89 48.59 -58.11
C ILE B 341 -16.41 48.48 -58.17
N CYS B 342 -17.12 48.88 -57.10
CA CYS B 342 -18.58 48.88 -56.99
C CYS B 342 -19.22 49.89 -57.95
N ASP B 343 -18.69 51.11 -57.98
CA ASP B 343 -19.17 52.17 -58.85
C ASP B 343 -19.07 51.76 -60.31
N GLU B 344 -17.92 51.17 -60.72
CA GLU B 344 -17.71 50.73 -62.10
C GLU B 344 -18.59 49.55 -62.51
N LEU B 345 -18.83 48.59 -61.58
CA LEU B 345 -19.73 47.45 -61.83
C LEU B 345 -21.13 47.97 -62.08
N LEU B 346 -21.57 48.99 -61.31
CA LEU B 346 -22.88 49.62 -61.50
C LEU B 346 -22.96 50.24 -62.88
N ASN B 347 -21.89 50.97 -63.31
CA ASN B 347 -21.78 51.60 -64.64
C ASN B 347 -21.81 50.57 -65.76
N MET B 348 -21.27 49.35 -65.51
CA MET B 348 -21.27 48.24 -66.48
C MET B 348 -22.67 47.64 -66.66
N GLY B 349 -23.53 47.84 -65.67
CA GLY B 349 -24.90 47.33 -65.69
C GLY B 349 -25.16 46.14 -64.81
N TYR B 350 -24.25 45.88 -63.84
CA TYR B 350 -24.41 44.78 -62.86
C TYR B 350 -25.57 45.13 -61.95
N ALA B 351 -26.38 44.11 -61.58
CA ALA B 351 -27.53 44.29 -60.69
C ALA B 351 -27.15 45.11 -59.44
N PRO B 352 -27.79 46.28 -59.17
CA PRO B 352 -27.40 47.08 -57.98
C PRO B 352 -27.48 46.32 -56.66
N TRP B 353 -28.45 45.41 -56.53
CA TRP B 353 -28.60 44.58 -55.33
C TRP B 353 -27.37 43.70 -55.10
N TRP B 354 -26.77 43.16 -56.17
CA TRP B 354 -25.59 42.32 -56.06
C TRP B 354 -24.40 43.17 -55.65
N VAL B 355 -24.27 44.36 -56.27
CA VAL B 355 -23.21 45.33 -56.03
C VAL B 355 -23.21 45.74 -54.56
N LYS B 356 -24.43 45.85 -53.98
CA LYS B 356 -24.63 46.21 -52.58
C LYS B 356 -24.18 45.10 -51.66
N LEU B 357 -24.47 43.83 -52.02
CA LEU B 357 -24.05 42.66 -51.24
C LEU B 357 -22.52 42.60 -51.25
N PHE B 358 -21.93 42.77 -52.44
CA PHE B 358 -20.49 42.77 -52.63
C PHE B 358 -19.84 43.89 -51.77
N GLU B 359 -20.34 45.16 -51.91
CA GLU B 359 -19.86 46.32 -51.14
C GLU B 359 -19.92 46.01 -49.64
N THR B 360 -21.09 45.52 -49.15
CA THR B 360 -21.31 45.19 -47.75
C THR B 360 -20.32 44.15 -47.22
N SER B 361 -19.94 43.16 -48.06
CA SER B 361 -18.98 42.10 -47.68
C SER B 361 -17.61 42.68 -47.34
N LEU B 362 -17.32 43.88 -47.86
CA LEU B 362 -16.06 44.57 -47.64
C LEU B 362 -16.14 45.75 -46.64
N LYS B 363 -17.22 45.80 -45.85
CA LYS B 363 -17.46 46.83 -44.81
C LYS B 363 -17.91 46.19 -43.50
N LEU B 364 -18.04 44.87 -43.52
CA LEU B 364 -18.57 44.09 -42.43
C LEU B 364 -17.82 44.12 -41.11
N PRO B 365 -18.59 44.19 -39.97
CA PRO B 365 -17.96 44.06 -38.63
C PRO B 365 -17.19 42.74 -38.45
N VAL B 366 -16.38 42.65 -37.40
CA VAL B 366 -15.58 41.45 -37.11
C VAL B 366 -15.79 40.95 -35.67
N TYR B 367 -16.04 39.65 -35.49
CA TYR B 367 -16.18 39.09 -34.17
C TYR B 367 -14.83 38.48 -33.78
N VAL B 368 -14.19 39.07 -32.76
CA VAL B 368 -12.89 38.62 -32.27
C VAL B 368 -13.05 37.47 -31.27
N GLY B 369 -12.45 36.34 -31.64
CA GLY B 369 -12.46 35.12 -30.85
C GLY B 369 -11.60 35.20 -29.59
N ALA B 370 -10.41 34.57 -29.63
CA ALA B 370 -9.50 34.52 -28.49
C ALA B 370 -8.03 34.80 -28.87
N PRO B 371 -7.62 36.10 -28.88
CA PRO B 371 -6.21 36.43 -29.22
C PRO B 371 -5.17 36.00 -28.18
N ALA B 372 -5.63 35.80 -26.93
CA ALA B 372 -4.82 35.44 -25.77
C ALA B 372 -5.74 34.92 -24.65
N PRO B 373 -5.23 34.24 -23.60
CA PRO B 373 -6.11 33.82 -22.51
C PRO B 373 -6.76 35.03 -21.83
N GLU B 374 -8.06 34.93 -21.46
CA GLU B 374 -8.82 36.01 -20.81
C GLU B 374 -8.92 37.31 -21.65
N GLN B 375 -8.97 37.15 -22.98
CA GLN B 375 -9.09 38.23 -23.97
C GLN B 375 -9.96 37.78 -25.13
N GLY B 376 -10.65 38.74 -25.74
CA GLY B 376 -11.49 38.51 -26.91
C GLY B 376 -12.96 38.47 -26.63
N HIS B 377 -13.70 37.67 -27.42
CA HIS B 377 -15.16 37.50 -27.36
C HIS B 377 -15.85 38.87 -27.44
N THR B 378 -15.45 39.64 -28.46
CA THR B 378 -15.90 41.01 -28.68
C THR B 378 -16.18 41.23 -30.16
N LEU B 379 -17.32 41.85 -30.45
CA LEU B 379 -17.71 42.23 -31.80
C LEU B 379 -17.22 43.66 -32.05
N LEU B 380 -16.48 43.89 -33.15
CA LEU B 380 -15.99 45.22 -33.55
C LEU B 380 -16.82 45.69 -34.73
N GLY B 381 -17.43 46.86 -34.59
CA GLY B 381 -18.31 47.41 -35.61
C GLY B 381 -19.75 47.02 -35.38
N ASP B 382 -20.69 47.84 -35.87
CA ASP B 382 -22.10 47.62 -35.68
C ASP B 382 -22.70 46.95 -36.92
N PRO B 383 -23.26 45.72 -36.79
CA PRO B 383 -23.85 45.04 -37.96
C PRO B 383 -25.09 45.72 -38.54
N SER B 384 -25.74 46.62 -37.77
CA SER B 384 -26.92 47.36 -38.22
C SER B 384 -26.53 48.35 -39.31
N ASN B 385 -25.26 48.80 -39.29
CA ASN B 385 -24.71 49.70 -40.29
C ASN B 385 -23.24 49.40 -40.64
N PRO B 386 -22.99 48.41 -41.55
CA PRO B 386 -21.60 48.06 -41.89
C PRO B 386 -20.81 49.25 -42.43
N ASP B 387 -19.73 49.60 -41.70
CA ASP B 387 -18.87 50.76 -42.01
C ASP B 387 -17.37 50.54 -41.67
N LEU B 388 -16.91 49.28 -41.50
CA LEU B 388 -15.51 48.98 -41.19
C LEU B 388 -14.59 49.14 -42.39
N GLU B 389 -13.31 49.43 -42.12
CA GLU B 389 -12.24 49.62 -43.11
C GLU B 389 -11.04 48.74 -42.73
N VAL B 390 -11.29 47.42 -42.56
CA VAL B 390 -10.29 46.43 -42.15
C VAL B 390 -9.24 46.14 -43.21
N GLY B 391 -9.47 46.64 -44.41
CA GLY B 391 -8.67 46.35 -45.58
C GLY B 391 -9.39 45.21 -46.27
N LEU B 392 -8.66 44.13 -46.58
CA LEU B 392 -9.23 42.97 -47.24
C LEU B 392 -9.42 41.85 -46.21
N SER B 393 -10.70 41.42 -45.99
CA SER B 393 -11.05 40.31 -45.06
C SER B 393 -10.71 38.99 -45.73
N SER B 394 -9.85 38.15 -45.11
CA SER B 394 -9.40 36.88 -45.67
C SER B 394 -10.49 35.89 -46.14
N GLY B 395 -11.65 35.93 -45.49
CA GLY B 395 -12.77 35.05 -45.80
C GLY B 395 -13.84 35.62 -46.70
N GLN B 396 -13.58 36.77 -47.35
CA GLN B 396 -14.51 37.38 -48.30
C GLN B 396 -14.46 36.50 -49.57
N GLY B 397 -15.60 36.34 -50.23
CA GLY B 397 -15.73 35.48 -51.41
C GLY B 397 -14.82 35.70 -52.60
N ALA B 398 -14.17 36.88 -52.69
CA ALA B 398 -13.32 37.25 -53.83
C ALA B 398 -12.01 37.93 -53.43
N THR B 399 -11.44 37.59 -52.25
CA THR B 399 -10.19 38.20 -51.75
C THR B 399 -8.99 38.12 -52.70
N ASP B 400 -8.85 36.97 -53.38
CA ASP B 400 -7.75 36.76 -54.34
C ASP B 400 -7.87 37.76 -55.49
N LEU B 401 -9.09 37.94 -56.03
CA LEU B 401 -9.37 38.88 -57.10
C LEU B 401 -9.17 40.32 -56.67
N MET B 402 -9.56 40.64 -55.44
CA MET B 402 -9.41 42.00 -54.89
C MET B 402 -7.95 42.44 -54.80
N GLY B 403 -7.10 41.55 -54.30
CA GLY B 403 -5.67 41.81 -54.20
C GLY B 403 -5.03 41.87 -55.58
N THR B 404 -5.43 40.92 -56.46
CA THR B 404 -4.95 40.83 -57.85
C THR B 404 -5.26 42.10 -58.67
N LEU B 405 -6.53 42.60 -58.58
CA LEU B 405 -7.01 43.83 -59.23
C LEU B 405 -6.14 45.00 -58.77
N LEU B 406 -6.03 45.22 -57.43
CA LEU B 406 -5.22 46.29 -56.86
C LEU B 406 -3.77 46.22 -57.31
N MET B 407 -3.13 45.05 -57.06
CA MET B 407 -1.72 44.88 -57.35
C MET B 407 -1.33 44.92 -58.81
N SER B 408 -2.09 44.25 -59.70
CA SER B 408 -1.78 44.30 -61.13
C SER B 408 -1.71 45.74 -61.67
N ILE B 409 -2.70 46.60 -61.28
CA ILE B 409 -2.75 48.00 -61.70
C ILE B 409 -1.63 48.79 -61.02
N THR B 410 -1.38 48.53 -59.71
CA THR B 410 -0.32 49.19 -58.96
C THR B 410 1.05 49.02 -59.65
N TYR B 411 1.37 47.77 -60.08
CA TYR B 411 2.63 47.46 -60.76
C TYR B 411 2.70 48.08 -62.13
N LEU B 412 1.58 48.06 -62.88
CA LEU B 412 1.51 48.67 -64.22
C LEU B 412 1.80 50.19 -64.10
N VAL B 413 1.15 50.87 -63.11
CA VAL B 413 1.29 52.29 -62.79
C VAL B 413 2.74 52.62 -62.41
N MET B 414 3.42 51.70 -61.72
CA MET B 414 4.82 51.84 -61.35
C MET B 414 5.70 51.79 -62.62
N GLN B 415 5.39 50.86 -63.56
CA GLN B 415 6.13 50.73 -64.83
C GLN B 415 5.90 51.96 -65.73
N LEU B 416 4.67 52.51 -65.73
CA LEU B 416 4.35 53.71 -66.52
C LEU B 416 5.05 54.95 -65.97
N ASP B 417 4.92 55.17 -64.65
CA ASP B 417 5.51 56.31 -63.93
C ASP B 417 7.01 56.40 -64.08
N HIS B 418 7.71 55.28 -63.82
CA HIS B 418 9.16 55.24 -63.77
C HIS B 418 9.89 54.80 -65.01
N THR B 419 9.20 54.11 -65.95
CA THR B 419 9.88 53.55 -67.11
C THR B 419 9.26 53.84 -68.46
N ALA B 420 7.93 53.92 -68.53
CA ALA B 420 7.27 54.10 -69.83
C ALA B 420 6.30 55.31 -70.01
N PRO B 421 6.77 56.57 -69.86
CA PRO B 421 5.87 57.73 -70.09
C PRO B 421 5.33 57.81 -71.53
N HIS B 422 6.04 57.19 -72.48
CA HIS B 422 5.68 57.12 -73.89
C HIS B 422 4.42 56.29 -74.15
N LEU B 423 3.98 55.51 -73.15
CA LEU B 423 2.77 54.73 -73.30
C LEU B 423 1.54 55.45 -72.74
N ASN B 424 1.75 56.56 -71.98
CA ASN B 424 0.64 57.35 -71.40
C ASN B 424 -0.37 57.84 -72.42
N SER B 425 0.10 58.17 -73.65
CA SER B 425 -0.72 58.62 -74.77
C SER B 425 -1.75 57.57 -75.20
N ARG B 426 -1.46 56.27 -74.96
CA ARG B 426 -2.33 55.14 -75.31
C ARG B 426 -3.55 55.04 -74.37
N ILE B 427 -3.52 55.76 -73.23
CA ILE B 427 -4.57 55.75 -72.20
C ILE B 427 -5.18 57.17 -72.12
N LYS B 428 -6.17 57.44 -72.99
CA LYS B 428 -6.86 58.73 -73.12
C LYS B 428 -8.28 58.74 -72.58
N ASP B 429 -8.97 57.59 -72.68
CA ASP B 429 -10.35 57.41 -72.27
C ASP B 429 -10.58 55.95 -71.88
N MET B 430 -11.82 55.58 -71.52
CA MET B 430 -12.11 54.19 -71.16
C MET B 430 -11.83 53.17 -72.29
N PRO B 431 -12.33 53.36 -73.54
CA PRO B 431 -12.04 52.37 -74.58
C PRO B 431 -10.55 52.12 -74.83
N SER B 432 -9.72 53.20 -74.88
CA SER B 432 -8.26 53.10 -75.07
C SER B 432 -7.55 52.52 -73.85
N ALA B 433 -8.09 52.78 -72.64
CA ALA B 433 -7.54 52.21 -71.41
C ALA B 433 -7.76 50.70 -71.45
N CYS B 434 -8.99 50.27 -71.84
CA CYS B 434 -9.38 48.86 -71.92
C CYS B 434 -8.54 48.11 -72.95
N ARG B 435 -8.35 48.70 -74.16
CA ARG B 435 -7.58 48.10 -75.24
C ARG B 435 -6.14 47.89 -74.83
N PHE B 436 -5.55 48.92 -74.17
CA PHE B 436 -4.18 48.89 -73.69
C PHE B 436 -3.97 47.82 -72.63
N LEU B 437 -4.84 47.81 -71.60
CA LEU B 437 -4.75 46.84 -70.51
C LEU B 437 -4.93 45.41 -71.01
N ASP B 438 -5.87 45.20 -71.97
CA ASP B 438 -6.17 43.91 -72.62
C ASP B 438 -4.90 43.40 -73.28
N SER B 439 -4.18 44.29 -73.99
CA SER B 439 -2.92 44.00 -74.66
C SER B 439 -1.83 43.67 -73.63
N TYR B 440 -1.67 44.57 -72.64
CA TYR B 440 -0.70 44.47 -71.55
C TYR B 440 -0.82 43.16 -70.81
N TRP B 441 -2.03 42.82 -70.36
CA TRP B 441 -2.32 41.59 -69.61
C TRP B 441 -2.05 40.31 -70.39
N GLN B 442 -2.05 40.39 -71.73
CA GLN B 442 -1.77 39.24 -72.61
C GLN B 442 -0.26 39.10 -72.86
N GLY B 443 0.52 40.05 -72.31
CA GLY B 443 1.97 40.14 -72.45
C GLY B 443 2.40 40.60 -73.81
N HIS B 444 1.62 41.51 -74.42
CA HIS B 444 1.89 42.03 -75.75
C HIS B 444 2.66 43.36 -75.80
N GLU B 445 2.94 43.95 -74.63
CA GLU B 445 3.67 45.21 -74.56
C GLU B 445 5.14 44.98 -74.15
N GLU B 446 5.99 46.01 -74.29
CA GLU B 446 7.40 45.93 -73.91
C GLU B 446 7.59 45.88 -72.38
N ILE B 447 6.53 46.28 -71.65
CA ILE B 447 6.44 46.18 -70.20
C ILE B 447 5.50 45.03 -69.92
N ARG B 448 5.91 44.12 -69.04
CA ARG B 448 5.16 42.90 -68.74
C ARG B 448 5.16 42.59 -67.25
N GLN B 449 4.29 41.66 -66.83
CA GLN B 449 4.22 41.21 -65.44
C GLN B 449 3.57 39.83 -65.34
N ILE B 450 3.93 39.13 -64.27
CA ILE B 450 3.34 37.86 -63.87
C ILE B 450 2.98 38.09 -62.41
N SER B 451 1.68 37.98 -62.07
CA SER B 451 1.21 38.30 -60.73
C SER B 451 0.11 37.40 -60.17
N LYS B 452 0.04 37.36 -58.84
CA LYS B 452 -1.01 36.75 -58.03
C LYS B 452 -0.98 37.51 -56.73
N SER B 453 -2.03 38.34 -56.49
CA SER B 453 -2.16 39.20 -55.30
C SER B 453 -0.87 40.01 -55.08
N ASP B 454 -0.20 39.83 -53.91
CA ASP B 454 1.03 40.53 -53.53
C ASP B 454 2.35 39.93 -54.03
N ASP B 455 2.29 38.84 -54.81
CA ASP B 455 3.51 38.22 -55.38
C ASP B 455 3.53 38.54 -56.84
N ALA B 456 4.67 39.08 -57.32
CA ALA B 456 4.84 39.43 -58.73
C ALA B 456 6.28 39.51 -59.16
N MET B 457 6.47 39.48 -60.49
CA MET B 457 7.75 39.65 -61.17
C MET B 457 7.49 40.55 -62.39
N LEU B 458 8.09 41.74 -62.35
CA LEU B 458 7.89 42.76 -63.37
C LEU B 458 8.96 42.63 -64.44
N GLY B 459 8.53 42.66 -65.70
CA GLY B 459 9.44 42.49 -66.82
C GLY B 459 9.47 43.58 -67.85
N TRP B 460 10.65 43.70 -68.48
CA TRP B 460 10.97 44.63 -69.55
C TRP B 460 11.65 43.88 -70.68
N THR B 461 11.19 44.08 -71.92
CA THR B 461 11.83 43.51 -73.10
C THR B 461 12.71 44.64 -73.66
N LYS B 462 13.32 44.45 -74.85
CA LYS B 462 14.14 45.49 -75.49
C LYS B 462 13.20 46.62 -75.89
N GLY B 463 13.67 47.85 -75.75
CA GLY B 463 12.88 49.03 -76.08
C GLY B 463 13.16 50.22 -75.20
N ARG B 464 12.32 51.27 -75.37
CA ARG B 464 12.45 52.54 -74.66
C ARG B 464 12.28 52.46 -73.14
N ALA B 465 11.41 51.54 -72.67
CA ALA B 465 11.14 51.36 -71.24
C ALA B 465 12.26 50.64 -70.48
N LEU B 466 13.08 49.82 -71.17
CA LEU B 466 14.19 49.05 -70.57
C LEU B 466 15.16 49.87 -69.71
N VAL B 467 15.60 51.04 -70.21
CA VAL B 467 16.50 51.93 -69.47
C VAL B 467 15.85 52.40 -68.15
N GLY B 468 14.57 52.74 -68.21
CA GLY B 468 13.77 53.16 -67.07
C GLY B 468 13.61 52.05 -66.05
N GLY B 469 13.48 50.83 -66.55
CA GLY B 469 13.36 49.63 -65.74
C GLY B 469 14.57 49.44 -64.86
N HIS B 470 15.77 49.74 -65.41
CA HIS B 470 17.02 49.64 -64.67
C HIS B 470 17.09 50.70 -63.57
N ARG B 471 16.59 51.93 -63.86
CA ARG B 471 16.54 53.04 -62.89
C ARG B 471 15.59 52.71 -61.73
N LEU B 472 14.43 52.12 -62.06
CA LEU B 472 13.42 51.68 -61.10
C LEU B 472 14.01 50.62 -60.18
N PHE B 473 14.71 49.62 -60.74
CA PHE B 473 15.37 48.53 -60.01
C PHE B 473 16.43 49.13 -59.08
N GLU B 474 17.15 50.15 -59.55
CA GLU B 474 18.14 50.87 -58.75
C GLU B 474 17.47 51.60 -57.58
N MET B 475 16.33 52.28 -57.85
CA MET B 475 15.56 53.00 -56.83
C MET B 475 15.11 52.02 -55.72
N LEU B 476 14.67 50.81 -56.11
CA LEU B 476 14.26 49.75 -55.21
C LEU B 476 15.46 49.29 -54.37
N LYS B 477 16.64 49.06 -55.02
CA LYS B 477 17.86 48.65 -54.32
C LYS B 477 18.21 49.69 -53.24
N GLU B 478 18.24 51.00 -53.62
CA GLU B 478 18.51 52.13 -52.71
C GLU B 478 17.54 52.17 -51.52
N GLY B 479 16.28 51.80 -51.78
CA GLY B 479 15.22 51.67 -50.79
C GLY B 479 14.95 52.87 -49.91
N LYS B 480 15.02 54.06 -50.48
CA LYS B 480 14.76 55.30 -49.74
C LYS B 480 13.46 55.96 -50.19
N VAL B 481 13.02 55.67 -51.43
CA VAL B 481 11.80 56.25 -52.01
C VAL B 481 10.85 55.15 -52.43
N ASN B 482 9.57 55.24 -51.99
CA ASN B 482 8.56 54.26 -52.36
C ASN B 482 8.15 54.53 -53.79
N PRO B 483 8.26 53.54 -54.70
CA PRO B 483 7.91 53.79 -56.12
C PRO B 483 6.43 53.89 -56.45
N SER B 484 5.56 53.56 -55.49
CA SER B 484 4.13 53.60 -55.71
C SER B 484 3.41 54.55 -54.75
N PRO B 485 2.35 55.26 -55.20
CA PRO B 485 1.57 56.06 -54.25
C PRO B 485 0.51 55.22 -53.51
N TYR B 486 0.28 53.96 -53.96
CA TYR B 486 -0.77 53.09 -53.48
C TYR B 486 -0.43 52.14 -52.38
N MET B 487 0.71 51.44 -52.48
CA MET B 487 1.15 50.45 -51.48
C MET B 487 2.66 50.60 -51.22
N LYS B 488 3.16 50.03 -50.12
CA LYS B 488 4.58 50.07 -49.77
C LYS B 488 5.32 48.94 -50.52
N ILE B 489 5.99 49.31 -51.62
CA ILE B 489 6.72 48.39 -52.49
C ILE B 489 8.22 48.47 -52.26
N SER B 490 8.87 47.30 -52.31
CA SER B 490 10.31 47.11 -52.19
C SER B 490 10.68 45.94 -53.12
N TYR B 491 11.96 45.57 -53.17
CA TYR B 491 12.37 44.43 -53.96
C TYR B 491 12.45 43.24 -53.01
N GLU B 492 12.19 42.04 -53.52
CA GLU B 492 12.25 40.82 -52.70
C GLU B 492 13.73 40.47 -52.52
N HIS B 493 14.18 40.27 -51.24
CA HIS B 493 15.57 39.87 -51.02
C HIS B 493 15.61 38.37 -51.22
N GLY B 494 15.82 38.01 -52.47
CA GLY B 494 15.75 36.64 -52.97
C GLY B 494 14.53 36.55 -53.86
N GLY B 495 14.73 36.58 -55.17
CA GLY B 495 13.66 36.55 -56.17
C GLY B 495 12.93 35.23 -56.26
N ALA B 496 11.66 35.18 -55.83
CA ALA B 496 10.87 33.96 -55.86
C ALA B 496 9.38 34.21 -56.14
N PHE B 497 8.86 33.59 -57.21
CA PHE B 497 7.47 33.77 -57.61
C PHE B 497 6.66 32.53 -57.39
N LEU B 498 5.64 32.63 -56.52
CA LEU B 498 4.71 31.56 -56.17
C LEU B 498 5.44 30.28 -55.78
N GLY B 499 6.38 30.44 -54.86
CA GLY B 499 7.17 29.33 -54.31
C GLY B 499 8.41 28.91 -55.06
N ASP B 500 8.56 29.35 -56.33
CA ASP B 500 9.71 28.98 -57.15
C ASP B 500 10.72 30.09 -57.19
N ILE B 501 11.95 29.77 -56.79
CA ILE B 501 13.07 30.71 -56.74
C ILE B 501 13.62 30.91 -58.14
N LEU B 502 13.85 32.17 -58.51
CA LEU B 502 14.46 32.51 -59.78
C LEU B 502 15.99 32.49 -59.57
N LEU B 503 16.59 31.38 -60.05
CA LEU B 503 18.02 31.08 -59.97
C LEU B 503 18.77 31.56 -61.22
N TYR B 504 19.52 32.67 -61.08
CA TYR B 504 20.33 33.21 -62.16
C TYR B 504 21.68 32.50 -62.13
N ASP B 505 22.59 32.92 -63.01
CA ASP B 505 23.97 32.43 -63.06
C ASP B 505 24.92 33.64 -63.03
N SER B 506 26.20 33.47 -63.47
CA SER B 506 27.20 34.54 -63.52
C SER B 506 26.77 35.78 -64.31
N ARG B 507 25.96 35.57 -65.37
CA ARG B 507 25.46 36.64 -66.24
C ARG B 507 24.45 37.58 -65.56
N ARG B 508 23.68 37.08 -64.56
CA ARG B 508 22.63 37.81 -63.83
C ARG B 508 21.58 38.38 -64.79
N GLU B 509 21.14 37.54 -65.74
CA GLU B 509 20.16 37.91 -66.78
C GLU B 509 19.00 36.91 -66.77
N PRO B 510 17.74 37.38 -67.02
CA PRO B 510 16.59 36.45 -67.01
C PRO B 510 16.66 35.31 -68.05
N GLY B 511 17.31 35.59 -69.18
CA GLY B 511 17.48 34.62 -70.27
C GLY B 511 18.20 33.36 -69.88
N SER B 512 19.15 33.45 -68.93
CA SER B 512 19.95 32.33 -68.44
C SER B 512 19.56 31.84 -67.03
N ALA B 513 18.56 32.50 -66.42
CA ALA B 513 18.05 32.14 -65.10
C ALA B 513 17.07 31.00 -65.28
N ILE B 514 16.87 30.20 -64.22
CA ILE B 514 15.92 29.09 -64.20
C ILE B 514 15.06 29.14 -62.93
N PHE B 515 13.80 28.70 -63.02
CA PHE B 515 12.95 28.62 -61.84
C PHE B 515 13.16 27.27 -61.16
N VAL B 516 13.48 27.29 -59.87
CA VAL B 516 13.70 26.06 -59.11
C VAL B 516 12.82 26.05 -57.87
N GLY B 517 12.47 24.85 -57.40
CA GLY B 517 11.71 24.68 -56.16
C GLY B 517 12.49 25.22 -54.99
N ASN B 518 11.79 25.81 -54.00
CA ASN B 518 12.45 26.35 -52.82
C ASN B 518 12.60 25.24 -51.79
N ILE B 519 13.86 24.78 -51.57
CA ILE B 519 14.17 23.71 -50.63
C ILE B 519 13.76 24.07 -49.19
N ASN B 520 13.79 25.36 -48.84
CA ASN B 520 13.37 25.83 -47.53
C ASN B 520 11.87 25.58 -47.36
N SER B 521 11.09 25.75 -48.46
CA SER B 521 9.66 25.49 -48.42
C SER B 521 9.35 23.99 -48.22
N MET B 522 10.22 23.07 -48.73
CA MET B 522 10.09 21.61 -48.54
C MET B 522 10.23 21.32 -47.05
N LEU B 523 11.26 21.93 -46.42
CA LEU B 523 11.55 21.78 -45.00
C LEU B 523 10.42 22.32 -44.12
N ASN B 524 9.83 23.47 -44.53
CA ASN B 524 8.69 24.09 -43.84
C ASN B 524 7.50 23.12 -43.89
N ASN B 525 7.20 22.58 -45.07
CA ASN B 525 6.08 21.67 -45.27
C ASN B 525 6.25 20.31 -44.58
N GLN B 526 7.47 19.74 -44.62
CA GLN B 526 7.72 18.43 -44.03
C GLN B 526 7.91 18.45 -42.52
N PHE B 527 8.59 19.46 -41.98
CA PHE B 527 8.88 19.51 -40.54
C PHE B 527 8.13 20.54 -39.71
N SER B 528 7.51 21.53 -40.36
CA SER B 528 6.74 22.55 -39.67
C SER B 528 5.34 22.71 -40.31
N PRO B 529 4.50 21.65 -40.36
CA PRO B 529 3.15 21.86 -40.92
C PRO B 529 2.33 22.79 -40.03
N GLU B 530 1.37 23.51 -40.65
CA GLU B 530 0.50 24.44 -39.93
C GLU B 530 -0.45 23.69 -38.99
N TYR B 531 -0.93 22.54 -39.44
CA TYR B 531 -1.86 21.71 -38.69
C TYR B 531 -1.30 20.34 -38.37
N GLY B 532 -1.89 19.69 -37.37
CA GLY B 532 -1.56 18.32 -37.04
C GLY B 532 -2.20 17.39 -38.04
N VAL B 533 -1.98 16.07 -37.89
CA VAL B 533 -2.54 15.07 -38.80
C VAL B 533 -4.06 14.82 -38.62
N GLN B 534 -4.64 15.27 -37.47
CA GLN B 534 -6.06 15.13 -37.11
C GLN B 534 -6.47 13.67 -37.24
N SER B 535 -5.68 12.74 -36.67
CA SER B 535 -5.93 11.29 -36.76
C SER B 535 -7.30 10.84 -36.24
N GLY B 536 -7.94 11.70 -35.42
CA GLY B 536 -9.28 11.50 -34.87
C GLY B 536 -10.40 11.81 -35.83
N VAL B 537 -10.11 12.58 -36.90
CA VAL B 537 -11.10 12.94 -37.92
C VAL B 537 -11.16 11.78 -38.90
N ARG B 538 -12.25 11.00 -38.81
CA ARG B 538 -12.51 9.79 -39.60
C ARG B 538 -12.46 10.02 -41.10
N ASP B 539 -13.21 11.03 -41.58
CA ASP B 539 -13.27 11.38 -43.00
C ASP B 539 -12.04 12.20 -43.33
N ARG B 540 -11.06 11.57 -43.99
CA ARG B 540 -9.80 12.19 -44.36
C ARG B 540 -9.94 13.38 -45.27
N SER B 541 -10.97 13.39 -46.14
CA SER B 541 -11.23 14.50 -47.06
C SER B 541 -11.57 15.81 -46.33
N LYS B 542 -12.04 15.71 -45.06
CA LYS B 542 -12.41 16.84 -44.20
C LYS B 542 -11.22 17.41 -43.40
N ARG B 543 -10.10 16.62 -43.28
CA ARG B 543 -8.88 17.02 -42.57
C ARG B 543 -8.16 18.14 -43.30
N LYS B 544 -7.38 18.92 -42.54
CA LYS B 544 -6.57 20.00 -43.09
C LYS B 544 -5.40 19.40 -43.89
N ARG B 545 -4.97 18.17 -43.50
CA ARG B 545 -3.91 17.43 -44.17
C ARG B 545 -4.44 16.02 -44.46
N PRO B 546 -5.26 15.82 -45.52
CA PRO B 546 -5.83 14.49 -45.77
C PRO B 546 -4.81 13.36 -45.89
N PHE B 547 -3.94 13.41 -46.92
CA PHE B 547 -2.94 12.37 -47.14
C PHE B 547 -1.52 12.92 -47.08
N PRO B 548 -0.95 13.12 -45.87
CA PRO B 548 0.42 13.67 -45.79
C PRO B 548 1.52 12.83 -46.44
N GLY B 549 1.35 11.49 -46.44
CA GLY B 549 2.29 10.54 -47.03
C GLY B 549 2.56 10.73 -48.52
N LEU B 550 1.52 11.17 -49.27
CA LEU B 550 1.56 11.41 -50.71
C LEU B 550 2.59 12.43 -51.19
N ALA B 551 2.93 13.42 -50.34
CA ALA B 551 3.90 14.48 -50.62
C ALA B 551 5.29 13.93 -51.00
N TRP B 552 5.62 12.73 -50.52
CA TRP B 552 6.89 12.08 -50.80
C TRP B 552 7.02 11.71 -52.28
N ALA B 553 5.91 11.32 -52.90
CA ALA B 553 5.86 10.93 -54.32
C ALA B 553 6.06 12.10 -55.27
N SER B 554 5.65 13.31 -54.87
CA SER B 554 5.76 14.54 -55.66
C SER B 554 7.01 15.35 -55.37
N MET B 555 7.72 15.03 -54.27
CA MET B 555 8.94 15.68 -53.78
C MET B 555 10.05 15.96 -54.82
N LYS B 556 10.48 14.93 -55.60
CA LYS B 556 11.51 15.08 -56.64
C LYS B 556 11.01 16.00 -57.74
N ASP B 557 9.73 15.85 -58.14
CA ASP B 557 9.14 16.68 -59.17
C ASP B 557 9.11 18.17 -58.77
N THR B 558 8.69 18.44 -57.53
CA THR B 558 8.58 19.78 -56.97
C THR B 558 9.93 20.44 -56.65
N TYR B 559 10.81 19.70 -55.95
CA TYR B 559 12.10 20.24 -55.45
C TYR B 559 13.42 19.79 -56.12
N GLY B 560 13.33 18.77 -56.97
CA GLY B 560 14.46 18.15 -57.69
C GLY B 560 15.40 19.04 -58.47
N ALA B 561 14.95 20.25 -58.84
CA ALA B 561 15.76 21.23 -59.57
C ALA B 561 16.59 22.14 -58.65
N CYS B 562 16.35 22.10 -57.31
CA CYS B 562 17.14 22.92 -56.39
C CYS B 562 18.59 22.41 -56.40
N PRO B 563 19.60 23.31 -56.59
CA PRO B 563 21.00 22.84 -56.62
C PRO B 563 21.42 21.92 -55.46
N ILE B 564 20.88 22.17 -54.26
CA ILE B 564 21.24 21.42 -53.07
C ILE B 564 20.23 20.34 -52.66
N TYR B 565 19.32 19.95 -53.57
CA TYR B 565 18.28 18.93 -53.31
C TYR B 565 18.83 17.64 -52.66
N SER B 566 19.80 16.98 -53.32
CA SER B 566 20.43 15.75 -52.85
C SER B 566 21.12 15.94 -51.51
N ASP B 567 21.84 17.06 -51.36
CA ASP B 567 22.57 17.44 -50.15
C ASP B 567 21.63 17.56 -48.94
N VAL B 568 20.45 18.17 -49.15
CA VAL B 568 19.43 18.35 -48.10
C VAL B 568 18.85 16.98 -47.69
N LEU B 569 18.55 16.11 -48.67
CA LEU B 569 18.02 14.77 -48.43
C LEU B 569 19.01 13.91 -47.63
N GLU B 570 20.32 14.07 -47.92
CA GLU B 570 21.40 13.36 -47.21
C GLU B 570 21.50 13.89 -45.78
N ALA B 571 21.45 15.24 -45.61
CA ALA B 571 21.52 15.90 -44.30
C ALA B 571 20.33 15.49 -43.43
N ILE B 572 19.11 15.42 -44.02
CA ILE B 572 17.89 15.00 -43.31
C ILE B 572 18.10 13.56 -42.80
N GLU B 573 18.53 12.67 -43.72
CA GLU B 573 18.77 11.26 -43.45
C GLU B 573 19.75 11.03 -42.31
N ARG B 574 20.89 11.75 -42.32
CA ARG B 574 21.94 11.70 -41.31
C ARG B 574 21.41 12.22 -39.95
N CYS B 575 20.74 13.40 -39.96
CA CYS B 575 20.18 14.04 -38.75
C CYS B 575 19.03 13.27 -38.10
N TRP B 576 18.23 12.55 -38.92
CA TRP B 576 17.09 11.72 -38.47
C TRP B 576 17.61 10.43 -37.85
N TRP B 577 18.71 9.88 -38.42
CA TRP B 577 19.39 8.69 -37.88
C TRP B 577 19.93 8.99 -36.49
N ASN B 578 20.57 10.16 -36.33
CA ASN B 578 21.12 10.61 -35.05
C ASN B 578 20.05 10.77 -33.97
N ALA B 579 18.90 11.35 -34.34
CA ALA B 579 17.77 11.68 -33.46
C ALA B 579 16.80 10.56 -33.16
N PHE B 580 16.53 9.68 -34.14
CA PHE B 580 15.55 8.59 -33.99
C PHE B 580 16.10 7.18 -34.11
N GLY B 581 17.29 7.04 -34.70
CA GLY B 581 17.90 5.73 -34.95
C GLY B 581 17.11 4.97 -35.98
N GLU B 582 16.58 5.70 -37.00
CA GLU B 582 15.76 5.17 -38.09
C GLU B 582 16.08 5.90 -39.39
N SER B 583 15.70 5.28 -40.53
CA SER B 583 15.87 5.91 -41.84
C SER B 583 14.62 6.79 -42.13
N TYR B 584 14.84 8.09 -42.36
CA TYR B 584 13.73 8.99 -42.69
C TYR B 584 13.09 8.58 -44.02
N ARG B 585 13.92 8.26 -45.03
CA ARG B 585 13.48 7.81 -46.35
C ARG B 585 12.55 6.61 -46.22
N ALA B 586 12.95 5.58 -45.45
CA ALA B 586 12.13 4.38 -45.25
C ALA B 586 10.81 4.71 -44.54
N TYR B 587 10.87 5.62 -43.55
CA TYR B 587 9.72 6.11 -42.79
C TYR B 587 8.71 6.78 -43.72
N ARG B 588 9.19 7.62 -44.67
CA ARG B 588 8.34 8.32 -45.62
C ARG B 588 7.85 7.44 -46.76
N GLU B 589 8.58 6.33 -47.06
CA GLU B 589 8.17 5.34 -48.05
C GLU B 589 7.00 4.54 -47.49
N ASP B 590 7.07 4.19 -46.18
CA ASP B 590 6.00 3.48 -45.51
C ASP B 590 4.74 4.35 -45.43
N MET B 591 4.91 5.66 -45.10
CA MET B 591 3.79 6.61 -45.02
C MET B 591 3.13 6.77 -46.38
N LEU B 592 3.94 6.81 -47.44
CA LEU B 592 3.48 6.91 -48.81
C LEU B 592 2.62 5.68 -49.19
N LYS B 593 3.10 4.47 -48.84
CA LYS B 593 2.39 3.22 -49.10
C LYS B 593 1.03 3.21 -48.40
N ARG B 594 1.00 3.58 -47.11
CA ARG B 594 -0.23 3.62 -46.29
C ARG B 594 -1.26 4.58 -46.85
N ASP B 595 -0.84 5.81 -47.17
CA ASP B 595 -1.73 6.82 -47.71
C ASP B 595 -2.21 6.51 -49.13
N THR B 596 -1.39 5.83 -49.97
CA THR B 596 -1.79 5.41 -51.33
C THR B 596 -2.94 4.40 -51.22
N LEU B 597 -2.86 3.46 -50.27
CA LEU B 597 -3.87 2.46 -49.98
C LEU B 597 -5.16 3.13 -49.46
N GLU B 598 -5.00 4.10 -48.54
CA GLU B 598 -6.09 4.86 -47.92
C GLU B 598 -6.80 5.73 -48.96
N LEU B 599 -6.03 6.32 -49.88
CA LEU B 599 -6.53 7.19 -50.94
C LEU B 599 -7.57 6.53 -51.81
N SER B 600 -7.35 5.26 -52.22
CA SER B 600 -8.27 4.52 -53.10
C SER B 600 -9.68 4.37 -52.53
N ARG B 601 -9.82 4.43 -51.17
CA ARG B 601 -11.10 4.38 -50.46
C ARG B 601 -11.95 5.62 -50.78
N TYR B 602 -11.29 6.73 -51.13
CA TYR B 602 -11.93 8.02 -51.41
C TYR B 602 -12.17 8.31 -52.88
N VAL B 603 -11.42 7.65 -53.78
CA VAL B 603 -11.54 7.82 -55.22
C VAL B 603 -12.21 6.55 -55.80
N ALA B 604 -13.50 6.63 -56.15
CA ALA B 604 -14.25 5.48 -56.71
C ALA B 604 -13.66 4.99 -58.03
N SER B 605 -13.11 5.93 -58.85
CA SER B 605 -12.49 5.67 -60.16
C SER B 605 -11.15 4.96 -60.06
N MET B 606 -10.34 5.29 -59.03
CA MET B 606 -9.05 4.66 -58.78
C MET B 606 -9.38 3.31 -58.15
N ALA B 607 -8.84 2.22 -58.73
CA ALA B 607 -9.12 0.87 -58.26
C ALA B 607 -8.55 0.65 -56.86
N ARG B 608 -9.20 -0.25 -56.12
CA ARG B 608 -8.92 -0.67 -54.74
C ARG B 608 -7.43 -0.72 -54.29
N GLN B 609 -6.48 -0.83 -55.25
CA GLN B 609 -5.01 -0.81 -55.08
C GLN B 609 -4.28 -0.39 -56.38
N ALA B 610 -4.88 0.51 -57.18
CA ALA B 610 -4.36 0.96 -58.48
C ALA B 610 -3.01 1.67 -58.50
N GLY B 611 -2.68 2.37 -57.42
CA GLY B 611 -1.45 3.15 -57.35
C GLY B 611 -1.67 4.60 -57.76
N LEU B 612 -0.62 5.42 -57.69
CA LEU B 612 -0.71 6.84 -58.01
C LEU B 612 -0.49 7.18 -59.50
N ALA B 613 -0.58 6.14 -60.37
CA ALA B 613 -0.35 6.15 -61.80
C ALA B 613 -0.81 7.41 -62.56
N GLU B 614 -2.12 7.70 -62.53
CA GLU B 614 -2.67 8.84 -63.28
C GLU B 614 -2.64 10.18 -62.57
N LEU B 615 -2.08 10.24 -61.35
CA LEU B 615 -2.01 11.48 -60.57
C LEU B 615 -0.78 12.33 -60.87
N THR B 616 -1.01 13.64 -60.97
CA THR B 616 0.02 14.65 -61.25
C THR B 616 0.72 15.04 -59.95
N PRO B 617 1.90 15.67 -60.01
CA PRO B 617 2.55 16.16 -58.78
C PRO B 617 1.66 17.16 -58.03
N ILE B 618 0.92 18.02 -58.77
CA ILE B 618 -0.02 19.00 -58.22
C ILE B 618 -1.08 18.26 -57.40
N ASP B 619 -1.69 17.20 -57.97
CA ASP B 619 -2.69 16.36 -57.29
C ASP B 619 -2.16 15.86 -55.97
N LEU B 620 -0.90 15.37 -55.94
CA LEU B 620 -0.26 14.84 -54.74
C LEU B 620 0.02 15.90 -53.68
N GLU B 621 0.57 17.06 -54.07
CA GLU B 621 0.88 18.18 -53.17
C GLU B 621 -0.41 18.71 -52.50
N VAL B 622 -1.51 18.78 -53.31
CA VAL B 622 -2.83 19.25 -52.91
C VAL B 622 -3.52 18.27 -51.99
N LEU B 623 -3.39 16.96 -52.25
CA LEU B 623 -3.99 15.95 -51.37
C LEU B 623 -3.30 15.95 -50.00
N ALA B 624 -2.00 16.26 -49.96
CA ALA B 624 -1.23 16.33 -48.73
C ALA B 624 -1.52 17.65 -48.02
N ASP B 625 -1.72 18.75 -48.80
CA ASP B 625 -1.97 20.09 -48.28
C ASP B 625 -2.97 20.89 -49.14
N PRO B 626 -4.31 20.77 -48.89
CA PRO B 626 -5.28 21.51 -49.72
C PRO B 626 -5.23 23.04 -49.61
N ASN B 627 -4.47 23.55 -48.63
CA ASN B 627 -4.27 24.99 -48.45
C ASN B 627 -3.54 25.57 -49.66
N LYS B 628 -2.78 24.71 -50.40
CA LYS B 628 -2.07 25.07 -51.62
C LYS B 628 -3.05 25.42 -52.75
N LEU B 629 -4.29 24.95 -52.64
CA LEU B 629 -5.39 25.20 -53.56
C LEU B 629 -6.03 26.59 -53.29
N GLN B 630 -5.66 27.24 -52.17
CA GLN B 630 -6.15 28.55 -51.74
C GLN B 630 -5.12 29.69 -51.97
N TYR B 631 -3.87 29.37 -52.34
CA TYR B 631 -2.83 30.37 -52.53
C TYR B 631 -1.87 30.08 -53.67
N LYS B 632 -1.64 28.80 -54.01
CA LYS B 632 -0.67 28.41 -55.05
C LYS B 632 -1.33 27.99 -56.36
N TRP B 633 -2.40 27.19 -56.28
CA TRP B 633 -3.08 26.71 -57.47
C TRP B 633 -4.58 26.99 -57.50
N THR B 634 -5.23 26.59 -58.61
CA THR B 634 -6.67 26.73 -58.84
C THR B 634 -7.29 25.37 -59.21
N GLU B 635 -8.63 25.28 -59.20
CA GLU B 635 -9.44 24.11 -59.53
C GLU B 635 -8.98 23.42 -60.84
N ALA B 636 -8.77 24.21 -61.91
CA ALA B 636 -8.36 23.72 -63.23
C ALA B 636 -7.02 22.98 -63.26
N ASP B 637 -6.14 23.27 -62.28
CA ASP B 637 -4.81 22.66 -62.15
C ASP B 637 -4.85 21.24 -61.53
N VAL B 638 -6.01 20.87 -60.98
CA VAL B 638 -6.24 19.58 -60.29
C VAL B 638 -7.11 18.65 -61.14
N SER B 639 -6.73 17.35 -61.20
CA SER B 639 -7.48 16.32 -61.92
C SER B 639 -8.91 16.30 -61.38
N ALA B 640 -9.89 16.11 -62.26
CA ALA B 640 -11.33 16.13 -61.95
C ALA B 640 -11.72 15.18 -60.85
N ASN B 641 -11.18 13.94 -60.87
CA ASN B 641 -11.49 12.92 -59.86
C ASN B 641 -10.91 13.24 -58.47
N ILE B 642 -9.84 14.08 -58.44
CA ILE B 642 -9.18 14.52 -57.20
C ILE B 642 -9.91 15.73 -56.61
N HIS B 643 -10.37 16.66 -57.48
CA HIS B 643 -11.11 17.84 -57.08
C HIS B 643 -12.37 17.43 -56.31
N GLU B 644 -13.05 16.37 -56.79
CA GLU B 644 -14.25 15.77 -56.19
C GLU B 644 -14.02 15.24 -54.76
N VAL B 645 -12.78 14.85 -54.42
CA VAL B 645 -12.42 14.32 -53.10
C VAL B 645 -12.49 15.48 -52.09
N LEU B 646 -12.01 16.66 -52.51
CA LEU B 646 -11.91 17.85 -51.65
C LEU B 646 -13.08 18.82 -51.71
N MET B 647 -13.84 18.83 -52.82
CA MET B 647 -14.95 19.78 -53.02
C MET B 647 -16.24 19.10 -53.42
N HIS B 648 -17.35 19.80 -53.20
CA HIS B 648 -18.69 19.42 -53.65
C HIS B 648 -19.36 20.70 -54.17
N GLY B 649 -20.22 20.56 -55.17
CA GLY B 649 -20.85 21.72 -55.77
C GLY B 649 -22.35 21.77 -55.83
N VAL B 650 -22.86 23.00 -55.95
CA VAL B 650 -24.26 23.35 -56.16
C VAL B 650 -24.41 23.25 -57.68
N SER B 651 -25.52 22.66 -58.20
CA SER B 651 -25.73 22.49 -59.64
C SER B 651 -25.54 23.79 -60.46
N VAL B 652 -24.96 23.65 -61.68
CA VAL B 652 -24.75 24.78 -62.60
C VAL B 652 -26.10 25.36 -63.04
N GLU B 653 -27.20 24.59 -62.93
CA GLU B 653 -28.54 25.02 -63.29
C GLU B 653 -29.00 26.15 -62.36
N LYS B 654 -28.76 26.00 -61.06
CA LYS B 654 -29.12 26.99 -60.03
C LYS B 654 -28.25 28.23 -60.13
N THR B 655 -26.93 28.04 -60.39
CA THR B 655 -25.97 29.14 -60.52
C THR B 655 -26.15 29.90 -61.85
N GLU B 656 -26.51 29.18 -62.93
CA GLU B 656 -26.78 29.73 -64.27
C GLU B 656 -27.91 30.75 -64.20
N ARG B 657 -29.02 30.38 -63.52
CA ARG B 657 -30.19 31.21 -63.31
C ARG B 657 -29.83 32.44 -62.45
N PHE B 658 -29.00 32.23 -61.41
CA PHE B 658 -28.53 33.29 -60.52
C PHE B 658 -27.69 34.30 -61.28
N LEU B 659 -26.71 33.79 -62.05
CA LEU B 659 -25.78 34.63 -62.82
C LEU B 659 -26.47 35.50 -63.87
N ARG B 660 -27.51 34.98 -64.52
CA ARG B 660 -28.32 35.67 -65.52
C ARG B 660 -28.94 36.93 -64.90
N SER B 661 -29.39 36.83 -63.63
CA SER B 661 -30.01 37.93 -62.87
C SER B 661 -29.04 39.00 -62.36
N VAL B 662 -27.73 38.68 -62.29
CA VAL B 662 -26.69 39.60 -61.80
C VAL B 662 -26.11 40.46 -62.93
N MET B 663 -25.70 39.77 -63.98
CA MET B 663 -25.00 40.28 -65.13
C MET B 663 -25.74 41.23 -66.03
N PRO B 664 -25.01 42.18 -66.68
CA PRO B 664 -25.68 43.15 -67.57
C PRO B 664 -26.18 42.55 -68.87
N ARG B 665 -27.42 42.91 -69.24
CA ARG B 665 -28.20 42.48 -70.41
C ARG B 665 -27.51 41.62 -71.49
N PRO C 2 4.27 -55.97 36.50
CA PRO C 2 2.81 -55.93 36.69
C PRO C 2 2.21 -54.56 36.38
N ARG C 3 2.35 -54.16 35.08
CA ARG C 3 1.89 -52.93 34.42
C ARG C 3 2.79 -51.72 34.55
N ARG C 4 3.80 -51.55 33.67
CA ARG C 4 4.57 -50.31 33.78
C ARG C 4 3.80 -49.23 33.05
N ALA C 5 3.88 -48.00 33.55
CA ALA C 5 3.17 -46.90 32.93
C ALA C 5 3.97 -46.45 31.70
N PRO C 6 3.30 -46.08 30.58
CA PRO C 6 4.07 -45.56 29.42
C PRO C 6 4.67 -44.19 29.76
N ALA C 7 5.89 -43.94 29.31
CA ALA C 7 6.53 -42.64 29.55
C ALA C 7 7.00 -42.04 28.23
N PHE C 8 6.75 -40.74 28.06
CA PHE C 8 7.08 -40.05 26.84
C PHE C 8 7.95 -38.85 27.12
N PRO C 9 9.09 -38.67 26.41
CA PRO C 9 9.91 -37.48 26.65
C PRO C 9 9.19 -36.26 26.09
N LEU C 10 9.66 -35.06 26.46
CA LEU C 10 9.07 -33.82 25.98
C LEU C 10 9.06 -33.74 24.43
N SER C 11 10.10 -34.33 23.80
CA SER C 11 10.31 -34.45 22.36
C SER C 11 9.22 -35.24 21.63
N ASP C 12 8.48 -36.09 22.34
CA ASP C 12 7.39 -36.88 21.77
C ASP C 12 6.16 -36.00 21.52
N ILE C 13 5.44 -36.26 20.42
CA ILE C 13 4.20 -35.54 20.06
C ILE C 13 3.16 -35.54 21.18
N LYS C 14 3.04 -36.67 21.93
CA LYS C 14 2.09 -36.80 23.05
C LYS C 14 2.36 -35.77 24.15
N ALA C 15 3.66 -35.46 24.40
CA ALA C 15 4.06 -34.45 25.40
C ALA C 15 3.94 -33.06 24.80
N GLN C 16 4.30 -32.93 23.51
CA GLN C 16 4.25 -31.69 22.75
C GLN C 16 2.86 -31.10 22.62
N MET C 17 1.84 -31.97 22.52
CA MET C 17 0.44 -31.60 22.41
C MET C 17 -0.08 -30.92 23.67
N LEU C 18 0.53 -31.19 24.84
CA LEU C 18 0.12 -30.62 26.13
C LEU C 18 0.48 -29.15 26.32
N PHE C 19 1.21 -28.55 25.36
CA PHE C 19 1.66 -27.18 25.48
C PHE C 19 1.33 -26.40 24.27
N ALA C 20 0.56 -25.32 24.50
CA ALA C 20 0.08 -24.40 23.48
C ALA C 20 1.21 -23.56 22.86
N ASN C 21 0.97 -23.02 21.65
CA ASN C 21 1.95 -22.24 20.91
C ASN C 21 2.08 -20.80 21.44
N ASN C 22 2.48 -20.68 22.71
CA ASN C 22 2.74 -19.42 23.38
C ASN C 22 3.94 -19.58 24.31
N ILE C 23 4.66 -18.48 24.55
CA ILE C 23 5.87 -18.45 25.37
C ILE C 23 5.71 -19.04 26.77
N LYS C 24 4.65 -18.68 27.49
CA LYS C 24 4.40 -19.17 28.85
C LYS C 24 4.31 -20.69 28.91
N ALA C 25 3.50 -21.28 28.01
CA ALA C 25 3.27 -22.73 27.90
C ALA C 25 4.55 -23.46 27.51
N GLN C 26 5.28 -22.91 26.52
CA GLN C 26 6.54 -23.48 26.04
C GLN C 26 7.60 -23.45 27.13
N GLN C 27 7.68 -22.32 27.89
CA GLN C 27 8.64 -22.17 28.99
C GLN C 27 8.33 -23.15 30.11
N ALA C 28 7.03 -23.41 30.37
CA ALA C 28 6.60 -24.35 31.39
C ALA C 28 7.06 -25.77 31.03
N SER C 29 6.96 -26.15 29.73
CA SER C 29 7.36 -27.47 29.24
C SER C 29 8.86 -27.73 29.48
N LYS C 30 9.68 -26.72 29.20
CA LYS C 30 11.14 -26.75 29.24
C LYS C 30 11.78 -26.37 30.56
N ARG C 31 11.03 -25.73 31.49
CA ARG C 31 11.56 -25.24 32.77
C ARG C 31 12.54 -26.20 33.43
N SER C 32 13.81 -25.77 33.52
CA SER C 32 14.90 -26.56 34.11
C SER C 32 14.89 -26.38 35.64
N PHE C 33 15.58 -27.29 36.36
CA PHE C 33 15.67 -27.24 37.83
C PHE C 33 16.20 -25.88 38.23
N LYS C 34 15.49 -25.22 39.15
CA LYS C 34 15.85 -23.91 39.65
C LYS C 34 15.89 -23.90 41.18
N GLU C 35 16.84 -23.15 41.75
CA GLU C 35 17.01 -22.98 43.18
C GLU C 35 17.63 -21.63 43.49
N GLY C 36 17.41 -21.15 44.69
CA GLY C 36 17.92 -19.86 45.13
C GLY C 36 17.28 -19.40 46.41
N ALA C 37 17.97 -18.52 47.16
CA ALA C 37 17.49 -17.97 48.42
C ALA C 37 16.24 -17.15 48.20
N ILE C 38 15.25 -17.33 49.08
CA ILE C 38 14.01 -16.56 48.98
C ILE C 38 14.19 -15.22 49.68
N GLU C 39 13.43 -14.20 49.23
CA GLU C 39 13.46 -12.89 49.87
C GLU C 39 12.43 -13.01 50.99
N THR C 40 12.89 -13.48 52.16
CA THR C 40 12.06 -13.73 53.35
C THR C 40 11.14 -12.56 53.64
N TYR C 41 11.72 -11.34 53.67
CA TYR C 41 11.05 -10.05 53.82
C TYR C 41 11.78 -9.10 52.90
N GLU C 42 11.18 -7.93 52.59
CA GLU C 42 11.80 -6.95 51.71
C GLU C 42 13.22 -6.63 52.15
N GLY C 43 14.15 -6.87 51.23
CA GLY C 43 15.58 -6.66 51.44
C GLY C 43 16.28 -7.63 52.38
N LEU C 44 15.68 -8.80 52.66
CA LEU C 44 16.30 -9.79 53.52
C LEU C 44 16.21 -11.17 52.89
N LEU C 45 17.36 -11.81 52.64
CA LEU C 45 17.41 -13.16 52.07
C LEU C 45 17.44 -14.23 53.16
N SER C 46 16.85 -15.40 52.88
CA SER C 46 16.79 -16.53 53.83
C SER C 46 18.17 -17.10 54.18
N VAL C 47 19.21 -16.71 53.40
CA VAL C 47 20.59 -17.14 53.63
C VAL C 47 21.52 -16.03 54.15
N ASP C 48 20.92 -14.85 54.47
CA ASP C 48 21.65 -13.73 55.04
C ASP C 48 22.36 -14.23 56.32
N PRO C 49 23.70 -14.00 56.48
CA PRO C 49 24.41 -14.53 57.66
C PRO C 49 23.82 -14.12 59.01
N ARG C 50 23.29 -12.87 59.14
CA ARG C 50 22.67 -12.40 60.38
C ARG C 50 21.40 -13.18 60.65
N PHE C 51 20.61 -13.48 59.59
CA PHE C 51 19.38 -14.24 59.70
C PHE C 51 19.62 -15.69 60.13
N LEU C 52 20.63 -16.36 59.55
CA LEU C 52 21.00 -17.73 59.91
C LEU C 52 21.56 -17.77 61.32
N SER C 53 22.32 -16.71 61.74
CA SER C 53 22.89 -16.53 63.09
C SER C 53 21.76 -16.38 64.15
N PHE C 54 20.67 -15.68 63.76
CA PHE C 54 19.46 -15.47 64.55
C PHE C 54 18.77 -16.82 64.74
N LYS C 55 18.55 -17.57 63.63
CA LYS C 55 17.92 -18.89 63.63
C LYS C 55 18.71 -19.88 64.46
N ASN C 56 20.06 -19.86 64.38
CA ASN C 56 20.88 -20.75 65.19
C ASN C 56 20.68 -20.46 66.67
N GLU C 57 20.82 -19.19 67.08
CA GLU C 57 20.64 -18.79 68.48
C GLU C 57 19.23 -19.09 69.01
N LEU C 58 18.18 -18.68 68.28
CA LEU C 58 16.79 -18.86 68.66
C LEU C 58 16.35 -20.32 68.75
N SER C 59 16.66 -21.15 67.72
CA SER C 59 16.29 -22.57 67.70
C SER C 59 16.90 -23.32 68.88
N ARG C 60 18.18 -23.03 69.20
CA ARG C 60 18.93 -23.62 70.30
C ARG C 60 18.38 -23.18 71.64
N TYR C 61 18.12 -21.85 71.83
CA TYR C 61 17.58 -21.29 73.06
C TYR C 61 16.20 -21.84 73.42
N LEU C 62 15.26 -21.80 72.45
CA LEU C 62 13.89 -22.26 72.64
C LEU C 62 13.83 -23.75 72.95
N THR C 63 14.62 -24.59 72.25
CA THR C 63 14.66 -26.03 72.51
C THR C 63 15.18 -26.28 73.93
N ASP C 64 16.21 -25.53 74.32
CA ASP C 64 16.83 -25.63 75.63
C ASP C 64 15.89 -25.29 76.78
N HIS C 65 15.25 -24.10 76.70
CA HIS C 65 14.37 -23.58 77.73
C HIS C 65 12.95 -24.11 77.68
N PHE C 66 12.49 -24.54 76.50
CA PHE C 66 11.13 -25.05 76.36
C PHE C 66 11.11 -26.45 75.76
N PRO C 67 11.55 -27.48 76.53
CA PRO C 67 11.52 -28.84 75.99
C PRO C 67 10.09 -29.33 75.83
N ALA C 68 9.87 -30.27 74.91
CA ALA C 68 8.54 -30.83 74.62
C ALA C 68 7.83 -31.42 75.85
N ASN C 69 6.53 -31.13 75.99
CA ASN C 69 5.67 -31.63 77.05
C ASN C 69 4.56 -32.47 76.42
N VAL C 70 4.90 -33.72 76.05
CA VAL C 70 3.97 -34.67 75.41
C VAL C 70 4.02 -35.98 76.21
N ASP C 71 2.87 -36.44 76.70
CA ASP C 71 2.82 -37.67 77.49
C ASP C 71 2.93 -38.98 76.67
N GLU C 72 2.84 -40.13 77.36
CA GLU C 72 2.93 -41.51 76.83
C GLU C 72 1.83 -41.80 75.77
N TYR C 73 0.72 -41.05 75.81
CA TYR C 73 -0.43 -41.16 74.91
C TYR C 73 -0.44 -40.06 73.83
N GLY C 74 0.68 -39.37 73.66
CA GLY C 74 0.83 -38.31 72.68
C GLY C 74 -0.01 -37.08 72.98
N ARG C 75 -0.42 -36.87 74.26
CA ARG C 75 -1.21 -35.71 74.66
C ARG C 75 -0.26 -34.58 75.07
N VAL C 76 -0.49 -33.39 74.54
CA VAL C 76 0.30 -32.21 74.90
C VAL C 76 -0.22 -31.62 76.23
N TYR C 77 0.70 -31.22 77.11
CA TYR C 77 0.42 -30.59 78.39
C TYR C 77 1.42 -29.43 78.63
N GLY C 78 1.39 -28.86 79.84
CA GLY C 78 2.30 -27.83 80.32
C GLY C 78 2.54 -26.65 79.40
N ASN C 79 3.77 -26.54 78.86
CA ASN C 79 4.20 -25.44 77.98
C ASN C 79 3.58 -25.38 76.57
N GLY C 80 2.92 -26.47 76.16
CA GLY C 80 2.28 -26.55 74.84
C GLY C 80 3.23 -26.82 73.69
N VAL C 81 4.44 -27.33 74.01
CA VAL C 81 5.51 -27.63 73.05
C VAL C 81 5.51 -29.13 72.75
N ARG C 82 5.57 -29.50 71.44
CA ARG C 82 5.61 -30.90 71.02
C ARG C 82 6.93 -31.41 70.43
N THR C 83 7.83 -30.49 70.00
CA THR C 83 9.16 -30.83 69.45
C THR C 83 10.17 -29.75 69.73
N ASN C 84 11.39 -29.96 69.17
CA ASN C 84 12.49 -28.99 69.19
C ASN C 84 12.16 -27.84 68.25
N PHE C 85 13.01 -26.84 68.27
CA PHE C 85 12.81 -25.69 67.40
C PHE C 85 13.83 -25.69 66.26
N PHE C 86 14.45 -26.88 66.02
CA PHE C 86 15.44 -27.09 64.95
C PHE C 86 14.82 -27.20 63.55
N GLY C 87 13.48 -27.16 63.50
CA GLY C 87 12.69 -27.21 62.28
C GLY C 87 12.88 -26.00 61.39
N MET C 88 13.35 -24.88 61.97
CA MET C 88 13.63 -23.61 61.26
C MET C 88 15.01 -23.59 60.61
N ARG C 89 15.89 -24.53 60.99
CA ARG C 89 17.28 -24.64 60.54
C ARG C 89 17.44 -25.11 59.08
N HIS C 90 16.81 -24.40 58.13
CA HIS C 90 16.86 -24.70 56.69
C HIS C 90 17.32 -23.53 55.81
N MET C 91 17.95 -23.85 54.68
CA MET C 91 18.38 -22.86 53.71
C MET C 91 17.20 -22.71 52.74
N ASN C 92 16.19 -21.91 53.15
CA ASN C 92 14.95 -21.68 52.41
C ASN C 92 15.19 -21.24 50.98
N GLY C 93 14.62 -21.99 50.05
CA GLY C 93 14.75 -21.78 48.61
C GLY C 93 15.66 -22.81 47.93
N PHE C 94 16.42 -23.58 48.74
CA PHE C 94 17.33 -24.62 48.25
C PHE C 94 16.76 -25.98 48.61
N PRO C 95 16.30 -26.75 47.61
CA PRO C 95 15.66 -28.03 47.90
C PRO C 95 16.60 -29.21 48.10
N MET C 96 16.05 -30.28 48.70
CA MET C 96 16.75 -31.55 48.84
C MET C 96 16.87 -32.09 47.40
N ILE C 97 17.91 -32.88 47.12
CA ILE C 97 18.12 -33.44 45.79
C ILE C 97 18.27 -34.98 45.85
N PRO C 98 17.46 -35.73 45.08
CA PRO C 98 16.43 -35.27 44.15
C PRO C 98 15.06 -35.23 44.82
N ALA C 99 14.06 -34.66 44.13
CA ALA C 99 12.67 -34.70 44.62
C ALA C 99 12.12 -36.02 44.06
N THR C 100 10.99 -36.51 44.59
CA THR C 100 10.45 -37.78 44.13
C THR C 100 9.81 -37.73 42.74
N TRP C 101 9.86 -38.87 42.05
CA TRP C 101 9.15 -39.05 40.81
C TRP C 101 7.79 -39.55 41.29
N PRO C 102 6.66 -38.94 40.88
CA PRO C 102 5.35 -39.40 41.38
C PRO C 102 4.99 -40.79 40.92
N LEU C 103 4.52 -41.63 41.86
CA LEU C 103 4.11 -43.00 41.58
C LEU C 103 2.91 -43.02 40.64
N ALA C 104 3.09 -43.66 39.46
CA ALA C 104 2.05 -43.81 38.43
C ALA C 104 0.93 -44.73 38.87
N SER C 105 1.23 -45.69 39.76
CA SER C 105 0.24 -46.62 40.29
C SER C 105 0.52 -46.90 41.77
N ASN C 106 -0.51 -46.76 42.60
CA ASN C 106 -0.37 -47.02 44.04
C ASN C 106 -0.96 -48.37 44.42
N LEU C 107 -1.32 -49.21 43.42
CA LEU C 107 -1.96 -50.50 43.69
C LEU C 107 -1.10 -51.46 44.51
N LYS C 108 0.19 -51.60 44.12
CA LYS C 108 1.16 -52.45 44.83
C LYS C 108 1.48 -51.85 46.20
N LYS C 109 1.65 -50.50 46.26
CA LYS C 109 1.92 -49.74 47.48
C LYS C 109 0.86 -50.08 48.55
N ARG C 110 -0.45 -50.03 48.17
CA ARG C 110 -1.59 -50.34 49.02
C ARG C 110 -1.62 -51.83 49.42
N ALA C 111 -1.46 -52.73 48.44
CA ALA C 111 -1.46 -54.19 48.64
C ALA C 111 -0.36 -54.61 49.63
N ASP C 112 0.87 -54.10 49.44
CA ASP C 112 2.00 -54.39 50.30
C ASP C 112 1.85 -53.83 51.71
N ALA C 113 1.06 -52.75 51.86
CA ALA C 113 0.77 -52.14 53.18
C ALA C 113 -0.42 -52.86 53.84
N ASP C 114 -0.95 -53.91 53.18
CA ASP C 114 -2.09 -54.73 53.60
C ASP C 114 -3.37 -53.91 53.73
N LEU C 115 -3.59 -53.04 52.72
CA LEU C 115 -4.76 -52.18 52.65
C LEU C 115 -5.71 -52.75 51.59
N ALA C 116 -7.03 -52.71 51.88
CA ALA C 116 -8.09 -53.26 51.05
C ALA C 116 -8.25 -52.63 49.67
N ASP C 117 -8.60 -53.47 48.67
CA ASP C 117 -8.81 -53.08 47.27
C ASP C 117 -10.29 -52.84 46.94
N GLY C 118 -11.07 -52.62 47.97
CA GLY C 118 -12.50 -52.35 47.90
C GLY C 118 -13.11 -52.42 49.29
N PRO C 119 -14.41 -52.01 49.45
CA PRO C 119 -15.04 -52.08 50.78
C PRO C 119 -15.02 -53.51 51.29
N VAL C 120 -14.62 -53.70 52.55
CA VAL C 120 -14.47 -55.01 53.16
C VAL C 120 -15.80 -55.72 53.35
N SER C 121 -16.80 -55.00 53.88
CA SER C 121 -18.13 -55.50 54.16
C SER C 121 -19.19 -54.69 53.43
N GLU C 122 -20.44 -55.20 53.44
CA GLU C 122 -21.56 -54.50 52.83
C GLU C 122 -21.86 -53.22 53.58
N ARG C 123 -21.71 -53.24 54.92
CA ARG C 123 -21.91 -52.06 55.77
C ARG C 123 -21.02 -50.93 55.26
N ASP C 124 -19.71 -51.20 55.11
CA ASP C 124 -18.73 -50.24 54.61
C ASP C 124 -19.10 -49.71 53.24
N ASN C 125 -19.55 -50.62 52.35
CA ASN C 125 -20.00 -50.26 51.00
C ASN C 125 -21.18 -49.28 51.09
N LEU C 126 -22.16 -49.56 51.98
CA LEU C 126 -23.33 -48.68 52.19
C LEU C 126 -22.92 -47.31 52.73
N LEU C 127 -21.94 -47.28 53.65
CA LEU C 127 -21.47 -46.06 54.28
C LEU C 127 -20.74 -45.13 53.30
N PHE C 128 -19.85 -45.69 52.46
CA PHE C 128 -19.14 -44.90 51.45
C PHE C 128 -20.14 -44.34 50.47
N ARG C 129 -21.13 -45.15 50.07
CA ARG C 129 -22.21 -44.74 49.16
C ARG C 129 -23.15 -43.71 49.82
N ALA C 130 -23.43 -43.88 51.13
CA ALA C 130 -24.27 -42.95 51.88
C ALA C 130 -23.61 -41.56 51.90
N ALA C 131 -22.27 -41.53 52.08
CA ALA C 131 -21.50 -40.30 52.08
C ALA C 131 -21.68 -39.55 50.77
N VAL C 132 -21.51 -40.26 49.61
CA VAL C 132 -21.68 -39.75 48.23
C VAL C 132 -23.06 -39.11 48.13
N ARG C 133 -24.08 -39.81 48.66
CA ARG C 133 -25.49 -39.40 48.68
C ARG C 133 -25.70 -38.10 49.45
N LEU C 134 -25.25 -38.06 50.73
CA LEU C 134 -25.41 -36.90 51.61
C LEU C 134 -24.66 -35.67 51.14
N MET C 135 -23.42 -35.85 50.64
CA MET C 135 -22.58 -34.77 50.17
C MET C 135 -23.07 -34.15 48.89
N PHE C 136 -23.47 -34.99 47.92
CA PHE C 136 -23.88 -34.57 46.57
C PHE C 136 -25.35 -34.35 46.28
N SER C 137 -26.23 -34.35 47.29
CA SER C 137 -27.66 -34.16 47.02
C SER C 137 -28.17 -32.73 46.72
N ASP C 138 -28.99 -32.15 47.61
CA ASP C 138 -29.68 -30.88 47.42
C ASP C 138 -28.79 -29.65 47.45
N LEU C 139 -27.96 -29.50 46.40
CA LEU C 139 -26.99 -28.41 46.27
C LEU C 139 -27.58 -27.15 45.65
N GLU C 140 -27.06 -25.98 46.07
CA GLU C 140 -27.50 -24.68 45.54
C GLU C 140 -26.39 -24.06 44.71
N PRO C 141 -26.71 -23.54 43.49
CA PRO C 141 -25.65 -22.98 42.64
C PRO C 141 -25.03 -21.70 43.19
N VAL C 142 -23.71 -21.59 43.01
CA VAL C 142 -22.89 -20.46 43.48
C VAL C 142 -21.94 -20.00 42.36
N PRO C 143 -21.39 -18.76 42.39
CA PRO C 143 -20.42 -18.39 41.35
C PRO C 143 -19.15 -19.24 41.45
N LEU C 144 -18.52 -19.50 40.29
CA LEU C 144 -17.29 -20.26 40.23
C LEU C 144 -16.18 -19.26 40.56
N LYS C 145 -15.58 -19.36 41.76
CA LYS C 145 -14.52 -18.44 42.17
C LYS C 145 -13.14 -18.96 41.78
N ILE C 146 -12.32 -18.04 41.24
CA ILE C 146 -10.97 -18.29 40.74
C ILE C 146 -9.96 -17.44 41.51
N ARG C 147 -8.88 -18.05 42.02
CA ARG C 147 -7.82 -17.33 42.73
C ARG C 147 -7.04 -16.46 41.74
N LYS C 148 -6.84 -15.20 42.10
CA LYS C 148 -6.10 -14.25 41.28
C LYS C 148 -4.61 -14.63 41.18
N GLY C 149 -4.10 -14.64 39.95
CA GLY C 149 -2.72 -15.02 39.69
C GLY C 149 -2.47 -16.52 39.57
N SER C 150 -3.51 -17.38 39.79
CA SER C 150 -3.41 -18.84 39.64
C SER C 150 -3.25 -19.21 38.16
N SER C 151 -2.63 -20.36 37.84
CA SER C 151 -2.40 -20.77 36.44
C SER C 151 -3.52 -21.62 35.88
N THR C 152 -3.71 -21.60 34.54
CA THR C 152 -4.68 -22.46 33.87
C THR C 152 -3.99 -23.76 33.50
N CYS C 153 -2.65 -23.81 33.65
CA CYS C 153 -1.81 -24.95 33.36
C CYS C 153 -2.04 -25.51 31.97
N ILE C 154 -2.05 -26.85 31.79
CA ILE C 154 -2.21 -27.48 30.48
C ILE C 154 -3.52 -27.14 29.77
N PRO C 155 -3.47 -26.61 28.52
CA PRO C 155 -2.26 -26.37 27.69
C PRO C 155 -1.73 -24.93 27.62
N TYR C 156 -2.54 -23.93 28.02
CA TYR C 156 -2.24 -22.49 27.86
C TYR C 156 -1.31 -21.81 28.84
N PHE C 157 -1.27 -22.26 30.11
CA PHE C 157 -0.43 -21.66 31.15
C PHE C 157 -0.67 -20.17 31.29
N SER C 158 -1.95 -19.77 31.32
CA SER C 158 -2.36 -18.38 31.49
C SER C 158 -2.53 -18.04 32.98
N ASN C 159 -2.15 -16.80 33.37
CA ASN C 159 -2.28 -16.29 34.74
C ASN C 159 -3.19 -15.04 34.73
N ASP C 160 -3.73 -14.66 33.54
CA ASP C 160 -4.61 -13.53 33.34
C ASP C 160 -6.06 -13.88 33.67
N MET C 161 -6.67 -13.11 34.56
CA MET C 161 -8.06 -13.31 35.02
C MET C 161 -9.10 -13.31 33.89
N GLY C 162 -8.97 -12.38 32.95
CA GLY C 162 -9.89 -12.28 31.81
C GLY C 162 -9.91 -13.55 30.99
N THR C 163 -8.69 -14.06 30.68
CA THR C 163 -8.46 -15.29 29.91
C THR C 163 -9.03 -16.48 30.67
N LYS C 164 -8.77 -16.52 32.00
CA LYS C 164 -9.23 -17.56 32.91
C LYS C 164 -10.76 -17.61 32.97
N ILE C 165 -11.43 -16.44 33.05
CA ILE C 165 -12.89 -16.33 33.05
C ILE C 165 -13.45 -16.89 31.73
N GLU C 166 -12.86 -16.51 30.57
CA GLU C 166 -13.25 -16.96 29.23
C GLU C 166 -13.17 -18.48 29.13
N ILE C 167 -12.03 -19.04 29.57
CA ILE C 167 -11.76 -20.48 29.57
C ILE C 167 -12.84 -21.20 30.37
N ALA C 168 -13.06 -20.74 31.63
CA ALA C 168 -14.03 -21.29 32.58
C ALA C 168 -15.45 -21.25 32.04
N GLU C 169 -15.88 -20.11 31.46
CA GLU C 169 -17.21 -19.98 30.89
C GLU C 169 -17.42 -20.95 29.74
N ARG C 170 -16.40 -21.02 28.83
CA ARG C 170 -16.37 -21.93 27.68
C ARG C 170 -16.44 -23.39 28.14
N ALA C 171 -15.66 -23.70 29.20
CA ALA C 171 -15.58 -25.01 29.83
C ALA C 171 -16.95 -25.46 30.35
N LEU C 172 -17.74 -24.54 30.95
CA LEU C 172 -19.08 -24.85 31.44
C LEU C 172 -20.07 -25.06 30.28
N GLU C 173 -19.85 -24.32 29.17
CA GLU C 173 -20.68 -24.40 27.97
C GLU C 173 -20.45 -25.69 27.21
N LYS C 174 -19.18 -26.14 27.14
CA LYS C 174 -18.79 -27.32 26.37
C LYS C 174 -18.50 -28.63 27.13
N ALA C 175 -18.68 -28.64 28.47
CA ALA C 175 -18.45 -29.81 29.32
C ALA C 175 -19.27 -31.02 28.89
N GLU C 176 -20.56 -30.81 28.54
CA GLU C 176 -21.46 -31.88 28.12
C GLU C 176 -20.95 -32.58 26.87
N GLU C 177 -20.58 -31.80 25.84
CA GLU C 177 -20.06 -32.30 24.58
C GLU C 177 -18.76 -33.10 24.80
N ALA C 178 -17.88 -32.56 25.67
CA ALA C 178 -16.59 -33.18 26.01
C ALA C 178 -16.76 -34.49 26.79
N GLY C 179 -17.65 -34.48 27.79
CA GLY C 179 -17.94 -35.65 28.60
C GLY C 179 -18.49 -36.79 27.76
N ASN C 180 -19.39 -36.46 26.83
CA ASN C 180 -19.99 -37.42 25.90
C ASN C 180 -18.97 -38.04 24.97
N LEU C 181 -17.93 -37.26 24.56
CA LEU C 181 -16.83 -37.72 23.72
C LEU C 181 -15.99 -38.75 24.49
N MET C 182 -15.72 -38.47 25.78
CA MET C 182 -14.97 -39.35 26.66
C MET C 182 -15.76 -40.64 26.92
N LEU C 183 -17.10 -40.55 26.91
CA LEU C 183 -17.96 -41.73 27.06
C LEU C 183 -17.84 -42.65 25.85
N GLN C 184 -17.55 -42.06 24.67
CA GLN C 184 -17.32 -42.76 23.41
C GLN C 184 -15.83 -43.17 23.31
N GLY C 185 -15.10 -42.85 24.37
CA GLY C 185 -13.68 -43.15 24.50
C GLY C 185 -12.77 -42.22 23.75
N LYS C 186 -13.33 -41.19 23.06
CA LYS C 186 -12.62 -40.19 22.24
C LYS C 186 -11.97 -39.11 23.11
N PHE C 187 -10.95 -39.53 23.87
CA PHE C 187 -10.22 -38.70 24.82
C PHE C 187 -9.40 -37.62 24.17
N ASP C 188 -8.75 -37.97 23.05
CA ASP C 188 -7.94 -37.03 22.28
C ASP C 188 -8.83 -35.95 21.68
N ASP C 189 -10.03 -36.33 21.21
CA ASP C 189 -11.00 -35.40 20.64
C ASP C 189 -11.50 -34.40 21.69
N ALA C 190 -11.83 -34.89 22.90
CA ALA C 190 -12.30 -34.03 24.01
C ALA C 190 -11.22 -32.99 24.37
N TYR C 191 -9.94 -33.41 24.36
CA TYR C 191 -8.78 -32.57 24.67
C TYR C 191 -8.46 -31.58 23.56
N GLN C 192 -8.50 -32.06 22.32
CA GLN C 192 -8.21 -31.22 21.17
C GLN C 192 -9.27 -30.15 20.96
N LEU C 193 -10.55 -30.51 21.17
CA LEU C 193 -11.66 -29.56 21.00
C LEU C 193 -11.88 -28.64 22.20
N HIS C 194 -11.83 -29.20 23.41
CA HIS C 194 -12.18 -28.43 24.60
C HIS C 194 -11.13 -28.36 25.72
N GLN C 195 -9.89 -28.86 25.46
CA GLN C 195 -8.75 -28.85 26.38
C GLN C 195 -9.05 -29.55 27.71
N MET C 196 -9.97 -30.53 27.66
CA MET C 196 -10.39 -31.35 28.80
C MET C 196 -9.72 -32.71 28.68
N GLY C 197 -8.65 -32.85 29.43
CA GLY C 197 -7.79 -34.03 29.45
C GLY C 197 -6.33 -33.60 29.47
N GLY C 198 -5.49 -34.38 28.80
CA GLY C 198 -4.07 -34.11 28.73
C GLY C 198 -3.35 -34.68 29.93
N ALA C 199 -2.93 -33.82 30.86
CA ALA C 199 -2.20 -34.23 32.06
C ALA C 199 -2.16 -33.18 33.14
N TYR C 200 -1.72 -33.62 34.34
CA TYR C 200 -1.44 -32.74 35.46
C TYR C 200 -0.01 -32.26 35.24
N TYR C 201 0.28 -31.03 35.63
CA TYR C 201 1.62 -30.48 35.50
C TYR C 201 2.27 -30.50 36.88
N VAL C 202 3.34 -31.28 37.02
CA VAL C 202 4.03 -31.45 38.31
C VAL C 202 4.97 -30.31 38.65
N VAL C 203 4.66 -29.61 39.74
CA VAL C 203 5.49 -28.54 40.31
C VAL C 203 5.96 -29.03 41.67
N TYR C 204 7.21 -28.74 42.03
CA TYR C 204 7.67 -29.18 43.35
C TYR C 204 7.68 -28.01 44.30
N ARG C 205 6.91 -28.12 45.37
CA ARG C 205 6.78 -27.05 46.34
C ARG C 205 7.56 -27.32 47.60
N ALA C 206 8.10 -26.26 48.22
CA ALA C 206 8.86 -26.39 49.46
C ALA C 206 7.99 -26.60 50.69
N GLN C 207 8.45 -27.48 51.58
CA GLN C 207 7.92 -27.70 52.92
C GLN C 207 9.14 -27.15 53.70
N SER C 208 9.08 -25.83 53.93
CA SER C 208 10.12 -24.98 54.52
C SER C 208 10.65 -25.45 55.87
N THR C 209 9.82 -26.21 56.63
CA THR C 209 10.14 -26.72 57.95
C THR C 209 9.97 -28.23 58.02
N ASP C 210 11.05 -28.94 58.35
CA ASP C 210 11.05 -30.39 58.48
C ASP C 210 11.93 -30.78 59.65
N ALA C 211 11.63 -31.93 60.27
CA ALA C 211 12.30 -32.46 61.45
C ALA C 211 13.83 -32.50 61.37
N ILE C 212 14.47 -31.89 62.38
CA ILE C 212 15.92 -31.86 62.60
C ILE C 212 16.10 -32.18 64.09
N THR C 213 17.03 -33.10 64.41
CA THR C 213 17.36 -33.47 65.79
C THR C 213 18.83 -33.19 66.06
N LEU C 214 19.16 -32.91 67.32
CA LEU C 214 20.54 -32.69 67.72
C LEU C 214 21.01 -33.94 68.44
N ASP C 215 22.00 -34.64 67.87
CA ASP C 215 22.55 -35.87 68.47
C ASP C 215 23.41 -35.47 69.66
N PRO C 216 22.99 -35.81 70.91
CA PRO C 216 23.79 -35.40 72.08
C PRO C 216 25.19 -36.02 72.11
N LYS C 217 25.32 -37.27 71.60
CA LYS C 217 26.56 -38.05 71.53
C LYS C 217 27.63 -37.34 70.71
N THR C 218 27.25 -36.80 69.54
CA THR C 218 28.18 -36.11 68.63
C THR C 218 28.12 -34.57 68.63
N GLY C 219 27.01 -34.00 69.07
CA GLY C 219 26.80 -32.56 69.06
C GLY C 219 26.50 -32.04 67.67
N LYS C 220 26.24 -32.98 66.72
CA LYS C 220 25.91 -32.71 65.32
C LYS C 220 24.43 -32.90 65.03
N PHE C 221 23.92 -32.12 64.06
CA PHE C 221 22.52 -32.15 63.68
C PHE C 221 22.22 -33.22 62.65
N VAL C 222 21.05 -33.85 62.78
CA VAL C 222 20.60 -34.90 61.87
C VAL C 222 19.23 -34.51 61.30
N SER C 223 19.15 -34.38 59.97
CA SER C 223 17.90 -34.05 59.29
C SER C 223 17.10 -35.33 59.04
N LYS C 224 15.76 -35.24 59.15
CA LYS C 224 14.86 -36.37 58.90
C LYS C 224 15.03 -36.84 57.45
N ASP C 225 15.31 -38.14 57.26
CA ASP C 225 15.47 -38.71 55.93
C ASP C 225 14.13 -38.72 55.22
N ARG C 226 14.10 -38.20 53.99
CA ARG C 226 12.87 -38.16 53.19
C ARG C 226 13.07 -39.04 51.97
N MET C 227 12.28 -40.14 51.92
CA MET C 227 12.36 -41.14 50.85
C MET C 227 11.81 -40.64 49.54
N VAL C 228 12.56 -40.90 48.47
CA VAL C 228 12.19 -40.52 47.11
C VAL C 228 12.30 -41.69 46.15
N ALA C 229 11.38 -41.75 45.18
CA ALA C 229 11.36 -42.79 44.18
C ALA C 229 12.09 -42.29 42.94
N ASP C 230 12.92 -43.15 42.34
CA ASP C 230 13.58 -42.78 41.08
C ASP C 230 12.58 -43.03 39.95
N PHE C 231 12.91 -42.64 38.71
CA PHE C 231 12.00 -42.84 37.57
C PHE C 231 11.49 -44.30 37.46
N GLU C 232 12.40 -45.28 37.50
CA GLU C 232 12.08 -46.70 37.38
C GLU C 232 11.06 -47.15 38.41
N TYR C 233 11.24 -46.73 39.67
CA TYR C 233 10.34 -47.05 40.76
C TYR C 233 8.93 -46.49 40.52
N ALA C 234 8.84 -45.22 40.08
CA ALA C 234 7.58 -44.50 39.83
C ALA C 234 6.72 -45.12 38.76
N VAL C 235 7.31 -45.46 37.61
CA VAL C 235 6.54 -46.09 36.51
C VAL C 235 6.02 -47.48 36.93
N THR C 236 6.93 -48.31 37.48
CA THR C 236 6.65 -49.68 37.89
C THR C 236 5.82 -49.82 39.18
N GLY C 237 5.40 -48.69 39.77
CA GLY C 237 4.63 -48.67 41.00
C GLY C 237 5.33 -49.37 42.16
N GLY C 238 6.67 -49.35 42.12
CA GLY C 238 7.53 -49.94 43.12
C GLY C 238 8.19 -51.27 42.80
N GLU C 239 7.72 -51.94 41.72
CA GLU C 239 8.20 -53.26 41.30
C GLU C 239 9.68 -53.27 41.02
N GLN C 240 10.14 -52.25 40.29
CA GLN C 240 11.53 -52.10 39.92
C GLN C 240 12.04 -50.75 40.44
N GLY C 241 13.30 -50.42 40.14
CA GLY C 241 13.91 -49.19 40.61
C GLY C 241 14.12 -49.13 42.11
N SER C 242 14.46 -47.94 42.61
CA SER C 242 14.73 -47.77 44.04
C SER C 242 14.06 -46.58 44.74
N LEU C 243 13.84 -46.77 46.03
CA LEU C 243 13.30 -45.82 46.99
C LEU C 243 14.47 -45.54 47.92
N PHE C 244 14.91 -44.29 47.97
CA PHE C 244 16.09 -43.91 48.73
C PHE C 244 15.94 -42.53 49.38
N ALA C 245 16.77 -42.25 50.37
CA ALA C 245 16.75 -40.97 51.08
C ALA C 245 17.36 -39.87 50.20
N ALA C 246 16.62 -38.75 50.02
CA ALA C 246 17.11 -37.61 49.25
C ALA C 246 18.22 -36.92 50.03
N SER C 247 19.12 -36.18 49.34
CA SER C 247 20.21 -35.47 50.01
C SER C 247 19.78 -34.06 50.45
N LYS C 248 19.72 -33.84 51.77
CA LYS C 248 19.38 -32.55 52.39
C LYS C 248 20.65 -31.79 52.75
N ASP C 249 21.83 -32.40 52.50
CA ASP C 249 23.13 -31.77 52.79
C ASP C 249 23.29 -30.49 51.96
N ALA C 250 23.50 -29.37 52.68
CA ALA C 250 23.63 -28.03 52.11
C ALA C 250 25.07 -27.58 51.85
N SER C 251 26.07 -28.45 52.12
CA SER C 251 27.51 -28.17 51.90
C SER C 251 27.79 -27.63 50.50
N ARG C 252 27.11 -28.22 49.50
CA ARG C 252 27.19 -27.90 48.08
C ARG C 252 27.03 -26.41 47.74
N LEU C 253 26.21 -25.69 48.54
CA LEU C 253 25.89 -24.27 48.36
C LEU C 253 27.10 -23.35 48.46
N LYS C 254 28.12 -23.75 49.24
CA LYS C 254 29.35 -22.98 49.39
C LYS C 254 30.12 -23.03 48.07
N GLU C 255 30.32 -24.25 47.54
CA GLU C 255 31.03 -24.48 46.28
C GLU C 255 30.27 -23.90 45.07
N GLN C 256 28.97 -24.22 44.94
CA GLN C 256 28.14 -23.79 43.82
C GLN C 256 27.81 -22.30 43.79
N TYR C 257 27.47 -21.73 44.95
CA TYR C 257 26.98 -20.35 44.99
C TYR C 257 27.78 -19.36 45.85
N GLY C 258 28.74 -19.85 46.61
CA GLY C 258 29.54 -19.02 47.51
C GLY C 258 28.78 -18.59 48.74
N ILE C 259 27.79 -19.42 49.14
CA ILE C 259 26.94 -19.15 50.31
C ILE C 259 27.55 -19.83 51.52
N ASP C 260 27.76 -19.08 52.62
CA ASP C 260 28.27 -19.67 53.85
C ASP C 260 27.15 -20.51 54.48
N VAL C 261 27.46 -21.79 54.73
CA VAL C 261 26.52 -22.72 55.32
C VAL C 261 26.92 -22.96 56.78
N PRO C 262 26.16 -22.43 57.78
CA PRO C 262 26.49 -22.71 59.17
C PRO C 262 26.21 -24.16 59.50
N ASP C 263 26.85 -24.69 60.55
CA ASP C 263 26.65 -26.07 60.99
C ASP C 263 25.18 -26.28 61.37
N GLY C 264 24.63 -27.43 60.97
CA GLY C 264 23.27 -27.81 61.27
C GLY C 264 22.18 -27.14 60.47
N PHE C 265 22.52 -26.69 59.25
CA PHE C 265 21.56 -26.10 58.33
C PHE C 265 21.47 -26.98 57.08
N PHE C 266 20.23 -27.26 56.65
CA PHE C 266 19.96 -28.20 55.58
C PHE C 266 19.11 -27.65 54.47
N CYS C 267 19.07 -28.41 53.35
CA CYS C 267 18.22 -28.09 52.20
C CYS C 267 16.79 -28.47 52.58
N GLU C 268 15.82 -27.66 52.09
CA GLU C 268 14.38 -27.77 52.31
C GLU C 268 13.83 -29.11 51.83
N ARG C 269 12.73 -29.56 52.44
CA ARG C 269 12.04 -30.75 51.98
C ARG C 269 11.13 -30.34 50.82
N ARG C 270 11.10 -31.12 49.75
CA ARG C 270 10.27 -30.80 48.60
C ARG C 270 9.15 -31.80 48.39
N ARG C 271 7.92 -31.29 48.18
CA ARG C 271 6.71 -32.09 47.97
C ARG C 271 6.20 -31.93 46.54
N THR C 272 5.65 -33.01 45.96
CA THR C 272 5.06 -32.89 44.61
C THR C 272 3.75 -32.15 44.78
N ALA C 273 3.45 -31.28 43.84
CA ALA C 273 2.21 -30.54 43.78
C ALA C 273 1.84 -30.59 42.31
N MET C 274 0.56 -30.81 42.00
CA MET C 274 0.12 -30.93 40.61
C MET C 274 -0.91 -29.91 40.25
N GLY C 275 -0.74 -29.28 39.10
CA GLY C 275 -1.65 -28.29 38.56
C GLY C 275 -2.51 -28.93 37.48
N GLY C 276 -3.81 -28.88 37.68
CA GLY C 276 -4.75 -29.47 36.74
C GLY C 276 -4.99 -28.67 35.48
N PRO C 277 -5.42 -29.36 34.38
CA PRO C 277 -5.82 -28.63 33.16
C PRO C 277 -7.12 -27.89 33.49
N PHE C 278 -7.07 -26.55 33.52
CA PHE C 278 -8.19 -25.72 33.94
C PHE C 278 -9.53 -25.95 33.27
N ALA C 279 -9.55 -26.23 31.96
CA ALA C 279 -10.79 -26.51 31.25
C ALA C 279 -11.53 -27.73 31.84
N LEU C 280 -10.77 -28.75 32.30
CA LEU C 280 -11.33 -29.94 32.94
C LEU C 280 -11.74 -29.63 34.39
N ASN C 281 -10.93 -28.82 35.10
CA ASN C 281 -11.21 -28.46 36.48
C ASN C 281 -12.46 -27.59 36.69
N ALA C 282 -12.67 -26.59 35.80
CA ALA C 282 -13.82 -25.67 35.90
C ALA C 282 -15.17 -26.39 36.10
N PRO C 283 -15.60 -27.35 35.24
CA PRO C 283 -16.88 -28.05 35.51
C PRO C 283 -16.92 -28.85 36.81
N ILE C 284 -15.76 -29.31 37.31
CA ILE C 284 -15.66 -30.07 38.57
C ILE C 284 -15.83 -29.12 39.76
N MET C 285 -15.13 -27.97 39.72
CA MET C 285 -15.19 -26.93 40.74
C MET C 285 -16.61 -26.39 40.92
N ALA C 286 -17.34 -26.22 39.81
CA ALA C 286 -18.73 -25.73 39.76
C ALA C 286 -19.71 -26.60 40.57
N VAL C 287 -19.37 -27.88 40.79
CA VAL C 287 -20.15 -28.87 41.56
C VAL C 287 -19.54 -28.95 42.99
N ALA C 288 -18.19 -28.95 43.08
CA ALA C 288 -17.43 -29.06 44.33
C ALA C 288 -17.76 -27.95 45.33
N GLN C 289 -17.82 -26.69 44.87
CA GLN C 289 -18.14 -25.57 45.76
C GLN C 289 -19.52 -25.71 46.42
N PRO C 290 -20.67 -25.92 45.70
CA PRO C 290 -21.95 -26.13 46.43
C PRO C 290 -21.91 -27.31 47.42
N VAL C 291 -21.08 -28.36 47.14
CA VAL C 291 -20.90 -29.52 48.04
C VAL C 291 -20.29 -29.02 49.34
N ARG C 292 -19.21 -28.21 49.26
CA ARG C 292 -18.55 -27.62 50.43
C ARG C 292 -19.53 -26.80 51.24
N ASN C 293 -20.33 -25.95 50.55
CA ASN C 293 -21.35 -25.12 51.19
C ASN C 293 -22.37 -25.95 51.95
N LYS C 294 -22.77 -27.12 51.39
CA LYS C 294 -23.70 -28.04 52.06
C LYS C 294 -23.06 -28.69 53.29
N ILE C 295 -21.88 -29.32 53.13
CA ILE C 295 -21.19 -29.99 54.23
C ILE C 295 -20.75 -29.04 55.34
N TYR C 296 -20.38 -27.79 55.00
CA TYR C 296 -19.97 -26.83 56.02
C TYR C 296 -21.18 -26.18 56.73
N SER C 297 -22.41 -26.35 56.19
CA SER C 297 -23.63 -25.83 56.81
C SER C 297 -24.39 -26.95 57.54
N LYS C 298 -24.99 -27.90 56.78
CA LYS C 298 -25.75 -29.02 57.35
C LYS C 298 -24.88 -29.91 58.24
N TYR C 299 -23.63 -30.17 57.84
CA TYR C 299 -22.75 -31.02 58.62
C TYR C 299 -21.59 -30.28 59.24
N ALA C 300 -21.85 -29.01 59.63
CA ALA C 300 -20.87 -28.10 60.24
C ALA C 300 -20.16 -28.70 61.43
N TYR C 301 -20.86 -29.56 62.21
CA TYR C 301 -20.27 -30.21 63.38
C TYR C 301 -18.98 -30.95 63.02
N THR C 302 -19.08 -31.85 62.03
CA THR C 302 -17.96 -32.67 61.62
C THR C 302 -16.98 -31.91 60.74
N PHE C 303 -17.49 -31.08 59.83
CA PHE C 303 -16.72 -30.44 58.77
C PHE C 303 -16.34 -28.96 58.82
N HIS C 304 -17.12 -28.12 59.51
CA HIS C 304 -16.82 -26.68 59.56
C HIS C 304 -16.01 -26.25 60.78
N HIS C 305 -14.72 -25.96 60.54
CA HIS C 305 -13.77 -25.59 61.57
C HIS C 305 -13.17 -24.20 61.32
N THR C 306 -13.35 -23.30 62.30
CA THR C 306 -12.91 -21.91 62.23
C THR C 306 -11.84 -21.59 63.29
N THR C 307 -12.30 -21.20 64.49
CA THR C 307 -11.44 -20.80 65.61
C THR C 307 -11.13 -21.93 66.55
N ARG C 308 -10.15 -21.69 67.44
CA ARG C 308 -9.73 -22.62 68.49
C ARG C 308 -10.89 -22.87 69.47
N LEU C 309 -11.73 -21.84 69.71
CA LEU C 309 -12.90 -21.94 70.60
C LEU C 309 -14.03 -22.72 69.96
N ASN C 310 -14.21 -22.56 68.63
CA ASN C 310 -15.19 -23.29 67.82
C ASN C 310 -14.92 -24.80 67.95
N LYS C 311 -13.64 -25.22 67.85
CA LYS C 311 -13.18 -26.60 67.99
C LYS C 311 -13.34 -27.07 69.46
N GLU C 312 -12.97 -26.19 70.41
CA GLU C 312 -13.01 -26.44 71.84
C GLU C 312 -14.40 -26.80 72.35
N GLU C 313 -15.44 -26.06 71.90
CA GLU C 313 -16.83 -26.27 72.31
C GLU C 313 -17.31 -27.69 72.07
N LYS C 314 -16.89 -28.28 70.94
CA LYS C 314 -17.25 -29.66 70.55
C LYS C 314 -16.53 -30.69 71.40
N VAL C 315 -15.17 -30.60 71.43
CA VAL C 315 -14.25 -31.49 72.13
C VAL C 315 -14.49 -31.55 73.65
N LYS C 316 -14.80 -30.39 74.29
CA LYS C 316 -15.07 -30.30 75.73
C LYS C 316 -16.20 -31.20 76.21
N GLU C 317 -17.18 -31.47 75.33
CA GLU C 317 -18.35 -32.32 75.61
C GLU C 317 -18.02 -33.82 75.58
N TRP C 318 -16.86 -34.19 75.01
CA TRP C 318 -16.45 -35.58 74.86
C TRP C 318 -15.85 -36.14 76.14
N SER C 319 -16.07 -37.44 76.38
CA SER C 319 -15.50 -38.12 77.54
C SER C 319 -14.09 -38.58 77.17
N LEU C 320 -13.86 -38.81 75.87
CA LEU C 320 -12.56 -39.17 75.30
C LEU C 320 -12.39 -38.51 73.93
N CYS C 321 -11.17 -38.01 73.67
CA CYS C 321 -10.78 -37.41 72.40
C CYS C 321 -9.57 -38.19 71.88
N VAL C 322 -9.57 -38.54 70.57
CA VAL C 322 -8.49 -39.31 69.95
C VAL C 322 -8.00 -38.62 68.66
N ALA C 323 -6.79 -38.02 68.71
CA ALA C 323 -6.16 -37.37 67.55
C ALA C 323 -5.37 -38.39 66.73
N THR C 324 -5.90 -38.68 65.55
CA THR C 324 -5.34 -39.66 64.62
C THR C 324 -4.37 -39.03 63.64
N ASP C 325 -3.52 -39.89 63.04
CA ASP C 325 -2.50 -39.57 62.05
C ASP C 325 -2.61 -40.57 60.90
N VAL C 326 -2.57 -40.08 59.66
CA VAL C 326 -2.64 -40.93 58.46
C VAL C 326 -1.31 -40.84 57.74
N SER C 327 -0.72 -42.02 57.44
CA SER C 327 0.54 -42.09 56.72
C SER C 327 0.31 -41.84 55.24
N ASP C 328 1.01 -40.83 54.68
CA ASP C 328 1.01 -40.47 53.26
C ASP C 328 -0.38 -40.54 52.59
N HIS C 329 -1.34 -39.74 53.08
CA HIS C 329 -2.73 -39.72 52.63
C HIS C 329 -2.95 -39.78 51.12
N ASP C 330 -2.53 -38.72 50.41
CA ASP C 330 -2.73 -38.51 48.99
C ASP C 330 -2.18 -39.60 48.08
N THR C 331 -1.00 -40.14 48.39
CA THR C 331 -0.40 -41.22 47.60
C THR C 331 -1.11 -42.58 47.83
N PHE C 332 -1.68 -42.79 49.04
CA PHE C 332 -2.41 -44.02 49.40
C PHE C 332 -3.90 -43.97 49.04
N TRP C 333 -4.46 -42.79 48.70
CA TRP C 333 -5.88 -42.62 48.36
C TRP C 333 -6.32 -43.63 47.30
N PRO C 334 -7.38 -44.45 47.57
CA PRO C 334 -7.73 -45.53 46.63
C PRO C 334 -8.58 -45.22 45.41
N GLY C 335 -8.11 -45.72 44.27
CA GLY C 335 -8.82 -45.59 42.99
C GLY C 335 -10.16 -46.28 43.01
N TRP C 336 -10.31 -47.34 43.83
CA TRP C 336 -11.60 -47.99 43.93
C TRP C 336 -12.66 -47.06 44.52
N LEU C 337 -12.24 -46.09 45.36
CA LEU C 337 -13.16 -45.11 45.91
C LEU C 337 -13.65 -44.15 44.82
N ARG C 338 -12.75 -43.72 43.90
CA ARG C 338 -13.12 -42.89 42.75
C ARG C 338 -14.24 -43.61 41.98
N ASP C 339 -14.04 -44.91 41.68
CA ASP C 339 -14.98 -45.73 40.94
C ASP C 339 -16.29 -45.93 41.66
N LEU C 340 -16.26 -46.12 43.00
CA LEU C 340 -17.44 -46.27 43.84
C LEU C 340 -18.22 -44.93 43.83
N ILE C 341 -17.49 -43.80 44.02
CA ILE C 341 -18.05 -42.45 44.03
C ILE C 341 -18.79 -42.19 42.73
N CYS C 342 -18.12 -42.47 41.60
CA CYS C 342 -18.66 -42.32 40.24
C CYS C 342 -19.91 -43.14 40.00
N ASP C 343 -19.87 -44.43 40.41
CA ASP C 343 -20.99 -45.36 40.30
C ASP C 343 -22.19 -44.85 41.08
N GLU C 344 -21.97 -44.38 42.32
CA GLU C 344 -23.04 -43.85 43.16
C GLU C 344 -23.64 -42.55 42.65
N LEU C 345 -22.80 -41.63 42.11
CA LEU C 345 -23.27 -40.39 41.51
C LEU C 345 -24.20 -40.72 40.35
N LEU C 346 -23.84 -41.73 39.52
CA LEU C 346 -24.66 -42.18 38.41
C LEU C 346 -26.01 -42.66 38.91
N ASN C 347 -26.01 -43.48 40.00
CA ASN C 347 -27.21 -44.01 40.65
C ASN C 347 -28.10 -42.91 41.23
N MET C 348 -27.48 -41.79 41.68
CA MET C 348 -28.19 -40.63 42.22
C MET C 348 -28.91 -39.85 41.11
N GLY C 349 -28.43 -40.02 39.89
CA GLY C 349 -29.01 -39.37 38.72
C GLY C 349 -28.22 -38.20 38.19
N TYR C 350 -26.89 -38.14 38.51
CA TYR C 350 -25.96 -37.12 38.01
C TYR C 350 -25.69 -37.39 36.51
N ALA C 351 -25.61 -36.34 35.71
CA ALA C 351 -25.34 -36.44 34.27
C ALA C 351 -24.13 -37.37 34.00
N PRO C 352 -24.29 -38.48 33.21
CA PRO C 352 -23.17 -39.39 32.97
C PRO C 352 -21.93 -38.72 32.37
N TRP C 353 -22.13 -37.70 31.52
CA TRP C 353 -21.04 -36.94 30.93
C TRP C 353 -20.20 -36.23 31.99
N TRP C 354 -20.83 -35.69 33.06
CA TRP C 354 -20.08 -35.00 34.12
C TRP C 354 -19.30 -36.00 34.94
N VAL C 355 -19.95 -37.12 35.31
CA VAL C 355 -19.36 -38.23 36.07
C VAL C 355 -18.11 -38.72 35.34
N LYS C 356 -18.18 -38.81 33.98
CA LYS C 356 -17.05 -39.23 33.15
C LYS C 356 -15.91 -38.24 33.23
N LEU C 357 -16.22 -36.91 33.23
CA LEU C 357 -15.21 -35.85 33.35
C LEU C 357 -14.57 -35.98 34.73
N PHE C 358 -15.43 -36.19 35.74
CA PHE C 358 -15.04 -36.38 37.13
C PHE C 358 -14.08 -37.58 37.28
N GLU C 359 -14.48 -38.76 36.77
CA GLU C 359 -13.70 -40.01 36.76
C GLU C 359 -12.35 -39.78 36.08
N THR C 360 -12.36 -39.19 34.87
CA THR C 360 -11.17 -38.89 34.08
C THR C 360 -10.17 -38.02 34.83
N SER C 361 -10.64 -37.03 35.61
CA SER C 361 -9.79 -36.12 36.39
C SER C 361 -8.96 -36.88 37.43
N LEU C 362 -9.43 -38.07 37.81
CA LEU C 362 -8.78 -38.91 38.81
C LEU C 362 -8.02 -40.13 38.21
N LYS C 363 -7.76 -40.10 36.89
CA LYS C 363 -7.04 -41.16 36.16
C LYS C 363 -6.01 -40.54 35.23
N LEU C 364 -5.94 -39.22 35.21
CA LEU C 364 -5.11 -38.45 34.31
C LEU C 364 -3.60 -38.66 34.40
N PRO C 365 -2.92 -38.69 33.22
CA PRO C 365 -1.45 -38.73 33.20
C PRO C 365 -0.81 -37.52 33.93
N VAL C 366 0.51 -37.61 34.21
CA VAL C 366 1.24 -36.54 34.89
C VAL C 366 2.49 -36.12 34.13
N TYR C 367 2.69 -34.81 33.94
CA TYR C 367 3.88 -34.31 33.29
C TYR C 367 4.87 -33.91 34.35
N VAL C 368 5.99 -34.62 34.44
CA VAL C 368 7.04 -34.36 35.43
C VAL C 368 7.99 -33.27 34.94
N GLY C 369 8.02 -32.19 35.71
CA GLY C 369 8.84 -31.01 35.46
C GLY C 369 10.32 -31.27 35.63
N ALA C 370 10.89 -30.79 36.76
CA ALA C 370 12.31 -30.92 37.07
C ALA C 370 12.57 -31.33 38.54
N PRO C 371 12.60 -32.66 38.82
CA PRO C 371 12.87 -33.12 40.21
C PRO C 371 14.29 -32.87 40.72
N ALA C 372 15.24 -32.69 39.78
CA ALA C 372 16.67 -32.49 40.03
C ALA C 372 17.32 -31.96 38.75
N PRO C 373 18.56 -31.40 38.78
CA PRO C 373 19.21 -30.96 37.51
C PRO C 373 19.42 -32.16 36.59
N GLU C 374 19.24 -31.96 35.26
CA GLU C 374 19.39 -33.01 34.24
C GLU C 374 18.41 -34.22 34.42
N GLN C 375 17.21 -33.96 34.99
CA GLN C 375 16.16 -34.95 35.22
C GLN C 375 14.79 -34.34 34.98
N GLY C 376 13.85 -35.17 34.54
CA GLY C 376 12.46 -34.77 34.33
C GLY C 376 12.08 -34.58 32.88
N HIS C 377 11.14 -33.65 32.62
CA HIS C 377 10.60 -33.31 31.30
C HIS C 377 10.07 -34.57 30.62
N THR C 378 9.25 -35.33 31.38
CA THR C 378 8.71 -36.60 30.96
C THR C 378 7.23 -36.69 31.33
N LEU C 379 6.41 -37.15 30.38
CA LEU C 379 5.00 -37.38 30.59
C LEU C 379 4.82 -38.85 31.02
N LEU C 380 4.14 -39.09 32.15
CA LEU C 380 3.86 -40.44 32.64
C LEU C 380 2.39 -40.72 32.37
N GLY C 381 2.11 -41.82 31.68
CA GLY C 381 0.76 -42.20 31.30
C GLY C 381 0.39 -41.65 29.93
N ASP C 382 -0.55 -42.33 29.26
CA ASP C 382 -0.99 -41.94 27.92
C ASP C 382 -2.29 -41.13 27.99
N PRO C 383 -2.28 -39.85 27.54
CA PRO C 383 -3.51 -39.04 27.57
C PRO C 383 -4.64 -39.51 26.67
N SER C 384 -4.34 -40.37 25.67
CA SER C 384 -5.33 -40.94 24.77
C SER C 384 -6.26 -41.89 25.51
N ASN C 385 -5.74 -42.49 26.60
CA ASN C 385 -6.49 -43.40 27.46
C ASN C 385 -6.12 -43.27 28.94
N PRO C 386 -6.71 -42.28 29.66
CA PRO C 386 -6.37 -42.06 31.08
C PRO C 386 -6.60 -43.30 31.92
N ASP C 387 -5.51 -43.80 32.55
CA ASP C 387 -5.51 -45.02 33.36
C ASP C 387 -4.52 -45.01 34.55
N LEU C 388 -4.08 -43.82 35.01
CA LEU C 388 -3.15 -43.73 36.15
C LEU C 388 -3.85 -43.93 37.49
N GLU C 389 -3.08 -44.42 38.49
CA GLU C 389 -3.53 -44.66 39.85
C GLU C 389 -2.58 -43.96 40.84
N VAL C 390 -2.40 -42.64 40.66
CA VAL C 390 -1.49 -41.79 41.44
C VAL C 390 -2.00 -41.57 42.86
N GLY C 391 -3.26 -41.96 43.07
CA GLY C 391 -4.00 -41.71 44.29
C GLY C 391 -4.78 -40.42 44.08
N LEU C 392 -4.60 -39.44 44.98
CA LEU C 392 -5.29 -38.16 44.86
C LEU C 392 -4.34 -37.10 44.33
N SER C 393 -4.66 -36.52 43.14
CA SER C 393 -3.86 -35.45 42.50
C SER C 393 -4.19 -34.13 43.21
N SER C 394 -3.19 -33.45 43.78
CA SER C 394 -3.37 -32.19 44.53
C SER C 394 -4.14 -31.08 43.81
N GLY C 395 -4.05 -31.05 42.49
CA GLY C 395 -4.69 -30.03 41.68
C GLY C 395 -6.10 -30.30 41.23
N GLN C 396 -6.63 -31.54 41.45
CA GLN C 396 -7.97 -31.93 41.04
C GLN C 396 -8.99 -31.00 41.70
N GLY C 397 -10.06 -30.66 40.97
CA GLY C 397 -11.08 -29.72 41.42
C GLY C 397 -11.80 -29.98 42.74
N ALA C 398 -11.74 -31.23 43.26
CA ALA C 398 -12.43 -31.62 44.48
C ALA C 398 -11.56 -32.45 45.45
N THR C 399 -10.22 -32.25 45.45
CA THR C 399 -9.30 -33.04 46.31
C THR C 399 -9.62 -33.02 47.78
N ASP C 400 -10.05 -31.86 48.31
CA ASP C 400 -10.42 -31.72 49.72
C ASP C 400 -11.60 -32.63 50.04
N LEU C 401 -12.63 -32.64 49.18
CA LEU C 401 -13.82 -33.47 49.34
C LEU C 401 -13.49 -34.95 49.20
N MET C 402 -12.57 -35.31 48.29
CA MET C 402 -12.14 -36.70 48.10
C MET C 402 -11.45 -37.29 49.33
N GLY C 403 -10.55 -36.51 49.92
CA GLY C 403 -9.85 -36.86 51.14
C GLY C 403 -10.81 -36.94 52.31
N THR C 404 -11.74 -35.97 52.42
CA THR C 404 -12.76 -35.86 53.47
C THR C 404 -13.74 -37.06 53.44
N LEU C 405 -14.26 -37.40 52.24
CA LEU C 405 -15.17 -38.53 51.99
C LEU C 405 -14.50 -39.82 52.47
N LEU C 406 -13.27 -40.13 51.97
CA LEU C 406 -12.53 -41.32 52.37
C LEU C 406 -12.32 -41.38 53.86
N MET C 407 -11.69 -40.34 54.41
CA MET C 407 -11.33 -40.29 55.82
C MET C 407 -12.47 -40.29 56.80
N SER C 408 -13.53 -39.49 56.56
CA SER C 408 -14.69 -39.47 57.47
C SER C 408 -15.29 -40.87 57.65
N ILE C 409 -15.46 -41.62 56.55
CA ILE C 409 -16.00 -42.98 56.58
C ILE C 409 -15.00 -43.95 57.21
N THR C 410 -13.70 -43.81 56.89
CA THR C 410 -12.63 -44.64 57.46
C THR C 410 -12.64 -44.58 59.00
N TYR C 411 -12.74 -43.35 59.56
CA TYR C 411 -12.76 -43.14 61.02
C TYR C 411 -14.03 -43.67 61.63
N LEU C 412 -15.19 -43.47 60.97
CA LEU C 412 -16.48 -43.98 61.45
C LEU C 412 -16.43 -45.52 61.54
N VAL C 413 -15.92 -46.17 60.47
CA VAL C 413 -15.75 -47.63 60.40
C VAL C 413 -14.84 -48.11 61.53
N MET C 414 -13.75 -47.38 61.82
CA MET C 414 -12.83 -47.70 62.91
C MET C 414 -13.56 -47.66 64.25
N GLN C 415 -14.44 -46.64 64.46
CA GLN C 415 -15.24 -46.50 65.68
C GLN C 415 -16.27 -47.65 65.79
N LEU C 416 -16.87 -48.05 64.65
CA LEU C 416 -17.84 -49.13 64.59
C LEU C 416 -17.17 -50.48 64.88
N ASP C 417 -16.08 -50.78 64.18
CA ASP C 417 -15.31 -52.02 64.33
C ASP C 417 -14.78 -52.27 65.72
N HIS C 418 -14.13 -51.26 66.32
CA HIS C 418 -13.46 -51.42 67.61
C HIS C 418 -14.21 -50.96 68.84
N THR C 419 -15.26 -50.14 68.68
CA THR C 419 -15.96 -49.59 69.84
C THR C 419 -17.48 -49.74 69.86
N ALA C 420 -18.15 -49.63 68.68
CA ALA C 420 -19.60 -49.65 68.63
C ALA C 420 -20.30 -50.71 67.74
N PRO C 421 -20.09 -52.04 67.98
CA PRO C 421 -20.82 -53.06 67.19
C PRO C 421 -22.35 -52.99 67.33
N HIS C 422 -22.83 -52.38 68.43
CA HIS C 422 -24.24 -52.18 68.73
C HIS C 422 -24.92 -51.18 67.79
N LEU C 423 -24.13 -50.44 67.03
CA LEU C 423 -24.69 -49.51 66.07
C LEU C 423 -24.81 -50.11 64.66
N ASN C 424 -24.16 -51.28 64.42
CA ASN C 424 -24.20 -51.98 63.13
C ASN C 424 -25.62 -52.28 62.64
N SER C 425 -26.55 -52.58 63.58
CA SER C 425 -27.96 -52.85 63.31
C SER C 425 -28.68 -51.65 62.69
N ARG C 426 -28.18 -50.42 62.93
CA ARG C 426 -28.76 -49.19 62.39
C ARG C 426 -28.44 -48.99 60.90
N ILE C 427 -27.48 -49.78 60.36
CA ILE C 427 -27.03 -49.72 58.96
C ILE C 427 -27.38 -51.05 58.27
N LYS C 428 -28.62 -51.12 57.74
CA LYS C 428 -29.17 -52.32 57.10
C LYS C 428 -29.30 -52.22 55.58
N ASP C 429 -29.55 -50.99 55.09
CA ASP C 429 -29.75 -50.69 53.68
C ASP C 429 -29.34 -49.24 53.43
N MET C 430 -29.51 -48.74 52.19
CA MET C 430 -29.17 -47.35 51.89
C MET C 430 -29.96 -46.31 52.70
N PRO C 431 -31.32 -46.36 52.80
CA PRO C 431 -32.03 -45.35 53.60
C PRO C 431 -31.58 -45.28 55.07
N SER C 432 -31.40 -46.44 55.73
CA SER C 432 -30.92 -46.49 57.12
C SER C 432 -29.48 -46.02 57.25
N ALA C 433 -28.61 -46.34 56.24
CA ALA C 433 -27.21 -45.91 56.22
C ALA C 433 -27.18 -44.39 56.17
N CYS C 434 -28.02 -43.78 55.27
CA CYS C 434 -28.13 -42.34 55.09
C CYS C 434 -28.61 -41.62 56.34
N ARG C 435 -29.66 -42.17 57.00
CA ARG C 435 -30.24 -41.62 58.23
C ARG C 435 -29.21 -41.61 59.35
N PHE C 436 -28.47 -42.74 59.50
CA PHE C 436 -27.44 -42.91 60.52
C PHE C 436 -26.28 -41.93 60.30
N LEU C 437 -25.74 -41.89 59.07
CA LEU C 437 -24.62 -41.01 58.74
C LEU C 437 -24.99 -39.54 58.94
N ASP C 438 -26.26 -39.16 58.60
CA ASP C 438 -26.81 -37.81 58.78
C ASP C 438 -26.78 -37.45 60.26
N SER C 439 -27.14 -38.40 61.14
CA SER C 439 -27.12 -38.18 62.58
C SER C 439 -25.67 -38.03 63.05
N TYR C 440 -24.83 -39.02 62.71
CA TYR C 440 -23.41 -39.08 63.06
C TYR C 440 -22.67 -37.83 62.67
N TRP C 441 -22.85 -37.35 61.43
CA TRP C 441 -22.19 -36.15 60.92
C TRP C 441 -22.66 -34.86 61.61
N GLN C 442 -23.88 -34.86 62.20
CA GLN C 442 -24.41 -33.72 62.93
C GLN C 442 -23.97 -33.73 64.41
N GLY C 443 -23.27 -34.81 64.78
CA GLY C 443 -22.74 -35.07 66.11
C GLY C 443 -23.76 -35.57 67.11
N HIS C 444 -24.85 -36.18 66.60
CA HIS C 444 -25.97 -36.66 67.42
C HIS C 444 -25.80 -38.05 68.02
N GLU C 445 -24.70 -38.74 67.68
CA GLU C 445 -24.45 -40.09 68.20
C GLU C 445 -23.43 -40.07 69.33
N GLU C 446 -23.30 -41.19 70.06
CA GLU C 446 -22.33 -41.32 71.17
C GLU C 446 -20.89 -41.39 70.66
N ILE C 447 -20.73 -41.70 69.37
CA ILE C 447 -19.45 -41.68 68.66
C ILE C 447 -19.49 -40.45 67.78
N ARG C 448 -18.43 -39.65 67.84
CA ARG C 448 -18.34 -38.39 67.12
C ARG C 448 -16.98 -38.18 66.48
N GLN C 449 -16.88 -37.18 65.59
CA GLN C 449 -15.61 -36.82 64.95
C GLN C 449 -15.64 -35.39 64.43
N ILE C 450 -14.45 -34.81 64.32
CA ILE C 450 -14.20 -33.51 63.70
C ILE C 450 -13.07 -33.79 62.73
N SER C 451 -13.28 -33.46 61.45
CA SER C 451 -12.25 -33.75 60.47
C SER C 451 -12.14 -32.76 59.32
N LYS C 452 -11.04 -32.93 58.58
CA LYS C 452 -10.72 -32.26 57.32
C LYS C 452 -9.61 -33.11 56.71
N SER C 453 -9.96 -33.84 55.61
CA SER C 453 -9.07 -34.77 54.91
C SER C 453 -8.40 -35.73 55.90
N ASP C 454 -7.04 -35.72 55.99
CA ASP C 454 -6.24 -36.58 56.86
C ASP C 454 -6.04 -36.10 58.31
N ASP C 455 -6.63 -34.95 58.69
CA ASP C 455 -6.54 -34.44 60.07
C ASP C 455 -7.88 -34.65 60.72
N ALA C 456 -7.87 -35.29 61.90
CA ALA C 456 -9.10 -35.55 62.64
C ALA C 456 -8.88 -35.78 64.12
N MET C 457 -9.99 -35.73 64.83
CA MET C 457 -10.11 -36.00 66.23
C MET C 457 -11.39 -36.79 66.44
N LEU C 458 -11.24 -37.99 66.98
CA LEU C 458 -12.35 -38.91 67.20
C LEU C 458 -12.83 -38.83 68.62
N GLY C 459 -14.14 -38.73 68.81
CA GLY C 459 -14.74 -38.60 70.12
C GLY C 459 -15.76 -39.61 70.54
N TRP C 460 -15.84 -39.81 71.86
CA TRP C 460 -16.77 -40.70 72.54
C TRP C 460 -17.41 -39.96 73.70
N THR C 461 -18.74 -40.05 73.82
CA THR C 461 -19.47 -39.48 74.96
C THR C 461 -19.70 -40.68 75.91
N LYS C 462 -20.49 -40.49 76.99
CA LYS C 462 -20.81 -41.58 77.91
C LYS C 462 -21.69 -42.57 77.15
N GLY C 463 -21.49 -43.85 77.42
CA GLY C 463 -22.26 -44.91 76.78
C GLY C 463 -21.47 -46.18 76.57
N ARG C 464 -22.07 -47.12 75.82
CA ARG C 464 -21.51 -48.43 75.52
C ARG C 464 -20.22 -48.40 74.71
N ALA C 465 -20.08 -47.43 73.79
CA ALA C 465 -18.89 -47.30 72.93
C ALA C 465 -17.66 -46.76 73.66
N LEU C 466 -17.84 -45.99 74.77
CA LEU C 466 -16.75 -45.38 75.55
C LEU C 466 -15.63 -46.35 75.98
N VAL C 467 -16.00 -47.53 76.51
CA VAL C 467 -15.03 -48.55 76.93
C VAL C 467 -14.18 -49.02 75.74
N GLY C 468 -14.83 -49.22 74.58
CA GLY C 468 -14.20 -49.62 73.34
C GLY C 468 -13.25 -48.55 72.82
N GLY C 469 -13.65 -47.28 72.99
CA GLY C 469 -12.87 -46.10 72.63
C GLY C 469 -11.53 -46.10 73.34
N HIS C 470 -11.53 -46.51 74.62
CA HIS C 470 -10.30 -46.59 75.41
C HIS C 470 -9.39 -47.72 74.93
N ARG C 471 -9.98 -48.89 74.54
CA ARG C 471 -9.25 -50.03 74.00
C ARG C 471 -8.59 -49.67 72.67
N LEU C 472 -9.33 -48.93 71.81
CA LEU C 472 -8.84 -48.46 70.51
C LEU C 472 -7.64 -47.53 70.71
N PHE C 473 -7.75 -46.58 71.66
CA PHE C 473 -6.69 -45.62 72.00
C PHE C 473 -5.46 -46.39 72.48
N GLU C 474 -5.69 -47.45 73.27
CA GLU C 474 -4.63 -48.30 73.79
C GLU C 474 -3.94 -49.06 72.63
N MET C 475 -4.75 -49.59 71.67
CA MET C 475 -4.25 -50.29 70.50
C MET C 475 -3.35 -49.38 69.67
N LEU C 476 -3.74 -48.09 69.53
CA LEU C 476 -2.96 -47.07 68.83
C LEU C 476 -1.64 -46.80 69.56
N LYS C 477 -1.70 -46.65 70.91
CA LYS C 477 -0.50 -46.43 71.73
C LYS C 477 0.50 -47.58 71.52
N GLU C 478 0.01 -48.84 71.64
CA GLU C 478 0.79 -50.06 71.45
C GLU C 478 1.41 -50.14 70.05
N GLY C 479 0.69 -49.64 69.04
CA GLY C 479 1.14 -49.56 67.65
C GLY C 479 1.62 -50.87 67.03
N LYS C 480 0.88 -51.96 67.28
CA LYS C 480 1.23 -53.28 66.78
C LYS C 480 0.27 -53.71 65.67
N VAL C 481 -0.98 -53.19 65.69
CA VAL C 481 -2.04 -53.57 64.75
C VAL C 481 -2.64 -52.30 64.16
N ASN C 482 -2.80 -52.28 62.82
CA ASN C 482 -3.43 -51.14 62.14
C ASN C 482 -4.93 -51.25 62.38
N PRO C 483 -5.59 -50.20 62.95
CA PRO C 483 -7.03 -50.31 63.24
C PRO C 483 -7.97 -50.25 62.04
N SER C 484 -7.45 -49.89 60.87
CA SER C 484 -8.26 -49.74 59.69
C SER C 484 -7.82 -50.68 58.55
N PRO C 485 -8.76 -51.21 57.74
CA PRO C 485 -8.34 -51.98 56.57
C PRO C 485 -8.03 -51.06 55.37
N TYR C 486 -8.42 -49.77 55.44
CA TYR C 486 -8.34 -48.81 54.36
C TYR C 486 -7.09 -47.98 54.25
N MET C 487 -6.62 -47.41 55.37
CA MET C 487 -5.43 -46.56 55.41
C MET C 487 -4.57 -46.89 56.64
N LYS C 488 -3.30 -46.45 56.64
CA LYS C 488 -2.37 -46.66 57.75
C LYS C 488 -2.62 -45.58 58.82
N ILE C 489 -3.35 -45.95 59.88
CA ILE C 489 -3.70 -45.05 60.98
C ILE C 489 -2.86 -45.33 62.22
N SER C 490 -2.49 -44.24 62.91
CA SER C 490 -1.72 -44.22 64.15
C SER C 490 -2.24 -43.04 64.97
N TYR C 491 -1.67 -42.80 66.16
CA TYR C 491 -2.07 -41.64 66.94
C TYR C 491 -1.04 -40.55 66.67
N GLU C 492 -1.43 -39.26 66.76
CA GLU C 492 -0.50 -38.14 66.53
C GLU C 492 0.35 -37.92 67.78
N HIS C 493 1.68 -37.92 67.63
CA HIS C 493 2.51 -37.65 68.81
C HIS C 493 2.55 -36.12 69.05
N GLY C 494 1.53 -35.65 69.77
CA GLY C 494 1.30 -34.24 70.02
C GLY C 494 -0.02 -33.84 69.40
N GLY C 495 -1.09 -34.00 70.19
CA GLY C 495 -2.48 -33.75 69.78
C GLY C 495 -2.79 -32.36 69.26
N ALA C 496 -3.00 -32.24 67.93
CA ALA C 496 -3.35 -31.00 67.25
C ALA C 496 -4.38 -31.23 66.14
N PHE C 497 -5.35 -30.30 66.00
CA PHE C 497 -6.35 -30.33 64.93
C PHE C 497 -6.36 -29.00 64.20
N LEU C 498 -6.04 -29.05 62.88
CA LEU C 498 -6.01 -27.92 61.98
C LEU C 498 -5.21 -26.75 62.56
N GLY C 499 -3.98 -27.06 62.99
CA GLY C 499 -3.02 -26.10 63.52
C GLY C 499 -3.12 -25.74 64.98
N ASP C 500 -4.24 -26.12 65.65
CA ASP C 500 -4.45 -25.83 67.06
C ASP C 500 -4.15 -27.05 67.92
N ILE C 501 -3.22 -26.88 68.87
CA ILE C 501 -2.79 -27.94 69.77
C ILE C 501 -3.83 -28.12 70.88
N LEU C 502 -4.18 -29.38 71.17
CA LEU C 502 -5.07 -29.66 72.27
C LEU C 502 -4.20 -29.89 73.52
N LEU C 503 -4.16 -28.86 74.39
CA LEU C 503 -3.41 -28.83 75.64
C LEU C 503 -4.25 -29.28 76.85
N TYR C 504 -3.99 -30.50 77.33
CA TYR C 504 -4.68 -31.08 78.49
C TYR C 504 -3.96 -30.60 79.74
N ASP C 505 -4.58 -30.78 80.91
CA ASP C 505 -3.99 -30.45 82.20
C ASP C 505 -3.66 -31.77 82.95
N SER C 506 -3.49 -31.72 84.29
CA SER C 506 -3.16 -32.90 85.11
C SER C 506 -4.18 -34.05 84.98
N ARG C 507 -5.46 -33.70 84.76
CA ARG C 507 -6.56 -34.66 84.61
C ARG C 507 -6.48 -35.51 83.32
N ARG C 508 -5.89 -34.95 82.24
CA ARG C 508 -5.78 -35.57 80.90
C ARG C 508 -7.16 -35.98 80.36
N GLU C 509 -8.14 -35.06 80.48
CA GLU C 509 -9.51 -35.27 80.03
C GLU C 509 -9.93 -34.16 79.06
N PRO C 510 -10.77 -34.48 78.03
CA PRO C 510 -11.19 -33.44 77.06
C PRO C 510 -11.94 -32.24 77.66
N GLY C 511 -12.69 -32.50 78.73
CA GLY C 511 -13.48 -31.50 79.43
C GLY C 511 -12.67 -30.34 79.99
N SER C 512 -11.44 -30.62 80.43
CA SER C 512 -10.53 -29.63 81.01
C SER C 512 -9.39 -29.20 80.09
N ALA C 513 -9.34 -29.79 78.90
CA ALA C 513 -8.34 -29.47 77.87
C ALA C 513 -8.76 -28.19 77.14
N ILE C 514 -7.81 -27.49 76.50
CA ILE C 514 -8.09 -26.27 75.73
C ILE C 514 -7.33 -26.29 74.40
N PHE C 515 -7.91 -25.70 73.35
CA PHE C 515 -7.20 -25.58 72.08
C PHE C 515 -6.39 -24.30 72.06
N VAL C 516 -5.09 -24.42 71.77
CA VAL C 516 -4.20 -23.26 71.72
C VAL C 516 -3.48 -23.21 70.39
N GLY C 517 -3.08 -22.00 69.97
CA GLY C 517 -2.31 -21.81 68.75
C GLY C 517 -0.96 -22.48 68.89
N ASN C 518 -0.43 -23.04 67.78
CA ASN C 518 0.87 -23.70 67.81
C ASN C 518 1.96 -22.65 67.58
N ILE C 519 2.73 -22.32 68.64
CA ILE C 519 3.81 -21.32 68.58
C ILE C 519 4.86 -21.70 67.56
N ASN C 520 5.10 -23.00 67.34
CA ASN C 520 6.04 -23.49 66.35
C ASN C 520 5.58 -23.10 64.96
N SER C 521 4.24 -23.13 64.71
CA SER C 521 3.69 -22.70 63.42
C SER C 521 3.85 -21.17 63.19
N MET C 522 3.84 -20.34 64.28
CA MET C 522 4.07 -18.90 64.17
C MET C 522 5.49 -18.69 63.67
N LEU C 523 6.44 -19.43 64.26
CA LEU C 523 7.86 -19.38 63.90
C LEU C 523 8.10 -19.86 62.46
N ASN C 524 7.38 -20.91 62.04
CA ASN C 524 7.44 -21.44 60.68
C ASN C 524 6.97 -20.37 59.71
N ASN C 525 5.82 -19.74 59.99
CA ASN C 525 5.25 -18.70 59.13
C ASN C 525 6.07 -17.40 59.10
N GLN C 526 6.61 -16.97 60.25
CA GLN C 526 7.38 -15.72 60.30
C GLN C 526 8.81 -15.84 59.81
N PHE C 527 9.49 -16.95 60.10
CA PHE C 527 10.91 -17.09 59.73
C PHE C 527 11.24 -18.09 58.63
N SER C 528 10.30 -18.99 58.30
CA SER C 528 10.50 -19.95 57.24
C SER C 528 9.31 -19.92 56.26
N PRO C 529 8.99 -18.78 55.60
CA PRO C 529 7.87 -18.80 54.64
C PRO C 529 8.20 -19.69 53.45
N GLU C 530 7.17 -20.28 52.82
CA GLU C 530 7.36 -21.15 51.66
C GLU C 530 7.83 -20.34 50.46
N TYR C 531 7.31 -19.10 50.32
CA TYR C 531 7.64 -18.20 49.22
C TYR C 531 8.29 -16.92 49.69
N GLY C 532 8.98 -16.26 48.76
CA GLY C 532 9.57 -14.95 48.99
C GLY C 532 8.49 -13.90 48.94
N VAL C 533 8.85 -12.61 49.16
CA VAL C 533 7.89 -11.50 49.15
C VAL C 533 7.41 -11.08 47.76
N GLN C 534 8.13 -11.51 46.68
CA GLN C 534 7.84 -11.21 45.27
C GLN C 534 7.68 -9.70 45.08
N SER C 535 8.64 -8.91 45.62
CA SER C 535 8.58 -7.44 45.57
C SER C 535 8.48 -6.85 44.14
N GLY C 536 8.85 -7.66 43.14
CA GLY C 536 8.78 -7.30 41.73
C GLY C 536 7.39 -7.41 41.13
N VAL C 537 6.50 -8.19 41.77
CA VAL C 537 5.10 -8.39 41.34
C VAL C 537 4.30 -7.17 41.83
N ARG C 538 3.97 -6.26 40.90
CA ARG C 538 3.25 -5.00 41.17
C ARG C 538 1.91 -5.20 41.83
N ASP C 539 1.07 -6.09 41.27
CA ASP C 539 -0.26 -6.41 41.80
C ASP C 539 -0.07 -7.35 42.99
N ARG C 540 -0.19 -6.80 44.20
CA ARG C 540 -0.02 -7.53 45.44
C ARG C 540 -1.00 -8.65 45.63
N SER C 541 -2.23 -8.51 45.11
CA SER C 541 -3.26 -9.54 45.20
C SER C 541 -2.88 -10.86 44.48
N LYS C 542 -1.94 -10.77 43.49
CA LYS C 542 -1.42 -11.89 42.71
C LYS C 542 -0.24 -12.60 43.37
N ARG C 543 0.42 -11.95 44.36
CA ARG C 543 1.56 -12.51 45.09
C ARG C 543 1.14 -13.69 45.96
N LYS C 544 2.08 -14.58 46.25
CA LYS C 544 1.85 -15.72 47.13
C LYS C 544 1.70 -15.22 48.56
N ARG C 545 2.34 -14.05 48.87
CA ARG C 545 2.26 -13.40 50.18
C ARG C 545 1.91 -11.91 49.94
N PRO C 546 0.62 -11.57 49.68
CA PRO C 546 0.26 -10.18 49.38
C PRO C 546 0.68 -9.15 50.42
N PHE C 547 0.13 -9.22 51.64
CA PHE C 547 0.47 -8.25 52.68
C PHE C 547 1.09 -8.96 53.91
N PRO C 548 2.42 -9.33 53.88
CA PRO C 548 3.01 -10.07 55.02
C PRO C 548 2.98 -9.34 56.37
N GLY C 549 3.00 -7.99 56.33
CA GLY C 549 2.96 -7.13 57.50
C GLY C 549 1.75 -7.29 58.39
N LEU C 550 0.58 -7.59 57.77
CA LEU C 550 -0.72 -7.77 58.43
C LEU C 550 -0.79 -8.88 59.48
N ALA C 551 0.05 -9.93 59.32
CA ALA C 551 0.13 -11.07 60.22
C ALA C 551 0.43 -10.67 61.67
N TRP C 552 1.13 -9.53 61.86
CA TRP C 552 1.48 -9.00 63.17
C TRP C 552 0.25 -8.61 63.97
N ALA C 553 -0.77 -8.06 63.28
CA ALA C 553 -2.03 -7.61 63.90
C ALA C 553 -2.89 -8.75 64.41
N SER C 554 -2.80 -9.93 63.77
CA SER C 554 -3.58 -11.13 64.11
C SER C 554 -2.84 -12.08 65.02
N MET C 555 -1.52 -11.87 65.20
CA MET C 555 -0.61 -12.67 66.02
C MET C 555 -1.13 -13.03 67.42
N LYS C 556 -1.51 -12.02 68.23
CA LYS C 556 -2.02 -12.20 69.60
C LYS C 556 -3.30 -13.02 69.59
N ASP C 557 -4.19 -12.74 68.64
CA ASP C 557 -5.44 -13.46 68.52
C ASP C 557 -5.21 -14.93 68.18
N THR C 558 -4.31 -15.22 67.23
CA THR C 558 -3.98 -16.56 66.77
C THR C 558 -3.14 -17.37 67.76
N TYR C 559 -2.06 -16.76 68.29
CA TYR C 559 -1.10 -17.45 69.15
C TYR C 559 -1.08 -17.12 70.66
N GLY C 560 -1.72 -16.02 71.07
CA GLY C 560 -1.75 -15.56 72.46
C GLY C 560 -2.02 -16.60 73.53
N ALA C 561 -2.90 -17.59 73.22
CA ALA C 561 -3.28 -18.65 74.15
C ALA C 561 -2.19 -19.68 74.39
N CYS C 562 -1.08 -19.68 73.60
CA CYS C 562 0.01 -20.62 73.83
C CYS C 562 0.68 -20.27 75.16
N PRO C 563 0.86 -21.25 76.09
CA PRO C 563 1.48 -20.92 77.39
C PRO C 563 2.78 -20.09 77.32
N ILE C 564 3.61 -20.35 76.30
CA ILE C 564 4.89 -19.68 76.15
C ILE C 564 4.92 -18.53 75.13
N TYR C 565 3.73 -18.01 74.75
CA TYR C 565 3.61 -16.91 73.78
C TYR C 565 4.53 -15.71 74.09
N SER C 566 4.41 -15.13 75.30
CA SER C 566 5.21 -13.98 75.75
C SER C 566 6.71 -14.28 75.73
N ASP C 567 7.08 -15.48 76.24
CA ASP C 567 8.45 -15.99 76.31
C ASP C 567 9.09 -16.06 74.93
N VAL C 568 8.35 -16.54 73.92
CA VAL C 568 8.83 -16.67 72.54
C VAL C 568 9.06 -15.29 71.94
N LEU C 569 8.10 -14.35 72.14
CA LEU C 569 8.22 -12.99 71.64
C LEU C 569 9.42 -12.27 72.20
N GLU C 570 9.72 -12.51 73.49
CA GLU C 570 10.88 -11.94 74.19
C GLU C 570 12.18 -12.56 73.68
N ALA C 571 12.19 -13.90 73.46
CA ALA C 571 13.35 -14.63 72.94
C ALA C 571 13.66 -14.17 71.51
N ILE C 572 12.62 -13.94 70.68
CA ILE C 572 12.77 -13.44 69.31
C ILE C 572 13.44 -12.06 69.38
N GLU C 573 12.87 -11.17 70.23
CA GLU C 573 13.36 -9.81 70.42
C GLU C 573 14.85 -9.78 70.76
N ARG C 574 15.24 -10.56 71.79
CA ARG C 574 16.62 -10.69 72.26
C ARG C 574 17.56 -11.22 71.16
N CYS C 575 17.17 -12.32 70.47
CA CYS C 575 17.96 -12.94 69.39
C CYS C 575 18.09 -12.06 68.15
N TRP C 576 17.06 -11.25 67.84
CA TRP C 576 17.05 -10.35 66.70
C TRP C 576 17.96 -9.16 66.98
N TRP C 577 18.00 -8.70 68.25
CA TRP C 577 18.89 -7.62 68.70
C TRP C 577 20.34 -8.06 68.54
N ASN C 578 20.66 -9.30 68.97
CA ASN C 578 22.00 -9.87 68.88
C ASN C 578 22.51 -9.97 67.44
N ALA C 579 21.65 -10.43 66.52
CA ALA C 579 21.97 -10.66 65.11
C ALA C 579 21.90 -9.43 64.22
N PHE C 580 20.92 -8.52 64.43
CA PHE C 580 20.73 -7.36 63.56
C PHE C 580 20.99 -6.01 64.20
N GLY C 581 21.00 -5.95 65.53
CA GLY C 581 21.16 -4.70 66.26
C GLY C 581 19.95 -3.81 66.06
N GLU C 582 18.75 -4.42 66.00
CA GLU C 582 17.46 -3.74 65.78
C GLU C 582 16.36 -4.41 66.60
N SER C 583 15.23 -3.71 66.82
CA SER C 583 14.08 -4.31 67.51
C SER C 583 13.18 -5.01 66.48
N TYR C 584 12.96 -6.32 66.66
CA TYR C 584 12.09 -7.08 65.75
C TYR C 584 10.65 -6.54 65.82
N ARG C 585 10.14 -6.28 67.05
CA ARG C 585 8.81 -5.75 67.30
C ARG C 585 8.60 -4.44 66.54
N ALA C 586 9.56 -3.50 66.62
CA ALA C 586 9.47 -2.22 65.91
C ALA C 586 9.48 -2.43 64.40
N TYR C 587 10.33 -3.36 63.91
CA TYR C 587 10.46 -3.74 62.50
C TYR C 587 9.12 -4.25 61.97
N ARG C 588 8.46 -5.10 62.75
CA ARG C 588 7.16 -5.67 62.42
C ARG C 588 6.01 -4.68 62.51
N GLU C 589 6.10 -3.70 63.45
CA GLU C 589 5.11 -2.63 63.62
C GLU C 589 5.16 -1.73 62.39
N ASP C 590 6.39 -1.44 61.88
CA ASP C 590 6.55 -0.61 60.69
C ASP C 590 5.98 -1.33 59.47
N MET C 591 6.25 -2.65 59.35
CA MET C 591 5.76 -3.46 58.23
C MET C 591 4.24 -3.50 58.25
N LEU C 592 3.65 -3.60 59.45
CA LEU C 592 2.21 -3.62 59.65
C LEU C 592 1.60 -2.28 59.17
N LYS C 593 2.21 -1.15 59.56
CA LYS C 593 1.75 0.18 59.15
C LYS C 593 1.78 0.34 57.64
N ARG C 594 2.89 -0.05 57.00
CA ARG C 594 3.08 0.04 55.54
C ARG C 594 2.05 -0.81 54.79
N ASP C 595 1.83 -2.06 55.24
CA ASP C 595 0.88 -2.96 54.62
C ASP C 595 -0.59 -2.62 54.86
N THR C 596 -0.91 -1.94 55.98
CA THR C 596 -2.27 -1.45 56.27
C THR C 596 -2.60 -0.36 55.27
N LEU C 597 -1.63 0.54 54.99
CA LEU C 597 -1.73 1.63 54.02
C LEU C 597 -1.88 1.11 52.61
N GLU C 598 -1.06 0.10 52.26
CA GLU C 598 -1.06 -0.58 50.97
C GLU C 598 -2.38 -1.32 50.71
N LEU C 599 -2.93 -1.98 51.76
CA LEU C 599 -4.18 -2.75 51.71
C LEU C 599 -5.43 -1.94 51.31
N SER C 600 -5.50 -0.64 51.70
CA SER C 600 -6.62 0.24 51.36
C SER C 600 -6.70 0.53 49.85
N ARG C 601 -5.57 0.43 49.12
CA ARG C 601 -5.49 0.61 47.66
C ARG C 601 -6.23 -0.52 46.92
N TYR C 602 -6.35 -1.68 47.56
CA TYR C 602 -6.98 -2.87 47.00
C TYR C 602 -8.43 -3.07 47.41
N VAL C 603 -8.85 -2.47 48.53
CA VAL C 603 -10.22 -2.55 49.06
C VAL C 603 -10.93 -1.21 48.84
N ALA C 604 -11.83 -1.14 47.84
CA ALA C 604 -12.58 0.08 47.52
C ALA C 604 -13.44 0.57 48.69
N SER C 605 -14.01 -0.38 49.48
CA SER C 605 -14.88 -0.12 50.65
C SER C 605 -14.12 0.45 51.84
N MET C 606 -12.88 0.00 52.05
CA MET C 606 -12.03 0.49 53.14
C MET C 606 -11.47 1.83 52.67
N ALA C 607 -11.64 2.89 53.48
CA ALA C 607 -11.21 4.24 53.15
C ALA C 607 -9.69 4.33 53.09
N ARG C 608 -9.18 5.29 52.30
CA ARG C 608 -7.77 5.59 52.02
C ARG C 608 -6.74 5.38 53.17
N GLN C 609 -7.20 5.41 54.45
CA GLN C 609 -6.43 5.14 55.69
C GLN C 609 -7.38 4.73 56.86
N ALA C 610 -8.45 3.98 56.57
CA ALA C 610 -9.46 3.54 57.55
C ALA C 610 -8.98 2.67 58.72
N GLY C 611 -7.92 1.89 58.50
CA GLY C 611 -7.38 0.97 59.48
C GLY C 611 -7.95 -0.42 59.34
N LEU C 612 -7.48 -1.35 60.18
CA LEU C 612 -7.92 -2.75 60.13
C LEU C 612 -9.18 -3.06 60.96
N ALA C 613 -9.92 -2.00 61.34
CA ALA C 613 -11.13 -1.98 62.16
C ALA C 613 -12.11 -3.14 61.98
N GLU C 614 -12.67 -3.29 60.77
CA GLU C 614 -13.68 -4.32 60.50
C GLU C 614 -13.12 -5.70 60.11
N LEU C 615 -11.78 -5.85 60.07
CA LEU C 615 -11.15 -7.12 59.69
C LEU C 615 -10.94 -8.08 60.83
N THR C 616 -11.23 -9.35 60.54
CA THR C 616 -11.11 -10.44 61.50
C THR C 616 -9.68 -10.97 61.49
N PRO C 617 -9.27 -11.74 62.53
CA PRO C 617 -7.92 -12.33 62.52
C PRO C 617 -7.71 -13.23 61.31
N ILE C 618 -8.77 -13.98 60.90
CA ILE C 618 -8.76 -14.87 59.73
C ILE C 618 -8.42 -14.03 58.48
N ASP C 619 -9.12 -12.88 58.29
CA ASP C 619 -8.89 -11.96 57.16
C ASP C 619 -7.41 -11.58 57.09
N LEU C 620 -6.82 -11.24 58.25
CA LEU C 620 -5.42 -10.82 58.33
C LEU C 620 -4.42 -11.93 58.01
N GLU C 621 -4.63 -13.14 58.59
CA GLU C 621 -3.77 -14.32 58.37
C GLU C 621 -3.79 -14.74 56.89
N VAL C 622 -4.98 -14.65 56.26
CA VAL C 622 -5.24 -15.00 54.87
C VAL C 622 -4.63 -13.97 53.93
N LEU C 623 -4.71 -12.68 54.26
CA LEU C 623 -4.10 -11.64 53.42
C LEU C 623 -2.56 -11.75 53.43
N ALA C 624 -1.99 -12.21 54.55
CA ALA C 624 -0.56 -12.41 54.69
C ALA C 624 -0.15 -13.72 54.02
N ASP C 625 -1.02 -14.76 54.09
CA ASP C 625 -0.77 -16.09 53.52
C ASP C 625 -2.05 -16.74 52.94
N PRO C 626 -2.40 -16.49 51.65
CA PRO C 626 -3.63 -17.09 51.10
C PRO C 626 -3.63 -18.61 50.96
N ASN C 627 -2.47 -19.25 51.18
CA ASN C 627 -2.35 -20.70 51.16
C ASN C 627 -3.17 -21.32 52.30
N LYS C 628 -3.42 -20.52 53.36
CA LYS C 628 -4.26 -20.90 54.51
C LYS C 628 -5.73 -21.08 54.09
N LEU C 629 -6.11 -20.47 52.96
CA LEU C 629 -7.44 -20.55 52.35
C LEU C 629 -7.59 -21.87 51.54
N GLN C 630 -6.47 -22.61 51.36
CA GLN C 630 -6.42 -23.88 50.63
C GLN C 630 -6.29 -25.12 51.55
N TYR C 631 -6.06 -24.91 52.85
CA TYR C 631 -5.89 -26.02 53.78
C TYR C 631 -6.49 -25.80 55.16
N LYS C 632 -6.58 -24.54 55.64
CA LYS C 632 -7.08 -24.26 56.99
C LYS C 632 -8.53 -23.74 56.98
N TRP C 633 -8.80 -22.69 56.16
CA TRP C 633 -10.10 -22.05 56.07
C TRP C 633 -10.72 -22.11 54.67
N THR C 634 -12.00 -21.71 54.59
CA THR C 634 -12.82 -21.68 53.38
C THR C 634 -13.32 -20.24 53.12
N GLU C 635 -13.90 -20.01 51.92
CA GLU C 635 -14.47 -18.74 51.46
C GLU C 635 -15.40 -18.07 52.51
N ALA C 636 -16.32 -18.85 53.12
CA ALA C 636 -17.29 -18.37 54.11
C ALA C 636 -16.66 -17.80 55.40
N ASP C 637 -15.41 -18.19 55.69
CA ASP C 637 -14.67 -17.74 56.88
C ASP C 637 -14.03 -16.35 56.69
N VAL C 638 -13.99 -15.87 55.45
CA VAL C 638 -13.39 -14.60 55.06
C VAL C 638 -14.46 -13.56 54.74
N SER C 639 -14.24 -12.30 55.22
CA SER C 639 -15.12 -11.17 54.95
C SER C 639 -15.24 -11.00 53.44
N ALA C 640 -16.46 -10.67 52.98
CA ALA C 640 -16.80 -10.53 51.56
C ALA C 640 -15.90 -9.58 50.80
N ASN C 641 -15.58 -8.41 51.40
CA ASN C 641 -14.72 -7.41 50.77
C ASN C 641 -13.25 -7.84 50.66
N ILE C 642 -12.82 -8.79 51.50
CA ILE C 642 -11.46 -9.33 51.52
C ILE C 642 -11.35 -10.48 50.50
N HIS C 643 -12.41 -11.32 50.42
CA HIS C 643 -12.48 -12.43 49.47
C HIS C 643 -12.30 -11.91 48.04
N GLU C 644 -12.92 -10.75 47.72
CA GLU C 644 -12.85 -10.05 46.44
C GLU C 644 -11.43 -9.63 46.06
N VAL C 645 -10.55 -9.38 47.07
CA VAL C 645 -9.15 -8.99 46.84
C VAL C 645 -8.38 -10.18 46.25
N LEU C 646 -8.66 -11.39 46.76
CA LEU C 646 -7.96 -12.62 46.39
C LEU C 646 -8.60 -13.47 45.31
N MET C 647 -9.92 -13.34 45.11
CA MET C 647 -10.67 -14.14 44.15
C MET C 647 -11.52 -13.29 43.22
N HIS C 648 -11.85 -13.87 42.07
CA HIS C 648 -12.78 -13.31 41.09
C HIS C 648 -13.67 -14.45 40.61
N GLY C 649 -14.90 -14.14 40.28
CA GLY C 649 -15.83 -15.17 39.89
C GLY C 649 -16.51 -15.04 38.56
N VAL C 650 -16.97 -16.19 38.05
CA VAL C 650 -17.77 -16.36 36.85
C VAL C 650 -19.18 -16.14 37.39
N SER C 651 -20.06 -15.42 36.66
CA SER C 651 -21.44 -15.14 37.11
C SER C 651 -22.23 -16.38 37.54
N VAL C 652 -23.06 -16.24 38.58
CA VAL C 652 -23.92 -17.32 39.08
C VAL C 652 -24.95 -17.72 38.02
N GLU C 653 -25.24 -16.83 37.04
CA GLU C 653 -26.18 -17.10 35.94
C GLU C 653 -25.65 -18.22 35.04
N LYS C 654 -24.35 -18.18 34.70
CA LYS C 654 -23.67 -19.17 33.87
C LYS C 654 -23.52 -20.49 34.61
N THR C 655 -23.19 -20.44 35.92
CA THR C 655 -23.02 -21.63 36.76
C THR C 655 -24.36 -22.29 37.11
N GLU C 656 -25.41 -21.48 37.31
CA GLU C 656 -26.78 -21.90 37.62
C GLU C 656 -27.31 -22.80 36.50
N ARG C 657 -27.13 -22.34 35.24
CA ARG C 657 -27.53 -23.05 34.01
C ARG C 657 -26.73 -24.35 33.88
N PHE C 658 -25.40 -24.30 34.18
CA PHE C 658 -24.51 -25.46 34.13
C PHE C 658 -24.94 -26.50 35.14
N LEU C 659 -25.15 -26.10 36.40
CA LEU C 659 -25.54 -26.98 37.51
C LEU C 659 -26.87 -27.70 37.28
N ARG C 660 -27.84 -27.01 36.66
CA ARG C 660 -29.14 -27.55 36.31
C ARG C 660 -28.98 -28.77 35.38
N SER C 661 -28.02 -28.69 34.43
CA SER C 661 -27.72 -29.75 33.46
C SER C 661 -26.95 -30.94 34.03
N VAL C 662 -26.28 -30.77 35.19
CA VAL C 662 -25.47 -31.82 35.84
C VAL C 662 -26.31 -32.66 36.81
N MET C 663 -26.97 -31.94 37.70
CA MET C 663 -27.72 -32.45 38.82
C MET C 663 -28.96 -33.24 38.51
N PRO C 664 -29.33 -34.18 39.40
CA PRO C 664 -30.54 -34.97 39.17
C PRO C 664 -31.84 -34.22 39.45
N ARG C 665 -32.88 -34.62 38.70
CA ARG C 665 -34.29 -34.26 38.81
C ARG C 665 -34.61 -32.85 39.32
#